data_5QRF
# 
_entry.id   5QRF 
# 
_audit_conform.dict_name       mmcif_pdbx.dic 
_audit_conform.dict_version    5.387 
_audit_conform.dict_location   http://mmcif.pdb.org/dictionaries/ascii/mmcif_pdbx.dic 
# 
loop_
_database_2.database_id 
_database_2.database_code 
_database_2.pdbx_database_accession 
_database_2.pdbx_DOI 
PDB   5QRF         pdb_00005qrf 10.2210/pdb5qrf/pdb 
WWPDB D_1001402312 ?            ?                   
# 
loop_
_pdbx_audit_revision_history.ordinal 
_pdbx_audit_revision_history.data_content_type 
_pdbx_audit_revision_history.major_revision 
_pdbx_audit_revision_history.minor_revision 
_pdbx_audit_revision_history.revision_date 
1 'Structure model' 1 0 2019-07-10 
2 'Structure model' 1 1 2019-08-07 
3 'Structure model' 1 2 2024-03-06 
# 
_pdbx_audit_revision_details.ordinal             1 
_pdbx_audit_revision_details.revision_ordinal    1 
_pdbx_audit_revision_details.data_content_type   'Structure model' 
_pdbx_audit_revision_details.provider            repository 
_pdbx_audit_revision_details.type                'Initial release' 
_pdbx_audit_revision_details.description         ? 
_pdbx_audit_revision_details.details             ? 
# 
loop_
_pdbx_audit_revision_group.ordinal 
_pdbx_audit_revision_group.revision_ordinal 
_pdbx_audit_revision_group.data_content_type 
_pdbx_audit_revision_group.group 
1 2 'Structure model' 'Author supporting evidence' 
2 2 'Structure model' 'Data collection'            
3 2 'Structure model' 'Structure summary'          
4 3 'Structure model' 'Data collection'            
5 3 'Structure model' 'Database references'        
6 3 'Structure model' 'Derived calculations'       
# 
loop_
_pdbx_audit_revision_category.ordinal 
_pdbx_audit_revision_category.revision_ordinal 
_pdbx_audit_revision_category.data_content_type 
_pdbx_audit_revision_category.category 
1 2 'Structure model' pdbx_entity_instance_feature 
2 2 'Structure model' pdbx_entry_details           
3 3 'Structure model' chem_comp_atom               
4 3 'Structure model' chem_comp_bond               
5 3 'Structure model' database_2                   
6 3 'Structure model' pdbx_struct_conn_angle       
7 3 'Structure model' struct_conn                  
# 
loop_
_pdbx_audit_revision_item.ordinal 
_pdbx_audit_revision_item.revision_ordinal 
_pdbx_audit_revision_item.data_content_type 
_pdbx_audit_revision_item.item 
1  3 'Structure model' '_database_2.pdbx_DOI'                        
2  3 'Structure model' '_database_2.pdbx_database_accession'         
3  3 'Structure model' '_pdbx_struct_conn_angle.ptnr1_auth_comp_id'  
4  3 'Structure model' '_pdbx_struct_conn_angle.ptnr1_auth_seq_id'   
5  3 'Structure model' '_pdbx_struct_conn_angle.ptnr1_label_alt_id'  
6  3 'Structure model' '_pdbx_struct_conn_angle.ptnr1_label_asym_id' 
7  3 'Structure model' '_pdbx_struct_conn_angle.ptnr1_label_atom_id' 
8  3 'Structure model' '_pdbx_struct_conn_angle.ptnr1_label_comp_id' 
9  3 'Structure model' '_pdbx_struct_conn_angle.ptnr1_label_seq_id'  
10 3 'Structure model' '_pdbx_struct_conn_angle.ptnr1_symmetry'      
11 3 'Structure model' '_pdbx_struct_conn_angle.ptnr2_auth_seq_id'   
12 3 'Structure model' '_pdbx_struct_conn_angle.ptnr2_label_asym_id' 
13 3 'Structure model' '_pdbx_struct_conn_angle.ptnr3_auth_comp_id'  
14 3 'Structure model' '_pdbx_struct_conn_angle.ptnr3_auth_seq_id'   
15 3 'Structure model' '_pdbx_struct_conn_angle.ptnr3_label_alt_id'  
16 3 'Structure model' '_pdbx_struct_conn_angle.ptnr3_label_asym_id' 
17 3 'Structure model' '_pdbx_struct_conn_angle.ptnr3_label_atom_id' 
18 3 'Structure model' '_pdbx_struct_conn_angle.ptnr3_label_comp_id' 
19 3 'Structure model' '_pdbx_struct_conn_angle.ptnr3_label_seq_id'  
20 3 'Structure model' '_pdbx_struct_conn_angle.ptnr3_symmetry'      
21 3 'Structure model' '_pdbx_struct_conn_angle.value'               
22 3 'Structure model' '_struct_conn.pdbx_dist_value'                
23 3 'Structure model' '_struct_conn.pdbx_ptnr1_label_alt_id'        
24 3 'Structure model' '_struct_conn.ptnr1_auth_comp_id'             
25 3 'Structure model' '_struct_conn.ptnr1_auth_seq_id'              
26 3 'Structure model' '_struct_conn.ptnr1_label_asym_id'            
27 3 'Structure model' '_struct_conn.ptnr1_label_atom_id'            
28 3 'Structure model' '_struct_conn.ptnr1_label_comp_id'            
29 3 'Structure model' '_struct_conn.ptnr1_label_seq_id'             
30 3 'Structure model' '_struct_conn.ptnr2_auth_comp_id'             
31 3 'Structure model' '_struct_conn.ptnr2_auth_seq_id'              
32 3 'Structure model' '_struct_conn.ptnr2_label_asym_id'            
33 3 'Structure model' '_struct_conn.ptnr2_label_atom_id'            
34 3 'Structure model' '_struct_conn.ptnr2_label_comp_id'            
35 3 'Structure model' '_struct_conn.ptnr2_symmetry'                 
# 
_pdbx_database_status.entry_id                        5QRF 
_pdbx_database_status.status_code                     REL 
_pdbx_database_status.status_code_sf                  REL 
_pdbx_database_status.status_code_mr                  ? 
_pdbx_database_status.status_code_cs                  ? 
_pdbx_database_status.recvd_initial_deposition_date   2019-05-25 
_pdbx_database_status.deposit_site                    RCSB 
_pdbx_database_status.process_site                    RCSB 
_pdbx_database_status.SG_entry                        ? 
_pdbx_database_status.pdb_format_compatible           Y 
_pdbx_database_status.methods_development_category    ? 
_pdbx_database_status.status_code_nmr_data            ? 
# 
loop_
_audit_author.name 
_audit_author.pdbx_ordinal 
'Newman, J.A.'        1  
'Gavard, A.E.'        2  
'Fernandez-Cid, A.'   3  
'Sherestha, L.'       4  
'Burgess-Brown, N.A.' 5  
'von Delft, F.'       6  
'Arrowsmith, C.H.'    7  
'Edwards, A.'         8  
'Bountra, C.'         9  
'Gileadi, O.'         10 
# 
_citation.id                        primary 
_citation.title                     'PanDDA analysis group deposition' 
_citation.journal_abbrev            'To Be Published' 
_citation.journal_volume            ? 
_citation.page_first                ? 
_citation.page_last                 ? 
_citation.year                      ? 
_citation.journal_id_ASTM           ? 
_citation.country                   ? 
_citation.journal_id_ISSN           ? 
_citation.journal_id_CSD            0353 
_citation.book_publisher            ? 
_citation.pdbx_database_id_PubMed   ? 
_citation.pdbx_database_id_DOI      ? 
# 
loop_
_citation_author.citation_id 
_citation_author.name 
_citation_author.identifier_ORCID 
_citation_author.ordinal 
primary 'Newman, J.A.'        ? 1  
primary 'Gavard, A.E.'        ? 2  
primary 'Fernandez-Cid, A.'   ? 3  
primary 'Sherestha, L.'       ? 4  
primary 'Burgess-Brown, N.A.' ? 5  
primary 'von Delft, F.'       ? 6  
primary 'Arrowsmith, C.H.'    ? 7  
primary 'Edwards, A.'         ? 8  
primary 'Bountra, C.'         ? 9  
primary 'Gileadi, O.'         ? 10 
# 
loop_
_entity.id 
_entity.type 
_entity.src_method 
_entity.pdbx_description 
_entity.formula_weight 
_entity.pdbx_number_of_molecules 
_entity.pdbx_ec 
_entity.pdbx_mutation 
_entity.pdbx_fragment 
_entity.details 
1 polymer     man 'T-box transcription factor T'                      19597.586 1  ? ? ? ? 
2 non-polymer syn 'CADMIUM ION'                                       112.411   5  ? ? ? ? 
3 non-polymer syn 'N-(1-ethyl-1H-pyrazol-4-yl)cyclobutanecarboxamide' 193.246   1  ? ? ? ? 
4 water       nat water                                               18.015    75 ? ? ? ? 
# 
_entity_name_com.entity_id   1 
_entity_name_com.name        'Brachyury protein,Protein T' 
# 
_entity_poly.entity_id                      1 
_entity_poly.type                           'polypeptide(L)' 
_entity_poly.nstd_linkage                   no 
_entity_poly.nstd_monomer                   no 
_entity_poly.pdbx_seq_one_letter_code       
;GELRVGLEESELWLRFKELTNEMIVTKNGRRMFPVLKVNVSGLDPNAMYSFLLDFVAADNHRWKYVNGEWVPGGKPEPQA
PSCVYIHPDSPNFGAHWMKAPVSFSKVKLTNKLNGGGQIMLNSLHKYEPRIHIVRVGGPQRMITSHCFPETQFIAVTAYQ
NEEITALKIKYN
;
_entity_poly.pdbx_seq_one_letter_code_can   
;GELRVGLEESELWLRFKELTNEMIVTKNGRRMFPVLKVNVSGLDPNAMYSFLLDFVAADNHRWKYVNGEWVPGGKPEPQA
PSCVYIHPDSPNFGAHWMKAPVSFSKVKLTNKLNGGGQIMLNSLHKYEPRIHIVRVGGPQRMITSHCFPETQFIAVTAYQ
NEEITALKIKYN
;
_entity_poly.pdbx_strand_id                 A 
_entity_poly.pdbx_target_identifier         ? 
# 
loop_
_pdbx_entity_nonpoly.entity_id 
_pdbx_entity_nonpoly.name 
_pdbx_entity_nonpoly.comp_id 
2 'CADMIUM ION'                                       CD  
3 'N-(1-ethyl-1H-pyrazol-4-yl)cyclobutanecarboxamide' NUA 
4 water                                               HOH 
# 
loop_
_entity_poly_seq.entity_id 
_entity_poly_seq.num 
_entity_poly_seq.mon_id 
_entity_poly_seq.hetero 
1 1   GLY n 
1 2   GLU n 
1 3   LEU n 
1 4   ARG n 
1 5   VAL n 
1 6   GLY n 
1 7   LEU n 
1 8   GLU n 
1 9   GLU n 
1 10  SER n 
1 11  GLU n 
1 12  LEU n 
1 13  TRP n 
1 14  LEU n 
1 15  ARG n 
1 16  PHE n 
1 17  LYS n 
1 18  GLU n 
1 19  LEU n 
1 20  THR n 
1 21  ASN n 
1 22  GLU n 
1 23  MET n 
1 24  ILE n 
1 25  VAL n 
1 26  THR n 
1 27  LYS n 
1 28  ASN n 
1 29  GLY n 
1 30  ARG n 
1 31  ARG n 
1 32  MET n 
1 33  PHE n 
1 34  PRO n 
1 35  VAL n 
1 36  LEU n 
1 37  LYS n 
1 38  VAL n 
1 39  ASN n 
1 40  VAL n 
1 41  SER n 
1 42  GLY n 
1 43  LEU n 
1 44  ASP n 
1 45  PRO n 
1 46  ASN n 
1 47  ALA n 
1 48  MET n 
1 49  TYR n 
1 50  SER n 
1 51  PHE n 
1 52  LEU n 
1 53  LEU n 
1 54  ASP n 
1 55  PHE n 
1 56  VAL n 
1 57  ALA n 
1 58  ALA n 
1 59  ASP n 
1 60  ASN n 
1 61  HIS n 
1 62  ARG n 
1 63  TRP n 
1 64  LYS n 
1 65  TYR n 
1 66  VAL n 
1 67  ASN n 
1 68  GLY n 
1 69  GLU n 
1 70  TRP n 
1 71  VAL n 
1 72  PRO n 
1 73  GLY n 
1 74  GLY n 
1 75  LYS n 
1 76  PRO n 
1 77  GLU n 
1 78  PRO n 
1 79  GLN n 
1 80  ALA n 
1 81  PRO n 
1 82  SER n 
1 83  CYS n 
1 84  VAL n 
1 85  TYR n 
1 86  ILE n 
1 87  HIS n 
1 88  PRO n 
1 89  ASP n 
1 90  SER n 
1 91  PRO n 
1 92  ASN n 
1 93  PHE n 
1 94  GLY n 
1 95  ALA n 
1 96  HIS n 
1 97  TRP n 
1 98  MET n 
1 99  LYS n 
1 100 ALA n 
1 101 PRO n 
1 102 VAL n 
1 103 SER n 
1 104 PHE n 
1 105 SER n 
1 106 LYS n 
1 107 VAL n 
1 108 LYS n 
1 109 LEU n 
1 110 THR n 
1 111 ASN n 
1 112 LYS n 
1 113 LEU n 
1 114 ASN n 
1 115 GLY n 
1 116 GLY n 
1 117 GLY n 
1 118 GLN n 
1 119 ILE n 
1 120 MET n 
1 121 LEU n 
1 122 ASN n 
1 123 SER n 
1 124 LEU n 
1 125 HIS n 
1 126 LYS n 
1 127 TYR n 
1 128 GLU n 
1 129 PRO n 
1 130 ARG n 
1 131 ILE n 
1 132 HIS n 
1 133 ILE n 
1 134 VAL n 
1 135 ARG n 
1 136 VAL n 
1 137 GLY n 
1 138 GLY n 
1 139 PRO n 
1 140 GLN n 
1 141 ARG n 
1 142 MET n 
1 143 ILE n 
1 144 THR n 
1 145 SER n 
1 146 HIS n 
1 147 CYS n 
1 148 PHE n 
1 149 PRO n 
1 150 GLU n 
1 151 THR n 
1 152 GLN n 
1 153 PHE n 
1 154 ILE n 
1 155 ALA n 
1 156 VAL n 
1 157 THR n 
1 158 ALA n 
1 159 TYR n 
1 160 GLN n 
1 161 ASN n 
1 162 GLU n 
1 163 GLU n 
1 164 ILE n 
1 165 THR n 
1 166 ALA n 
1 167 LEU n 
1 168 LYS n 
1 169 ILE n 
1 170 LYS n 
1 171 TYR n 
1 172 ASN n 
# 
_entity_src_gen.entity_id                          1 
_entity_src_gen.pdbx_src_id                        1 
_entity_src_gen.pdbx_alt_source_flag               sample 
_entity_src_gen.pdbx_seq_type                      'Biological sequence' 
_entity_src_gen.pdbx_beg_seq_num                   1 
_entity_src_gen.pdbx_end_seq_num                   172 
_entity_src_gen.gene_src_common_name               Human 
_entity_src_gen.gene_src_genus                     ? 
_entity_src_gen.pdbx_gene_src_gene                 'TBXT, T' 
_entity_src_gen.gene_src_species                   ? 
_entity_src_gen.gene_src_strain                    ? 
_entity_src_gen.gene_src_tissue                    ? 
_entity_src_gen.gene_src_tissue_fraction           ? 
_entity_src_gen.gene_src_details                   ? 
_entity_src_gen.pdbx_gene_src_fragment             ? 
_entity_src_gen.pdbx_gene_src_scientific_name      'Homo sapiens' 
_entity_src_gen.pdbx_gene_src_ncbi_taxonomy_id     9606 
_entity_src_gen.pdbx_gene_src_variant              ? 
_entity_src_gen.pdbx_gene_src_cell_line            ? 
_entity_src_gen.pdbx_gene_src_atcc                 ? 
_entity_src_gen.pdbx_gene_src_organ                ? 
_entity_src_gen.pdbx_gene_src_organelle            ? 
_entity_src_gen.pdbx_gene_src_cell                 ? 
_entity_src_gen.pdbx_gene_src_cellular_location    ? 
_entity_src_gen.host_org_common_name               ? 
_entity_src_gen.pdbx_host_org_scientific_name      'Escherichia coli' 
_entity_src_gen.pdbx_host_org_ncbi_taxonomy_id     562 
_entity_src_gen.host_org_genus                     ? 
_entity_src_gen.pdbx_host_org_gene                 ? 
_entity_src_gen.pdbx_host_org_organ                ? 
_entity_src_gen.host_org_species                   ? 
_entity_src_gen.pdbx_host_org_tissue               ? 
_entity_src_gen.pdbx_host_org_tissue_fraction      ? 
_entity_src_gen.pdbx_host_org_strain               ? 
_entity_src_gen.pdbx_host_org_variant              ? 
_entity_src_gen.pdbx_host_org_cell_line            ? 
_entity_src_gen.pdbx_host_org_atcc                 ? 
_entity_src_gen.pdbx_host_org_culture_collection   ? 
_entity_src_gen.pdbx_host_org_cell                 ? 
_entity_src_gen.pdbx_host_org_organelle            ? 
_entity_src_gen.pdbx_host_org_cellular_location    ? 
_entity_src_gen.pdbx_host_org_vector_type          ? 
_entity_src_gen.pdbx_host_org_vector               ? 
_entity_src_gen.host_org_details                   ? 
_entity_src_gen.expression_system_id               ? 
_entity_src_gen.plasmid_name                       ? 
_entity_src_gen.plasmid_details                    ? 
_entity_src_gen.pdbx_description                   ? 
# 
loop_
_chem_comp.id 
_chem_comp.type 
_chem_comp.mon_nstd_flag 
_chem_comp.name 
_chem_comp.pdbx_synonyms 
_chem_comp.formula 
_chem_comp.formula_weight 
ALA 'L-peptide linking' y ALANINE                                             ? 'C3 H7 N O2'     89.093  
ARG 'L-peptide linking' y ARGININE                                            ? 'C6 H15 N4 O2 1' 175.209 
ASN 'L-peptide linking' y ASPARAGINE                                          ? 'C4 H8 N2 O3'    132.118 
ASP 'L-peptide linking' y 'ASPARTIC ACID'                                     ? 'C4 H7 N O4'     133.103 
CD  non-polymer         . 'CADMIUM ION'                                       ? 'Cd 2'           112.411 
CYS 'L-peptide linking' y CYSTEINE                                            ? 'C3 H7 N O2 S'   121.158 
GLN 'L-peptide linking' y GLUTAMINE                                           ? 'C5 H10 N2 O3'   146.144 
GLU 'L-peptide linking' y 'GLUTAMIC ACID'                                     ? 'C5 H9 N O4'     147.129 
GLY 'peptide linking'   y GLYCINE                                             ? 'C2 H5 N O2'     75.067  
HIS 'L-peptide linking' y HISTIDINE                                           ? 'C6 H10 N3 O2 1' 156.162 
HOH non-polymer         . WATER                                               ? 'H2 O'           18.015  
ILE 'L-peptide linking' y ISOLEUCINE                                          ? 'C6 H13 N O2'    131.173 
LEU 'L-peptide linking' y LEUCINE                                             ? 'C6 H13 N O2'    131.173 
LYS 'L-peptide linking' y LYSINE                                              ? 'C6 H15 N2 O2 1' 147.195 
MET 'L-peptide linking' y METHIONINE                                          ? 'C5 H11 N O2 S'  149.211 
NUA non-polymer         . 'N-(1-ethyl-1H-pyrazol-4-yl)cyclobutanecarboxamide' ? 'C10 H15 N3 O'   193.246 
PHE 'L-peptide linking' y PHENYLALANINE                                       ? 'C9 H11 N O2'    165.189 
PRO 'L-peptide linking' y PROLINE                                             ? 'C5 H9 N O2'     115.130 
SER 'L-peptide linking' y SERINE                                              ? 'C3 H7 N O3'     105.093 
THR 'L-peptide linking' y THREONINE                                           ? 'C4 H9 N O3'     119.119 
TRP 'L-peptide linking' y TRYPTOPHAN                                          ? 'C11 H12 N2 O2'  204.225 
TYR 'L-peptide linking' y TYROSINE                                            ? 'C9 H11 N O3'    181.189 
VAL 'L-peptide linking' y VALINE                                              ? 'C5 H11 N O2'    117.146 
# 
loop_
_pdbx_poly_seq_scheme.asym_id 
_pdbx_poly_seq_scheme.entity_id 
_pdbx_poly_seq_scheme.seq_id 
_pdbx_poly_seq_scheme.mon_id 
_pdbx_poly_seq_scheme.ndb_seq_num 
_pdbx_poly_seq_scheme.pdb_seq_num 
_pdbx_poly_seq_scheme.auth_seq_num 
_pdbx_poly_seq_scheme.pdb_mon_id 
_pdbx_poly_seq_scheme.auth_mon_id 
_pdbx_poly_seq_scheme.pdb_strand_id 
_pdbx_poly_seq_scheme.pdb_ins_code 
_pdbx_poly_seq_scheme.hetero 
A 1 1   GLY 1   40  ?   ?   ?   A . n 
A 1 2   GLU 2   41  41  GLU GLU A . n 
A 1 3   LEU 3   42  42  LEU LEU A . n 
A 1 4   ARG 4   43  43  ARG ARG A . n 
A 1 5   VAL 5   44  44  VAL VAL A . n 
A 1 6   GLY 6   45  45  GLY GLY A . n 
A 1 7   LEU 7   46  46  LEU LEU A . n 
A 1 8   GLU 8   47  47  GLU GLU A . n 
A 1 9   GLU 9   48  48  GLU GLU A . n 
A 1 10  SER 10  49  49  SER SER A . n 
A 1 11  GLU 11  50  50  GLU GLU A . n 
A 1 12  LEU 12  51  51  LEU LEU A . n 
A 1 13  TRP 13  52  52  TRP TRP A . n 
A 1 14  LEU 14  53  53  LEU LEU A . n 
A 1 15  ARG 15  54  54  ARG ARG A . n 
A 1 16  PHE 16  55  55  PHE PHE A . n 
A 1 17  LYS 17  56  56  LYS LYS A . n 
A 1 18  GLU 18  57  57  GLU GLU A . n 
A 1 19  LEU 19  58  58  LEU LEU A . n 
A 1 20  THR 20  59  59  THR THR A . n 
A 1 21  ASN 21  60  60  ASN ASN A . n 
A 1 22  GLU 22  61  61  GLU GLU A . n 
A 1 23  MET 23  62  62  MET MET A . n 
A 1 24  ILE 24  63  63  ILE ILE A . n 
A 1 25  VAL 25  64  64  VAL VAL A . n 
A 1 26  THR 26  65  65  THR THR A . n 
A 1 27  LYS 27  66  66  LYS LYS A . n 
A 1 28  ASN 28  67  67  ASN ASN A . n 
A 1 29  GLY 29  68  68  GLY GLY A . n 
A 1 30  ARG 30  69  69  ARG ARG A . n 
A 1 31  ARG 31  70  70  ARG ARG A . n 
A 1 32  MET 32  71  71  MET MET A . n 
A 1 33  PHE 33  72  72  PHE PHE A . n 
A 1 34  PRO 34  73  73  PRO PRO A . n 
A 1 35  VAL 35  74  74  VAL VAL A . n 
A 1 36  LEU 36  75  75  LEU LEU A . n 
A 1 37  LYS 37  76  76  LYS LYS A . n 
A 1 38  VAL 38  77  77  VAL VAL A . n 
A 1 39  ASN 39  78  78  ASN ASN A . n 
A 1 40  VAL 40  79  79  VAL VAL A . n 
A 1 41  SER 41  80  80  SER SER A . n 
A 1 42  GLY 42  81  81  GLY GLY A . n 
A 1 43  LEU 43  82  82  LEU LEU A . n 
A 1 44  ASP 44  83  83  ASP ASP A . n 
A 1 45  PRO 45  84  84  PRO PRO A . n 
A 1 46  ASN 46  85  85  ASN ASN A . n 
A 1 47  ALA 47  86  86  ALA ALA A . n 
A 1 48  MET 48  87  87  MET MET A . n 
A 1 49  TYR 49  88  88  TYR TYR A . n 
A 1 50  SER 50  89  89  SER SER A . n 
A 1 51  PHE 51  90  90  PHE PHE A . n 
A 1 52  LEU 52  91  91  LEU LEU A . n 
A 1 53  LEU 53  92  92  LEU LEU A . n 
A 1 54  ASP 54  93  93  ASP ASP A . n 
A 1 55  PHE 55  94  94  PHE PHE A . n 
A 1 56  VAL 56  95  95  VAL VAL A . n 
A 1 57  ALA 57  96  96  ALA ALA A . n 
A 1 58  ALA 58  97  97  ALA ALA A . n 
A 1 59  ASP 59  98  98  ASP ASP A . n 
A 1 60  ASN 60  99  99  ASN ASN A . n 
A 1 61  HIS 61  100 100 HIS HIS A . n 
A 1 62  ARG 62  101 101 ARG ARG A . n 
A 1 63  TRP 63  102 102 TRP TRP A . n 
A 1 64  LYS 64  103 103 LYS LYS A . n 
A 1 65  TYR 65  104 104 TYR TYR A . n 
A 1 66  VAL 66  105 105 VAL VAL A . n 
A 1 67  ASN 67  106 106 ASN ASN A . n 
A 1 68  GLY 68  107 107 GLY GLY A . n 
A 1 69  GLU 69  108 108 GLU GLU A . n 
A 1 70  TRP 70  109 109 TRP TRP A . n 
A 1 71  VAL 71  110 110 VAL VAL A . n 
A 1 72  PRO 72  111 111 PRO PRO A . n 
A 1 73  GLY 73  112 112 GLY GLY A . n 
A 1 74  GLY 74  113 113 GLY GLY A . n 
A 1 75  LYS 75  114 114 LYS LYS A . n 
A 1 76  PRO 76  115 115 PRO PRO A . n 
A 1 77  GLU 77  116 116 GLU GLU A . n 
A 1 78  PRO 78  117 117 PRO PRO A . n 
A 1 79  GLN 79  118 118 GLN GLN A . n 
A 1 80  ALA 80  119 119 ALA ALA A . n 
A 1 81  PRO 81  120 120 PRO PRO A . n 
A 1 82  SER 82  121 121 SER SER A . n 
A 1 83  CYS 83  122 122 CYS CYS A . n 
A 1 84  VAL 84  123 123 VAL VAL A . n 
A 1 85  TYR 85  124 124 TYR TYR A . n 
A 1 86  ILE 86  125 125 ILE ILE A . n 
A 1 87  HIS 87  126 126 HIS HIS A . n 
A 1 88  PRO 88  127 127 PRO PRO A . n 
A 1 89  ASP 89  128 128 ASP ASP A . n 
A 1 90  SER 90  129 129 SER SER A . n 
A 1 91  PRO 91  130 130 PRO PRO A . n 
A 1 92  ASN 92  131 131 ASN ASN A . n 
A 1 93  PHE 93  132 132 PHE PHE A . n 
A 1 94  GLY 94  133 133 GLY GLY A . n 
A 1 95  ALA 95  134 134 ALA ALA A . n 
A 1 96  HIS 96  135 135 HIS HIS A . n 
A 1 97  TRP 97  136 136 TRP TRP A . n 
A 1 98  MET 98  137 137 MET MET A . n 
A 1 99  LYS 99  138 138 LYS LYS A . n 
A 1 100 ALA 100 139 139 ALA ALA A . n 
A 1 101 PRO 101 140 140 PRO PRO A . n 
A 1 102 VAL 102 141 141 VAL VAL A . n 
A 1 103 SER 103 142 142 SER SER A . n 
A 1 104 PHE 104 143 143 PHE PHE A . n 
A 1 105 SER 105 144 144 SER SER A . n 
A 1 106 LYS 106 145 145 LYS LYS A . n 
A 1 107 VAL 107 146 146 VAL VAL A . n 
A 1 108 LYS 108 147 147 LYS LYS A . n 
A 1 109 LEU 109 148 148 LEU LEU A . n 
A 1 110 THR 110 149 149 THR THR A . n 
A 1 111 ASN 111 150 150 ASN ASN A . n 
A 1 112 LYS 112 151 151 LYS LYS A . n 
A 1 113 LEU 113 152 152 LEU LEU A . n 
A 1 114 ASN 114 153 153 ASN ASN A . n 
A 1 115 GLY 115 154 154 GLY GLY A . n 
A 1 116 GLY 116 155 155 GLY GLY A . n 
A 1 117 GLY 117 156 156 GLY GLY A . n 
A 1 118 GLN 118 157 157 GLN GLN A . n 
A 1 119 ILE 119 158 158 ILE ILE A . n 
A 1 120 MET 120 159 159 MET MET A . n 
A 1 121 LEU 121 160 160 LEU LEU A . n 
A 1 122 ASN 122 161 161 ASN ASN A . n 
A 1 123 SER 123 162 162 SER SER A . n 
A 1 124 LEU 124 163 163 LEU LEU A . n 
A 1 125 HIS 125 164 164 HIS HIS A . n 
A 1 126 LYS 126 165 165 LYS LYS A . n 
A 1 127 TYR 127 166 166 TYR TYR A . n 
A 1 128 GLU 128 167 167 GLU GLU A . n 
A 1 129 PRO 129 168 168 PRO PRO A . n 
A 1 130 ARG 130 169 169 ARG ARG A . n 
A 1 131 ILE 131 170 170 ILE ILE A . n 
A 1 132 HIS 132 171 171 HIS HIS A . n 
A 1 133 ILE 133 172 172 ILE ILE A . n 
A 1 134 VAL 134 173 173 VAL VAL A . n 
A 1 135 ARG 135 174 174 ARG ARG A . n 
A 1 136 VAL 136 175 175 VAL VAL A . n 
A 1 137 GLY 137 176 176 GLY GLY A . n 
A 1 138 GLY 138 177 177 GLY GLY A . n 
A 1 139 PRO 139 178 178 PRO PRO A . n 
A 1 140 GLN 140 179 179 GLN GLN A . n 
A 1 141 ARG 141 180 180 ARG ARG A . n 
A 1 142 MET 142 181 181 MET MET A . n 
A 1 143 ILE 143 182 182 ILE ILE A . n 
A 1 144 THR 144 183 183 THR THR A . n 
A 1 145 SER 145 184 184 SER SER A . n 
A 1 146 HIS 146 185 185 HIS HIS A . n 
A 1 147 CYS 147 186 186 CYS CYS A . n 
A 1 148 PHE 148 187 187 PHE PHE A . n 
A 1 149 PRO 149 188 188 PRO PRO A . n 
A 1 150 GLU 150 189 189 GLU GLU A . n 
A 1 151 THR 151 190 190 THR THR A . n 
A 1 152 GLN 152 191 191 GLN GLN A . n 
A 1 153 PHE 153 192 192 PHE PHE A . n 
A 1 154 ILE 154 193 193 ILE ILE A . n 
A 1 155 ALA 155 194 194 ALA ALA A . n 
A 1 156 VAL 156 195 195 VAL VAL A . n 
A 1 157 THR 157 196 196 THR THR A . n 
A 1 158 ALA 158 197 197 ALA ALA A . n 
A 1 159 TYR 159 198 198 TYR TYR A . n 
A 1 160 GLN 160 199 199 GLN GLN A . n 
A 1 161 ASN 161 200 200 ASN ASN A . n 
A 1 162 GLU 162 201 201 GLU GLU A . n 
A 1 163 GLU 163 202 202 GLU GLU A . n 
A 1 164 ILE 164 203 203 ILE ILE A . n 
A 1 165 THR 165 204 204 THR THR A . n 
A 1 166 ALA 166 205 205 ALA ALA A . n 
A 1 167 LEU 167 206 206 LEU LEU A . n 
A 1 168 LYS 168 207 207 LYS LYS A . n 
A 1 169 ILE 169 208 208 ILE ILE A . n 
A 1 170 LYS 170 209 209 LYS LYS A . n 
A 1 171 TYR 171 210 210 TYR TYR A . n 
A 1 172 ASN 172 211 211 ASN ASN A . n 
# 
loop_
_pdbx_nonpoly_scheme.asym_id 
_pdbx_nonpoly_scheme.entity_id 
_pdbx_nonpoly_scheme.mon_id 
_pdbx_nonpoly_scheme.ndb_seq_num 
_pdbx_nonpoly_scheme.pdb_seq_num 
_pdbx_nonpoly_scheme.auth_seq_num 
_pdbx_nonpoly_scheme.pdb_mon_id 
_pdbx_nonpoly_scheme.auth_mon_id 
_pdbx_nonpoly_scheme.pdb_strand_id 
_pdbx_nonpoly_scheme.pdb_ins_code 
B 2 CD  1  301 1  CD  CD  A . 
C 2 CD  1  302 2  CD  CD  A . 
D 2 CD  1  303 3  CD  CD  A . 
E 2 CD  1  304 4  CD  CD  A . 
F 2 CD  1  305 5  CD  CD  A . 
G 3 NUA 1  306 1  NUA LIG A . 
H 4 HOH 1  401 68 HOH HOH A . 
H 4 HOH 2  402 55 HOH HOH A . 
H 4 HOH 3  403 79 HOH HOH A . 
H 4 HOH 4  404 53 HOH HOH A . 
H 4 HOH 5  405 48 HOH HOH A . 
H 4 HOH 6  406 44 HOH HOH A . 
H 4 HOH 7  407 54 HOH HOH A . 
H 4 HOH 8  408 24 HOH HOH A . 
H 4 HOH 9  409 42 HOH HOH A . 
H 4 HOH 10 410 58 HOH HOH A . 
H 4 HOH 11 411 45 HOH HOH A . 
H 4 HOH 12 412 16 HOH HOH A . 
H 4 HOH 13 413 41 HOH HOH A . 
H 4 HOH 14 414 21 HOH HOH A . 
H 4 HOH 15 415 50 HOH HOH A . 
H 4 HOH 16 416 60 HOH HOH A . 
H 4 HOH 17 417 71 HOH HOH A . 
H 4 HOH 18 418 52 HOH HOH A . 
H 4 HOH 19 419 61 HOH HOH A . 
H 4 HOH 20 420 14 HOH HOH A . 
H 4 HOH 21 421 31 HOH HOH A . 
H 4 HOH 22 422 70 HOH HOH A . 
H 4 HOH 23 423 17 HOH HOH A . 
H 4 HOH 24 424 75 HOH HOH A . 
H 4 HOH 25 425 10 HOH HOH A . 
H 4 HOH 26 426 67 HOH HOH A . 
H 4 HOH 27 427 49 HOH HOH A . 
H 4 HOH 28 428 52 HOH HOH A . 
H 4 HOH 29 429 4  HOH HOH A . 
H 4 HOH 30 430 56 HOH HOH A . 
H 4 HOH 31 431 8  HOH HOH A . 
H 4 HOH 32 432 33 HOH HOH A . 
H 4 HOH 33 433 69 HOH HOH A . 
H 4 HOH 34 434 51 HOH HOH A . 
H 4 HOH 35 435 45 HOH HOH A . 
H 4 HOH 36 436 1  HOH HOH A . 
H 4 HOH 37 437 6  HOH HOH A . 
H 4 HOH 38 438 63 HOH HOH A . 
H 4 HOH 39 439 47 HOH HOH A . 
H 4 HOH 40 440 8  HOH HOH A . 
H 4 HOH 41 441 73 HOH HOH A . 
H 4 HOH 42 442 23 HOH HOH A . 
H 4 HOH 43 443 18 HOH HOH A . 
H 4 HOH 44 444 32 HOH HOH A . 
H 4 HOH 45 445 30 HOH HOH A . 
H 4 HOH 46 446 64 HOH HOH A . 
H 4 HOH 47 447 28 HOH HOH A . 
H 4 HOH 48 448 12 HOH HOH A . 
H 4 HOH 49 449 2  HOH HOH A . 
H 4 HOH 50 450 57 HOH HOH A . 
H 4 HOH 51 451 14 HOH HOH A . 
H 4 HOH 52 452 46 HOH HOH A . 
H 4 HOH 53 453 66 HOH HOH A . 
H 4 HOH 54 454 77 HOH HOH A . 
H 4 HOH 55 455 4  HOH HOH A . 
H 4 HOH 56 456 65 HOH HOH A . 
H 4 HOH 57 457 1  HOH HOH A . 
H 4 HOH 58 458 11 HOH HOH A . 
H 4 HOH 59 459 15 HOH HOH A . 
H 4 HOH 60 460 76 HOH HOH A . 
H 4 HOH 61 461 6  HOH HOH A . 
H 4 HOH 62 462 5  HOH HOH A . 
H 4 HOH 63 463 3  HOH HOH A . 
H 4 HOH 64 464 7  HOH HOH A . 
H 4 HOH 65 465 3  HOH HOH A . 
H 4 HOH 66 466 72 HOH HOH A . 
H 4 HOH 67 467 13 HOH HOH A . 
H 4 HOH 68 468 10 HOH HOH A . 
H 4 HOH 69 469 62 HOH HOH A . 
H 4 HOH 70 470 59 HOH HOH A . 
H 4 HOH 71 471 43 HOH HOH A . 
H 4 HOH 72 472 78 HOH HOH A . 
H 4 HOH 73 473 16 HOH HOH A . 
H 4 HOH 74 474 17 HOH HOH A . 
H 4 HOH 75 475 18 HOH HOH A . 
# 
loop_
_pdbx_unobs_or_zero_occ_atoms.id 
_pdbx_unobs_or_zero_occ_atoms.PDB_model_num 
_pdbx_unobs_or_zero_occ_atoms.polymer_flag 
_pdbx_unobs_or_zero_occ_atoms.occupancy_flag 
_pdbx_unobs_or_zero_occ_atoms.auth_asym_id 
_pdbx_unobs_or_zero_occ_atoms.auth_comp_id 
_pdbx_unobs_or_zero_occ_atoms.auth_seq_id 
_pdbx_unobs_or_zero_occ_atoms.PDB_ins_code 
_pdbx_unobs_or_zero_occ_atoms.auth_atom_id 
_pdbx_unobs_or_zero_occ_atoms.label_alt_id 
_pdbx_unobs_or_zero_occ_atoms.label_asym_id 
_pdbx_unobs_or_zero_occ_atoms.label_comp_id 
_pdbx_unobs_or_zero_occ_atoms.label_seq_id 
_pdbx_unobs_or_zero_occ_atoms.label_atom_id 
1 1 Y 1 A ARG 43 ? CG  ? A ARG 4 CG  
2 1 Y 1 A ARG 43 ? CD  ? A ARG 4 CD  
3 1 Y 1 A ARG 43 ? NE  ? A ARG 4 NE  
4 1 Y 1 A ARG 43 ? CZ  ? A ARG 4 CZ  
5 1 Y 1 A ARG 43 ? NH1 ? A ARG 4 NH1 
6 1 Y 1 A ARG 43 ? NH2 ? A ARG 4 NH2 
# 
loop_
_software.pdbx_ordinal 
_software.name 
_software.version 
_software.date 
_software.type 
_software.contact_author 
_software.contact_author_email 
_software.classification 
_software.location 
_software.language 
_software.citation_id 
1 REFMAC      5.8.0238 ?               program 'Garib N. Murshudov' garib@ysbl.york.ac.uk    refinement        
http://www.ccp4.ac.uk/dist/html/refmac5.html        Fortran_77 ? 
2 Aimless     0.7.1    27/03/18        program 'Phil Evans'         ?                        'data scaling'    
http://www.mrc-lmb.cam.ac.uk/harry/pre/aimless.html ?          ? 
3 PDB_EXTRACT 3.23     'SEP. 23, 2016' package PDB                  deposit@deposit.rcsb.org 'data extraction' 
http://sw-tools.pdb.org/apps/PDB_EXTRACT/           C++        ? 
4 XDS         .        ?               program ?                    ?                        'data reduction'  ? ?          ? 
5 REFMAC      .        ?               program ?                    ?                        phasing           ? ?          ? 
# 
_cell.entry_id           5QRF 
_cell.length_a           60.060 
_cell.length_b           60.060 
_cell.length_c           110.250 
_cell.angle_alpha        90.000 
_cell.angle_beta         90.000 
_cell.angle_gamma        90.000 
_cell.Z_PDB              8 
_cell.pdbx_unique_axis   ? 
# 
_symmetry.entry_id                         5QRF 
_symmetry.Int_Tables_number                91 
_symmetry.space_group_name_H-M             'P 41 2 2' 
_symmetry.pdbx_full_space_group_name_H-M   ? 
_symmetry.cell_setting                     ? 
# 
_exptl.crystals_number   1 
_exptl.entry_id          5QRF 
_exptl.method            'X-RAY DIFFRACTION' 
# 
_exptl_crystal.id                    1 
_exptl_crystal.pdbx_mosaicity        0.000 
_exptl_crystal.pdbx_mosaicity_esd    ? 
_exptl_crystal.density_Matthews      2.54 
_exptl_crystal.density_diffrn        ? 
_exptl_crystal.density_meas          ? 
_exptl_crystal.density_meas_temp     ? 
_exptl_crystal.density_percent_sol   51.51 
_exptl_crystal.size_max              ? 
_exptl_crystal.size_mid              ? 
_exptl_crystal.size_min              ? 
_exptl_crystal.size_rad              ? 
_exptl_crystal.description           ? 
# 
_exptl_crystal_grow.crystal_id      1 
_exptl_crystal_grow.method          'VAPOR DIFFUSION, SITTING DROP' 
_exptl_crystal_grow.pH              4.5 
_exptl_crystal_grow.temp            298 
_exptl_crystal_grow.pdbx_details    '0.1 M CdCl, 0.1 M Acetate pH 4.5, 32% PEG 400' 
_exptl_crystal_grow.temp_details    ? 
_exptl_crystal_grow.pdbx_pH_range   ? 
# 
_diffrn.id                     1 
_diffrn.ambient_temp           100 
_diffrn.crystal_id             1 
_diffrn.ambient_temp_details   ? 
# 
_diffrn_detector.detector               PIXEL 
_diffrn_detector.type                   'DECTRIS PILATUS 6M' 
_diffrn_detector.pdbx_collection_date   2018-07-15 
_diffrn_detector.diffrn_id              1 
_diffrn_detector.details                ? 
# 
_diffrn_radiation.diffrn_id                        1 
_diffrn_radiation.wavelength_id                    1 
_diffrn_radiation.pdbx_diffrn_protocol             'SINGLE WAVELENGTH' 
_diffrn_radiation.pdbx_monochromatic_or_laue_m_l   M 
_diffrn_radiation.monochromator                    ? 
_diffrn_radiation.pdbx_scattering_type             x-ray 
# 
_diffrn_radiation_wavelength.id           1 
_diffrn_radiation_wavelength.wavelength   0.91587 
_diffrn_radiation_wavelength.wt           1.0 
# 
_diffrn_source.diffrn_id                   1 
_diffrn_source.source                      SYNCHROTRON 
_diffrn_source.type                        'DIAMOND BEAMLINE I04-1' 
_diffrn_source.pdbx_wavelength_list        0.91587 
_diffrn_source.pdbx_synchrotron_site       Diamond 
_diffrn_source.pdbx_synchrotron_beamline   I04-1 
_diffrn_source.pdbx_wavelength             ? 
# 
_reflns.entry_id                     5QRF 
_reflns.pdbx_diffrn_id               1 
_reflns.pdbx_ordinal                 1 
_reflns.observed_criterion_sigma_I   ? 
_reflns.observed_criterion_sigma_F   ? 
_reflns.d_resolution_low             40.610 
_reflns.d_resolution_high            2.030 
_reflns.number_obs                   13712 
_reflns.number_all                   ? 
_reflns.percent_possible_obs         100.000 
_reflns.pdbx_Rmerge_I_obs            0.126 
_reflns.pdbx_Rsym_value              ? 
_reflns.pdbx_netI_over_sigmaI        12.900 
_reflns.B_iso_Wilson_estimate        ? 
_reflns.pdbx_redundancy              12.500 
_reflns.pdbx_Rrim_I_all              0.132 
_reflns.pdbx_Rpim_I_all              0.037 
_reflns.pdbx_CC_half                 0.999 
_reflns.pdbx_netI_over_av_sigmaI     ? 
_reflns.pdbx_number_measured_all     171699 
_reflns.pdbx_scaling_rejects         0 
_reflns.pdbx_chi_squared             ? 
_reflns.Rmerge_F_all                 ? 
_reflns.Rmerge_F_obs                 ? 
_reflns.observed_criterion_F_max     ? 
_reflns.observed_criterion_F_min     ? 
_reflns.observed_criterion_I_max     ? 
_reflns.observed_criterion_I_min     ? 
_reflns.pdbx_d_res_high_opt          ? 
_reflns.pdbx_d_res_low_opt           ? 
_reflns.details                      ? 
# 
loop_
_reflns_shell.pdbx_diffrn_id 
_reflns_shell.pdbx_ordinal 
_reflns_shell.d_res_high 
_reflns_shell.d_res_low 
_reflns_shell.number_measured_obs 
_reflns_shell.number_measured_all 
_reflns_shell.number_unique_obs 
_reflns_shell.pdbx_rejects 
_reflns_shell.Rmerge_I_obs 
_reflns_shell.meanI_over_sigI_obs 
_reflns_shell.pdbx_Rsym_value 
_reflns_shell.pdbx_chi_squared 
_reflns_shell.pdbx_redundancy 
_reflns_shell.percent_possible_obs 
_reflns_shell.pdbx_netI_over_sigmaI_obs 
_reflns_shell.number_possible 
_reflns_shell.number_unique_all 
_reflns_shell.Rmerge_F_all 
_reflns_shell.Rmerge_F_obs 
_reflns_shell.Rmerge_I_all 
_reflns_shell.meanI_over_sigI_all 
_reflns_shell.percent_possible_all 
_reflns_shell.pdbx_Rrim_I_all 
_reflns_shell.pdbx_Rpim_I_all 
_reflns_shell.pdbx_CC_half 
1 1 2.030 2.080  ? 12723 ? ? 1.750 ? ? ? 12.900 ? 1.400  ? 990 ? ? ? ? 99.900 1.822 0.504 0.803 
1 2 9.080 40.610 ? 2002  ? ? 0.041 ? ? ? 9.900  ? 42.400 ? 203 ? ? ? ? 99.200 0.044 0.014 0.998 
# 
_refine.entry_id                                 5QRF 
_refine.pdbx_refine_id                           'X-RAY DIFFRACTION' 
_refine.ls_d_res_high                            2.0300 
_refine.ls_d_res_low                             40.6500 
_refine.pdbx_ls_sigma_F                          0.000 
_refine.pdbx_data_cutoff_high_absF               ? 
_refine.pdbx_data_cutoff_low_absF                ? 
_refine.ls_percent_reflns_obs                    99.9100 
_refine.ls_number_reflns_obs                     13017 
_refine.ls_number_reflns_all                     ? 
_refine.pdbx_ls_cross_valid_method               THROUGHOUT 
_refine.ls_matrix_type                           ? 
_refine.pdbx_R_Free_selection_details            RANDOM 
_refine.details                                  
'HYDROGENS HAVE BEEN ADDED IN THE RIDING POSITIONS U VALUES      : REFINED INDIVIDUALLY' 
_refine.ls_R_factor_all                          ? 
_refine.ls_R_factor_obs                          0.2126 
_refine.ls_R_factor_R_work                       0.2097 
_refine.ls_wR_factor_R_work                      ? 
_refine.ls_R_factor_R_free                       0.2756 
_refine.ls_wR_factor_R_free                      ? 
_refine.ls_percent_reflns_R_free                 4.8000 
_refine.ls_number_reflns_R_free                  656 
_refine.ls_number_reflns_R_work                  ? 
_refine.ls_R_factor_R_free_error                 ? 
_refine.B_iso_mean                               48.0940 
_refine.solvent_model_param_bsol                 ? 
_refine.solvent_model_param_ksol                 ? 
_refine.pdbx_isotropic_thermal_model             ? 
_refine.aniso_B[1][1]                            1.6200 
_refine.aniso_B[2][2]                            1.6200 
_refine.aniso_B[3][3]                            -3.2400 
_refine.aniso_B[1][2]                            -0.0000 
_refine.aniso_B[1][3]                            -0.0000 
_refine.aniso_B[2][3]                            -0.0000 
_refine.correlation_coeff_Fo_to_Fc               0.9570 
_refine.correlation_coeff_Fo_to_Fc_free          0.9250 
_refine.overall_SU_R_Cruickshank_DPI             ? 
_refine.pdbx_overall_SU_R_free_Cruickshank_DPI   ? 
_refine.pdbx_overall_SU_R_Blow_DPI               ? 
_refine.pdbx_overall_SU_R_free_Blow_DPI          ? 
_refine.overall_SU_R_free                        ? 
_refine.pdbx_overall_ESU_R                       0.2140 
_refine.pdbx_overall_ESU_R_Free                  0.2000 
_refine.overall_SU_ML                            0.1610 
_refine.overall_SU_B                             6.2120 
_refine.solvent_model_details                    MASK 
_refine.pdbx_solvent_vdw_probe_radii             1.2000 
_refine.pdbx_solvent_ion_probe_radii             0.8000 
_refine.pdbx_solvent_shrinkage_radii             0.8000 
_refine.ls_number_parameters                     ? 
_refine.ls_number_restraints                     ? 
_refine.pdbx_starting_model                      6f58 
_refine.pdbx_method_to_determine_struct          'FOURIER SYNTHESIS' 
_refine.pdbx_stereochemistry_target_values       'MAXIMUM LIKELIHOOD' 
_refine.pdbx_stereochem_target_val_spec_case     ? 
_refine.overall_FOM_work_R_set                   ? 
_refine.B_iso_max                                794.730 
_refine.B_iso_min                                21.250 
_refine.pdbx_overall_phase_error                 ? 
_refine.occupancy_max                            ? 
_refine.occupancy_min                            ? 
_refine.pdbx_diffrn_id                           1 
_refine.pdbx_TLS_residual_ADP_flag               ? 
_refine.pdbx_ls_sigma_I                          ? 
_refine.pdbx_data_cutoff_high_rms_absF           ? 
_refine.ls_R_factor_R_free_error_details         ? 
# 
_refine_hist.cycle_id                         final 
_refine_hist.pdbx_refine_id                   'X-RAY DIFFRACTION' 
_refine_hist.d_res_high                       2.0300 
_refine_hist.d_res_low                        40.6500 
_refine_hist.pdbx_number_atoms_ligand         18 
_refine_hist.number_atoms_solvent             75 
_refine_hist.number_atoms_total               1462 
_refine_hist.pdbx_number_residues_total       172 
_refine_hist.pdbx_B_iso_mean_ligand           49.16 
_refine_hist.pdbx_B_iso_mean_solvent          55.15 
_refine_hist.pdbx_number_atoms_protein        1369 
_refine_hist.pdbx_number_atoms_nucleic_acid   0 
# 
loop_
_refine_ls_restr.pdbx_refine_id 
_refine_ls_restr.type 
_refine_ls_restr.number 
_refine_ls_restr.dev_ideal 
_refine_ls_restr.dev_ideal_target 
_refine_ls_restr.weight 
_refine_ls_restr.pdbx_restraint_function 
'X-RAY DIFFRACTION' r_bond_refined_d       1670 0.008  0.013  ? ? 
'X-RAY DIFFRACTION' r_bond_other_d         1442 0.001  0.017  ? ? 
'X-RAY DIFFRACTION' r_angle_refined_deg    2142 1.506  1.672  ? ? 
'X-RAY DIFFRACTION' r_angle_other_deg      3364 1.271  1.602  ? ? 
'X-RAY DIFFRACTION' r_dihedral_angle_1_deg 195  7.140  5.000  ? ? 
'X-RAY DIFFRACTION' r_dihedral_angle_2_deg 80   30.101 22.000 ? ? 
'X-RAY DIFFRACTION' r_dihedral_angle_3_deg 256  16.891 15.000 ? ? 
'X-RAY DIFFRACTION' r_dihedral_angle_4_deg 10   15.434 15.000 ? ? 
'X-RAY DIFFRACTION' r_chiral_restr         190  0.076  0.200  ? ? 
'X-RAY DIFFRACTION' r_gen_planes_refined   1862 0.007  0.020  ? ? 
'X-RAY DIFFRACTION' r_gen_planes_other     336  0.001  0.020  ? ? 
'X-RAY DIFFRACTION' r_mcbond_it            816  3.822  5.140  ? ? 
'X-RAY DIFFRACTION' r_mcbond_other         817  3.819  5.139  ? ? 
'X-RAY DIFFRACTION' r_mcangle_it           967  5.949  7.521  ? ? 
# 
_refine_ls_shell.d_res_high                       2.0300 
_refine_ls_shell.d_res_low                        2.0830 
_refine_ls_shell.pdbx_total_number_of_bins_used   20 
_refine_ls_shell.percent_reflns_obs               99.9000 
_refine_ls_shell.number_reflns_R_work             939 
_refine_ls_shell.R_factor_all                     ? 
_refine_ls_shell.R_factor_R_work                  0.3380 
_refine_ls_shell.R_factor_R_free                  0.3860 
_refine_ls_shell.percent_reflns_R_free            ? 
_refine_ls_shell.number_reflns_R_free             46 
_refine_ls_shell.R_factor_R_free_error            ? 
_refine_ls_shell.number_reflns_all                985 
_refine_ls_shell.number_reflns_obs                ? 
_refine_ls_shell.pdbx_refine_id                   'X-RAY DIFFRACTION' 
_refine_ls_shell.R_factor_obs                     ? 
# 
_struct.entry_id                  5QRF 
_struct.title                     
'PanDDA analysis group deposition -- Crystal Structure of human Brachyury in complex with Z373768900' 
_struct.pdbx_model_details        ? 
_struct.pdbx_CASP_flag            ? 
_struct.pdbx_model_type_details   ? 
# 
_struct_keywords.entry_id        5QRF 
_struct_keywords.text            'SGC - Diamond I04-1 fragment screening, PanDDA, XChemExplorer, TRANSCRIPTION' 
_struct_keywords.pdbx_keywords   TRANSCRIPTION 
# 
loop_
_struct_asym.id 
_struct_asym.pdbx_blank_PDB_chainid_flag 
_struct_asym.pdbx_modified 
_struct_asym.entity_id 
_struct_asym.details 
A N N 1 ? 
B N N 2 ? 
C N N 2 ? 
D N N 2 ? 
E N N 2 ? 
F N N 2 ? 
G N N 3 ? 
H N N 4 ? 
# 
_struct_ref.id                         1 
_struct_ref.db_name                    UNP 
_struct_ref.db_code                    TBXT_HUMAN 
_struct_ref.pdbx_db_accession          O15178 
_struct_ref.pdbx_db_isoform            ? 
_struct_ref.entity_id                  1 
_struct_ref.pdbx_seq_one_letter_code   
;ELRVGLEESELWLRFKELTNEMIVTKNGRRMFPVLKVNVSGLDPNAMYSFLLDFVAADNHRWKYVNGEWVPGGKPEPQAP
SCVYIHPDSPNFGAHWMKAPVSFSKVKLTNKLNGGGQIMLNSLHKYEPRIHIVRVGGPQRMITSHCFPETQFIAVTAYQN
EEITALKIKYN
;
_struct_ref.pdbx_align_begin           41 
# 
_struct_ref_seq.align_id                      1 
_struct_ref_seq.ref_id                        1 
_struct_ref_seq.pdbx_PDB_id_code              5QRF 
_struct_ref_seq.pdbx_strand_id                A 
_struct_ref_seq.seq_align_beg                 2 
_struct_ref_seq.pdbx_seq_align_beg_ins_code   ? 
_struct_ref_seq.seq_align_end                 172 
_struct_ref_seq.pdbx_seq_align_end_ins_code   ? 
_struct_ref_seq.pdbx_db_accession             O15178 
_struct_ref_seq.db_align_beg                  41 
_struct_ref_seq.pdbx_db_align_beg_ins_code    ? 
_struct_ref_seq.db_align_end                  211 
_struct_ref_seq.pdbx_db_align_end_ins_code    ? 
_struct_ref_seq.pdbx_auth_seq_align_beg       41 
_struct_ref_seq.pdbx_auth_seq_align_end       211 
# 
_struct_ref_seq_dif.align_id                     1 
_struct_ref_seq_dif.pdbx_pdb_id_code             5QRF 
_struct_ref_seq_dif.mon_id                       GLY 
_struct_ref_seq_dif.pdbx_pdb_strand_id           A 
_struct_ref_seq_dif.seq_num                      1 
_struct_ref_seq_dif.pdbx_pdb_ins_code            ? 
_struct_ref_seq_dif.pdbx_seq_db_name             UNP 
_struct_ref_seq_dif.pdbx_seq_db_accession_code   O15178 
_struct_ref_seq_dif.db_mon_id                    ? 
_struct_ref_seq_dif.pdbx_seq_db_seq_num          ? 
_struct_ref_seq_dif.details                      'expression tag' 
_struct_ref_seq_dif.pdbx_auth_seq_num            40 
_struct_ref_seq_dif.pdbx_ordinal                 1 
# 
_pdbx_struct_assembly.id                   1 
_pdbx_struct_assembly.details              author_defined_assembly 
_pdbx_struct_assembly.method_details       ? 
_pdbx_struct_assembly.oligomeric_details   monomeric 
_pdbx_struct_assembly.oligomeric_count     1 
# 
_pdbx_struct_assembly_gen.assembly_id       1 
_pdbx_struct_assembly_gen.oper_expression   1 
_pdbx_struct_assembly_gen.asym_id_list      A,B,C,D,E,F,G,H 
# 
_pdbx_struct_oper_list.id                   1 
_pdbx_struct_oper_list.type                 'identity operation' 
_pdbx_struct_oper_list.name                 1_555 
_pdbx_struct_oper_list.symmetry_operation   x,y,z 
_pdbx_struct_oper_list.matrix[1][1]         1.0000000000 
_pdbx_struct_oper_list.matrix[1][2]         0.0000000000 
_pdbx_struct_oper_list.matrix[1][3]         0.0000000000 
_pdbx_struct_oper_list.vector[1]            0.0000000000 
_pdbx_struct_oper_list.matrix[2][1]         0.0000000000 
_pdbx_struct_oper_list.matrix[2][2]         1.0000000000 
_pdbx_struct_oper_list.matrix[2][3]         0.0000000000 
_pdbx_struct_oper_list.vector[2]            0.0000000000 
_pdbx_struct_oper_list.matrix[3][1]         0.0000000000 
_pdbx_struct_oper_list.matrix[3][2]         0.0000000000 
_pdbx_struct_oper_list.matrix[3][3]         1.0000000000 
_pdbx_struct_oper_list.vector[3]            0.0000000000 
# 
loop_
_struct_conf.conf_type_id 
_struct_conf.id 
_struct_conf.pdbx_PDB_helix_id 
_struct_conf.beg_label_comp_id 
_struct_conf.beg_label_asym_id 
_struct_conf.beg_label_seq_id 
_struct_conf.pdbx_beg_PDB_ins_code 
_struct_conf.end_label_comp_id 
_struct_conf.end_label_asym_id 
_struct_conf.end_label_seq_id 
_struct_conf.pdbx_end_PDB_ins_code 
_struct_conf.beg_auth_comp_id 
_struct_conf.beg_auth_asym_id 
_struct_conf.beg_auth_seq_id 
_struct_conf.end_auth_comp_id 
_struct_conf.end_auth_asym_id 
_struct_conf.end_auth_seq_id 
_struct_conf.pdbx_PDB_helix_class 
_struct_conf.details 
_struct_conf.pdbx_PDB_helix_length 
HELX_P HELX_P1 AA1 GLU A 9   ? LEU A 19  ? GLU A 48  LEU A 58  1 ? 11 
HELX_P HELX_P2 AA2 GLY A 94  ? ALA A 100 ? GLY A 133 ALA A 139 1 ? 7  
HELX_P HELX_P3 AA3 PRO A 149 ? GLN A 152 ? PRO A 188 GLN A 191 5 ? 4  
HELX_P HELX_P4 AA4 ASN A 161 ? ASN A 172 ? ASN A 200 ASN A 211 1 ? 12 
# 
_struct_conf_type.id          HELX_P 
_struct_conf_type.criteria    ? 
_struct_conf_type.reference   ? 
# 
loop_
_struct_conn.id 
_struct_conn.conn_type_id 
_struct_conn.pdbx_leaving_atom_flag 
_struct_conn.pdbx_PDB_id 
_struct_conn.ptnr1_label_asym_id 
_struct_conn.ptnr1_label_comp_id 
_struct_conn.ptnr1_label_seq_id 
_struct_conn.ptnr1_label_atom_id 
_struct_conn.pdbx_ptnr1_label_alt_id 
_struct_conn.pdbx_ptnr1_PDB_ins_code 
_struct_conn.pdbx_ptnr1_standard_comp_id 
_struct_conn.ptnr1_symmetry 
_struct_conn.ptnr2_label_asym_id 
_struct_conn.ptnr2_label_comp_id 
_struct_conn.ptnr2_label_seq_id 
_struct_conn.ptnr2_label_atom_id 
_struct_conn.pdbx_ptnr2_label_alt_id 
_struct_conn.pdbx_ptnr2_PDB_ins_code 
_struct_conn.ptnr1_auth_asym_id 
_struct_conn.ptnr1_auth_comp_id 
_struct_conn.ptnr1_auth_seq_id 
_struct_conn.ptnr2_auth_asym_id 
_struct_conn.ptnr2_auth_comp_id 
_struct_conn.ptnr2_auth_seq_id 
_struct_conn.ptnr2_symmetry 
_struct_conn.pdbx_ptnr3_label_atom_id 
_struct_conn.pdbx_ptnr3_label_seq_id 
_struct_conn.pdbx_ptnr3_label_comp_id 
_struct_conn.pdbx_ptnr3_label_asym_id 
_struct_conn.pdbx_ptnr3_label_alt_id 
_struct_conn.pdbx_ptnr3_PDB_ins_code 
_struct_conn.details 
_struct_conn.pdbx_dist_value 
_struct_conn.pdbx_value_order 
_struct_conn.pdbx_role 
metalc1  metalc ? ? A HIS 61  NE2 ? ? ? 1_555 E CD  . CD ? ? A HIS 100 A CD  304 1_555 ? ? ? ? ? ? ? 2.192 ? ? 
metalc2  metalc ? ? A CYS 83  SG  ? ? ? 1_555 D CD  . CD ? ? A CYS 122 A CD  303 1_555 ? ? ? ? ? ? ? 2.572 ? ? 
metalc3  metalc ? ? A CYS 83  SG  ? ? ? 1_555 F CD  . CD ? ? A CYS 122 A CD  305 1_555 ? ? ? ? ? ? ? 2.446 ? ? 
metalc4  metalc ? ? A GLU 128 OE1 ? ? ? 1_555 B CD  . CD ? ? A GLU 167 A CD  301 1_555 ? ? ? ? ? ? ? 2.607 ? ? 
metalc5  metalc ? ? A GLU 128 OE1 ? ? ? 1_555 B CD  . CD ? ? A GLU 167 A CD  301 5_655 ? ? ? ? ? ? ? 2.607 ? ? 
metalc6  metalc ? ? A GLU 128 OE1 ? ? ? 1_555 C CD  . CD ? ? A GLU 167 A CD  302 1_555 ? ? ? ? ? ? ? 2.640 ? ? 
metalc7  metalc ? ? A GLU 128 OE2 ? ? ? 1_555 C CD  . CD ? ? A GLU 167 A CD  302 1_555 ? ? ? ? ? ? ? 2.499 ? ? 
metalc8  metalc ? ? A CYS 147 SG  A ? ? 1_555 B CD  . CD ? ? A CYS 186 A CD  301 1_555 ? ? ? ? ? ? ? 2.426 ? ? 
metalc9  metalc ? ? A CYS 147 SG  B ? ? 1_555 B CD  . CD ? ? A CYS 186 A CD  301 1_555 ? ? ? ? ? ? ? 2.469 ? ? 
metalc10 metalc ? ? A CYS 147 SG  A ? ? 1_555 B CD  . CD ? ? A CYS 186 A CD  301 5_655 ? ? ? ? ? ? ? 2.426 ? ? 
metalc11 metalc ? ? A CYS 147 SG  B ? ? 1_555 B CD  . CD ? ? A CYS 186 A CD  301 5_655 ? ? ? ? ? ? ? 2.469 ? ? 
metalc12 metalc ? ? A CYS 147 SG  A ? ? 1_555 C CD  . CD ? ? A CYS 186 A CD  302 5_655 ? ? ? ? ? ? ? 2.585 ? ? 
metalc13 metalc ? ? A CYS 147 SG  B ? ? 1_555 C CD  . CD ? ? A CYS 186 A CD  302 5_655 ? ? ? ? ? ? ? 2.598 ? ? 
metalc14 metalc ? ? B CD  .   CD  ? ? ? 1_555 H HOH . O  ? ? A CD  301 A HOH 457 1_555 ? ? ? ? ? ? ? 1.977 ? ? 
metalc15 metalc ? ? B CD  .   CD  ? ? ? 1_555 H HOH . O  ? ? A CD  301 A HOH 457 5_655 ? ? ? ? ? ? ? 1.977 ? ? 
metalc16 metalc ? ? C CD  .   CD  ? ? ? 1_555 H HOH . O  ? ? A CD  302 A HOH 455 5_655 ? ? ? ? ? ? ? 2.199 ? ? 
metalc17 metalc ? ? C CD  .   CD  ? ? ? 1_555 H HOH . O  ? ? A CD  302 A HOH 463 1_555 ? ? ? ? ? ? ? 2.292 ? ? 
metalc18 metalc ? ? D CD  .   CD  ? ? ? 1_555 H HOH . O  ? ? A CD  303 A HOH 454 1_555 ? ? ? ? ? ? ? 2.518 ? ? 
metalc19 metalc ? ? E CD  .   CD  ? ? ? 1_555 H HOH . O  ? ? A CD  304 A HOH 461 1_555 ? ? ? ? ? ? ? 2.260 ? ? 
metalc20 metalc ? ? E CD  .   CD  ? ? ? 1_555 H HOH . O  ? ? A CD  304 A HOH 462 1_555 ? ? ? ? ? ? ? 2.210 ? ? 
metalc21 metalc ? ? E CD  .   CD  ? ? ? 1_555 H HOH . O  ? ? A CD  304 A HOH 464 1_555 ? ? ? ? ? ? ? 2.532 ? ? 
# 
_struct_conn_type.id          metalc 
_struct_conn_type.criteria    ? 
_struct_conn_type.reference   ? 
# 
loop_
_pdbx_struct_conn_angle.id 
_pdbx_struct_conn_angle.ptnr1_label_atom_id 
_pdbx_struct_conn_angle.ptnr1_label_alt_id 
_pdbx_struct_conn_angle.ptnr1_label_asym_id 
_pdbx_struct_conn_angle.ptnr1_label_comp_id 
_pdbx_struct_conn_angle.ptnr1_label_seq_id 
_pdbx_struct_conn_angle.ptnr1_auth_atom_id 
_pdbx_struct_conn_angle.ptnr1_auth_asym_id 
_pdbx_struct_conn_angle.ptnr1_auth_comp_id 
_pdbx_struct_conn_angle.ptnr1_auth_seq_id 
_pdbx_struct_conn_angle.ptnr1_PDB_ins_code 
_pdbx_struct_conn_angle.ptnr1_symmetry 
_pdbx_struct_conn_angle.ptnr2_label_atom_id 
_pdbx_struct_conn_angle.ptnr2_label_alt_id 
_pdbx_struct_conn_angle.ptnr2_label_asym_id 
_pdbx_struct_conn_angle.ptnr2_label_comp_id 
_pdbx_struct_conn_angle.ptnr2_label_seq_id 
_pdbx_struct_conn_angle.ptnr2_auth_atom_id 
_pdbx_struct_conn_angle.ptnr2_auth_asym_id 
_pdbx_struct_conn_angle.ptnr2_auth_comp_id 
_pdbx_struct_conn_angle.ptnr2_auth_seq_id 
_pdbx_struct_conn_angle.ptnr2_PDB_ins_code 
_pdbx_struct_conn_angle.ptnr2_symmetry 
_pdbx_struct_conn_angle.ptnr3_label_atom_id 
_pdbx_struct_conn_angle.ptnr3_label_alt_id 
_pdbx_struct_conn_angle.ptnr3_label_asym_id 
_pdbx_struct_conn_angle.ptnr3_label_comp_id 
_pdbx_struct_conn_angle.ptnr3_label_seq_id 
_pdbx_struct_conn_angle.ptnr3_auth_atom_id 
_pdbx_struct_conn_angle.ptnr3_auth_asym_id 
_pdbx_struct_conn_angle.ptnr3_auth_comp_id 
_pdbx_struct_conn_angle.ptnr3_auth_seq_id 
_pdbx_struct_conn_angle.ptnr3_PDB_ins_code 
_pdbx_struct_conn_angle.ptnr3_symmetry 
_pdbx_struct_conn_angle.value 
_pdbx_struct_conn_angle.value_esd 
1  NE2 ? A HIS 61  ? A HIS 100 ? 1_555 CD ? E CD . ? A CD 304 ? 1_555 O   ? H HOH .   ? A HOH 461 ? 1_555 103.5 ? 
2  NE2 ? A HIS 61  ? A HIS 100 ? 1_555 CD ? E CD . ? A CD 304 ? 1_555 O   ? H HOH .   ? A HOH 462 ? 1_555 110.2 ? 
3  O   ? H HOH .   ? A HOH 461 ? 1_555 CD ? E CD . ? A CD 304 ? 1_555 O   ? H HOH .   ? A HOH 462 ? 1_555 114.4 ? 
4  NE2 ? A HIS 61  ? A HIS 100 ? 1_555 CD ? E CD . ? A CD 304 ? 1_555 O   ? H HOH .   ? A HOH 464 ? 1_555 101.8 ? 
5  O   ? H HOH .   ? A HOH 461 ? 1_555 CD ? E CD . ? A CD 304 ? 1_555 O   ? H HOH .   ? A HOH 464 ? 1_555 116.8 ? 
6  O   ? H HOH .   ? A HOH 462 ? 1_555 CD ? E CD . ? A CD 304 ? 1_555 O   ? H HOH .   ? A HOH 464 ? 1_555 109.1 ? 
7  SG  ? A CYS 83  ? A CYS 122 ? 1_555 CD ? D CD . ? A CD 303 ? 1_555 O   ? H HOH .   ? A HOH 454 ? 1_555 91.7  ? 
8  OE1 ? A GLU 128 ? A GLU 167 ? 1_555 CD ? B CD . ? A CD 301 ? 1_555 OE1 ? A GLU 128 ? A GLU 167 ? 1_555 0.0   ? 
9  OE1 ? A GLU 128 ? A GLU 167 ? 1_555 CD ? B CD . ? A CD 301 ? 1_555 SG  A A CYS 147 ? A CYS 186 ? 1_555 92.7  ? 
10 OE1 ? A GLU 128 ? A GLU 167 ? 1_555 CD ? B CD . ? A CD 301 ? 1_555 SG  A A CYS 147 ? A CYS 186 ? 1_555 92.7  ? 
11 OE1 ? A GLU 128 ? A GLU 167 ? 1_555 CD ? B CD . ? A CD 301 ? 1_555 SG  B A CYS 147 ? A CYS 186 ? 1_555 84.9  ? 
12 OE1 ? A GLU 128 ? A GLU 167 ? 1_555 CD ? B CD . ? A CD 301 ? 1_555 SG  B A CYS 147 ? A CYS 186 ? 1_555 84.9  ? 
13 SG  A A CYS 147 ? A CYS 186 ? 1_555 CD ? B CD . ? A CD 301 ? 1_555 SG  B A CYS 147 ? A CYS 186 ? 1_555 42.8  ? 
14 OE1 ? A GLU 128 ? A GLU 167 ? 1_555 CD ? B CD . ? A CD 301 ? 1_555 SG  A A CYS 147 ? A CYS 186 ? 1_555 92.7  ? 
15 OE1 ? A GLU 128 ? A GLU 167 ? 1_555 CD ? B CD . ? A CD 301 ? 1_555 SG  A A CYS 147 ? A CYS 186 ? 1_555 92.7  ? 
16 SG  A A CYS 147 ? A CYS 186 ? 1_555 CD ? B CD . ? A CD 301 ? 1_555 SG  A A CYS 147 ? A CYS 186 ? 1_555 0.0   ? 
17 SG  B A CYS 147 ? A CYS 186 ? 1_555 CD ? B CD . ? A CD 301 ? 1_555 SG  A A CYS 147 ? A CYS 186 ? 1_555 42.8  ? 
18 OE1 ? A GLU 128 ? A GLU 167 ? 1_555 CD ? B CD . ? A CD 301 ? 1_555 SG  B A CYS 147 ? A CYS 186 ? 1_555 84.9  ? 
19 OE1 ? A GLU 128 ? A GLU 167 ? 1_555 CD ? B CD . ? A CD 301 ? 1_555 SG  B A CYS 147 ? A CYS 186 ? 1_555 84.9  ? 
20 SG  A A CYS 147 ? A CYS 186 ? 1_555 CD ? B CD . ? A CD 301 ? 1_555 SG  B A CYS 147 ? A CYS 186 ? 1_555 42.8  ? 
21 SG  B A CYS 147 ? A CYS 186 ? 1_555 CD ? B CD . ? A CD 301 ? 1_555 SG  B A CYS 147 ? A CYS 186 ? 1_555 0.0   ? 
22 SG  A A CYS 147 ? A CYS 186 ? 1_555 CD ? B CD . ? A CD 301 ? 1_555 SG  B A CYS 147 ? A CYS 186 ? 1_555 42.8  ? 
23 OE1 ? A GLU 128 ? A GLU 167 ? 1_555 CD ? B CD . ? A CD 301 ? 1_555 O   ? H HOH .   ? A HOH 457 ? 1_555 92.5  ? 
24 OE1 ? A GLU 128 ? A GLU 167 ? 1_555 CD ? B CD . ? A CD 301 ? 1_555 O   ? H HOH .   ? A HOH 457 ? 1_555 92.5  ? 
25 SG  A A CYS 147 ? A CYS 186 ? 1_555 CD ? B CD . ? A CD 301 ? 1_555 O   ? H HOH .   ? A HOH 457 ? 1_555 111.4 ? 
26 SG  B A CYS 147 ? A CYS 186 ? 1_555 CD ? B CD . ? A CD 301 ? 1_555 O   ? H HOH .   ? A HOH 457 ? 1_555 153.6 ? 
27 SG  A A CYS 147 ? A CYS 186 ? 1_555 CD ? B CD . ? A CD 301 ? 1_555 O   ? H HOH .   ? A HOH 457 ? 1_555 111.4 ? 
28 SG  B A CYS 147 ? A CYS 186 ? 1_555 CD ? B CD . ? A CD 301 ? 1_555 O   ? H HOH .   ? A HOH 457 ? 1_555 153.6 ? 
29 OE1 ? A GLU 128 ? A GLU 167 ? 1_555 CD ? B CD . ? A CD 301 ? 1_555 O   ? H HOH .   ? A HOH 457 ? 5_655 95.9  ? 
30 OE1 ? A GLU 128 ? A GLU 167 ? 1_555 CD ? B CD . ? A CD 301 ? 1_555 O   ? H HOH .   ? A HOH 457 ? 5_655 95.9  ? 
31 SG  A A CYS 147 ? A CYS 186 ? 1_555 CD ? B CD . ? A CD 301 ? 1_555 O   ? H HOH .   ? A HOH 457 ? 5_655 77.1  ? 
32 SG  B A CYS 147 ? A CYS 186 ? 1_555 CD ? B CD . ? A CD 301 ? 1_555 O   ? H HOH .   ? A HOH 457 ? 5_655 119.7 ? 
33 SG  A A CYS 147 ? A CYS 186 ? 1_555 CD ? B CD . ? A CD 301 ? 1_555 O   ? H HOH .   ? A HOH 457 ? 5_655 77.1  ? 
34 SG  B A CYS 147 ? A CYS 186 ? 1_555 CD ? B CD . ? A CD 301 ? 1_555 O   ? H HOH .   ? A HOH 457 ? 5_655 119.7 ? 
35 O   ? H HOH .   ? A HOH 457 ? 1_555 CD ? B CD . ? A CD 301 ? 1_555 O   ? H HOH .   ? A HOH 457 ? 5_655 34.3  ? 
36 OE1 ? A GLU 128 ? A GLU 167 ? 1_555 CD ? C CD . ? A CD 302 ? 1_555 OE2 ? A GLU 128 ? A GLU 167 ? 1_555 51.2  ? 
37 OE1 ? A GLU 128 ? A GLU 167 ? 1_555 CD ? C CD . ? A CD 302 ? 1_555 SG  A A CYS 147 ? A CYS 186 ? 1_555 33.9  ? 
38 OE2 ? A GLU 128 ? A GLU 167 ? 1_555 CD ? C CD . ? A CD 302 ? 1_555 SG  A A CYS 147 ? A CYS 186 ? 1_555 78.7  ? 
39 OE1 ? A GLU 128 ? A GLU 167 ? 1_555 CD ? C CD . ? A CD 302 ? 1_555 SG  B A CYS 147 ? A CYS 186 ? 1_555 46.4  ? 
40 OE2 ? A GLU 128 ? A GLU 167 ? 1_555 CD ? C CD . ? A CD 302 ? 1_555 SG  B A CYS 147 ? A CYS 186 ? 1_555 80.6  ? 
41 SG  A A CYS 147 ? A CYS 186 ? 1_555 CD ? C CD . ? A CD 302 ? 1_555 SG  B A CYS 147 ? A CYS 186 ? 1_555 17.7  ? 
42 OE1 ? A GLU 128 ? A GLU 167 ? 1_555 CD ? C CD . ? A CD 302 ? 1_555 O   ? H HOH .   ? A HOH 455 ? 5_655 137.1 ? 
43 OE2 ? A GLU 128 ? A GLU 167 ? 1_555 CD ? C CD . ? A CD 302 ? 1_555 O   ? H HOH .   ? A HOH 455 ? 5_655 99.5  ? 
44 SG  A A CYS 147 ? A CYS 186 ? 1_555 CD ? C CD . ? A CD 302 ? 1_555 O   ? H HOH .   ? A HOH 455 ? 5_655 123.8 ? 
45 SG  B A CYS 147 ? A CYS 186 ? 1_555 CD ? C CD . ? A CD 302 ? 1_555 O   ? H HOH .   ? A HOH 455 ? 5_655 106.0 ? 
46 OE1 ? A GLU 128 ? A GLU 167 ? 1_555 CD ? C CD . ? A CD 302 ? 1_555 O   ? H HOH .   ? A HOH 463 ? 1_555 109.3 ? 
47 OE2 ? A GLU 128 ? A GLU 167 ? 1_555 CD ? C CD . ? A CD 302 ? 1_555 O   ? H HOH .   ? A HOH 463 ? 1_555 104.2 ? 
48 SG  A A CYS 147 ? A CYS 186 ? 1_555 CD ? C CD . ? A CD 302 ? 1_555 O   ? H HOH .   ? A HOH 463 ? 1_555 127.2 ? 
49 SG  B A CYS 147 ? A CYS 186 ? 1_555 CD ? C CD . ? A CD 302 ? 1_555 O   ? H HOH .   ? A HOH 463 ? 1_555 144.2 ? 
50 O   ? H HOH .   ? A HOH 455 ? 5_655 CD ? C CD . ? A CD 302 ? 1_555 O   ? H HOH .   ? A HOH 463 ? 1_555 108.0 ? 
# 
loop_
_struct_mon_prot_cis.pdbx_id 
_struct_mon_prot_cis.label_comp_id 
_struct_mon_prot_cis.label_seq_id 
_struct_mon_prot_cis.label_asym_id 
_struct_mon_prot_cis.label_alt_id 
_struct_mon_prot_cis.pdbx_PDB_ins_code 
_struct_mon_prot_cis.auth_comp_id 
_struct_mon_prot_cis.auth_seq_id 
_struct_mon_prot_cis.auth_asym_id 
_struct_mon_prot_cis.pdbx_label_comp_id_2 
_struct_mon_prot_cis.pdbx_label_seq_id_2 
_struct_mon_prot_cis.pdbx_label_asym_id_2 
_struct_mon_prot_cis.pdbx_PDB_ins_code_2 
_struct_mon_prot_cis.pdbx_auth_comp_id_2 
_struct_mon_prot_cis.pdbx_auth_seq_id_2 
_struct_mon_prot_cis.pdbx_auth_asym_id_2 
_struct_mon_prot_cis.pdbx_PDB_model_num 
_struct_mon_prot_cis.pdbx_omega_angle 
1 PHE 33 A . ? PHE 72  A PRO 34 A ? PRO 73  A 1 -5.61  
2 SER 90 A . ? SER 129 A PRO 91 A ? PRO 130 A 1 -14.16 
# 
loop_
_struct_sheet.id 
_struct_sheet.type 
_struct_sheet.number_strands 
_struct_sheet.details 
AA1 ? 3 ? 
AA2 ? 5 ? 
AA3 ? 4 ? 
AA4 ? 3 ? 
AA5 ? 2 ? 
# 
loop_
_struct_sheet_order.sheet_id 
_struct_sheet_order.range_id_1 
_struct_sheet_order.range_id_2 
_struct_sheet_order.offset 
_struct_sheet_order.sense 
AA1 1 2 ? anti-parallel 
AA1 2 3 ? anti-parallel 
AA2 1 2 ? parallel      
AA2 2 3 ? anti-parallel 
AA2 3 4 ? anti-parallel 
AA2 4 5 ? anti-parallel 
AA3 1 2 ? anti-parallel 
AA3 2 3 ? anti-parallel 
AA3 3 4 ? anti-parallel 
AA4 1 2 ? anti-parallel 
AA4 2 3 ? parallel      
AA5 1 2 ? anti-parallel 
# 
loop_
_struct_sheet_range.sheet_id 
_struct_sheet_range.id 
_struct_sheet_range.beg_label_comp_id 
_struct_sheet_range.beg_label_asym_id 
_struct_sheet_range.beg_label_seq_id 
_struct_sheet_range.pdbx_beg_PDB_ins_code 
_struct_sheet_range.end_label_comp_id 
_struct_sheet_range.end_label_asym_id 
_struct_sheet_range.end_label_seq_id 
_struct_sheet_range.pdbx_end_PDB_ins_code 
_struct_sheet_range.beg_auth_comp_id 
_struct_sheet_range.beg_auth_asym_id 
_struct_sheet_range.beg_auth_seq_id 
_struct_sheet_range.end_auth_comp_id 
_struct_sheet_range.end_auth_asym_id 
_struct_sheet_range.end_auth_seq_id 
AA1 1 ARG A 4   ? LEU A 7   ? ARG A 43  LEU A 46  
AA1 2 LYS A 37  ? SER A 41  ? LYS A 76  SER A 80  
AA1 3 VAL A 102 ? SER A 103 ? VAL A 141 SER A 142 
AA2 1 GLU A 22  ? ILE A 24  ? GLU A 61  ILE A 63  
AA2 2 PHE A 153 ? VAL A 156 ? PHE A 192 VAL A 195 
AA2 3 LYS A 126 ? VAL A 136 ? LYS A 165 VAL A 175 
AA2 4 MET A 48  ? ALA A 57  ? MET A 87  ALA A 96  
AA2 5 ASN A 92  ? PHE A 93  ? ASN A 131 PHE A 132 
AA3 1 TYR A 85  ? ILE A 86  ? TYR A 124 ILE A 125 
AA3 2 MET A 48  ? ALA A 57  ? MET A 87  ALA A 96  
AA3 3 LYS A 126 ? VAL A 136 ? LYS A 165 VAL A 175 
AA3 4 MET A 142 ? CYS A 147 ? MET A 181 CYS A 186 
AA4 1 ARG A 30  ? ARG A 31  ? ARG A 69  ARG A 70  
AA4 2 LYS A 108 ? THR A 110 ? LYS A 147 THR A 149 
AA4 3 ILE A 119 ? MET A 120 ? ILE A 158 MET A 159 
AA5 1 TRP A 63  ? VAL A 66  ? TRP A 102 VAL A 105 
AA5 2 GLU A 69  ? PRO A 72  ? GLU A 108 PRO A 111 
# 
loop_
_pdbx_struct_sheet_hbond.sheet_id 
_pdbx_struct_sheet_hbond.range_id_1 
_pdbx_struct_sheet_hbond.range_id_2 
_pdbx_struct_sheet_hbond.range_1_label_atom_id 
_pdbx_struct_sheet_hbond.range_1_label_comp_id 
_pdbx_struct_sheet_hbond.range_1_label_asym_id 
_pdbx_struct_sheet_hbond.range_1_label_seq_id 
_pdbx_struct_sheet_hbond.range_1_PDB_ins_code 
_pdbx_struct_sheet_hbond.range_1_auth_atom_id 
_pdbx_struct_sheet_hbond.range_1_auth_comp_id 
_pdbx_struct_sheet_hbond.range_1_auth_asym_id 
_pdbx_struct_sheet_hbond.range_1_auth_seq_id 
_pdbx_struct_sheet_hbond.range_2_label_atom_id 
_pdbx_struct_sheet_hbond.range_2_label_comp_id 
_pdbx_struct_sheet_hbond.range_2_label_asym_id 
_pdbx_struct_sheet_hbond.range_2_label_seq_id 
_pdbx_struct_sheet_hbond.range_2_PDB_ins_code 
_pdbx_struct_sheet_hbond.range_2_auth_atom_id 
_pdbx_struct_sheet_hbond.range_2_auth_comp_id 
_pdbx_struct_sheet_hbond.range_2_auth_asym_id 
_pdbx_struct_sheet_hbond.range_2_auth_seq_id 
AA1 1 2 N GLY A 6   ? N GLY A 45  O ASN A 39  ? O ASN A 78  
AA1 2 3 N VAL A 38  ? N VAL A 77  O VAL A 102 ? O VAL A 141 
AA2 1 2 N MET A 23  ? N MET A 62  O VAL A 156 ? O VAL A 195 
AA2 2 3 O PHE A 153 ? O PHE A 192 N TYR A 127 ? N TYR A 166 
AA2 3 4 O ARG A 130 ? O ARG A 169 N ASP A 54  ? N ASP A 93  
AA2 4 5 N TYR A 49  ? N TYR A 88  O ASN A 92  ? O ASN A 131 
AA3 1 2 O TYR A 85  ? O TYR A 124 N LEU A 53  ? N LEU A 92  
AA3 2 3 N ASP A 54  ? N ASP A 93  O ARG A 130 ? O ARG A 169 
AA3 3 4 N ILE A 133 ? N ILE A 172 O THR A 144 ? O THR A 183 
AA4 1 2 N ARG A 30  ? N ARG A 69  O LEU A 109 ? O LEU A 148 
AA4 2 3 N THR A 110 ? N THR A 149 O ILE A 119 ? O ILE A 158 
AA5 1 2 N VAL A 66  ? N VAL A 105 O GLU A 69  ? O GLU A 108 
# 
loop_
_struct_site.id 
_struct_site.pdbx_evidence_code 
_struct_site.pdbx_auth_asym_id 
_struct_site.pdbx_auth_comp_id 
_struct_site.pdbx_auth_seq_id 
_struct_site.pdbx_auth_ins_code 
_struct_site.pdbx_num_residues 
_struct_site.details 
AC1 Software A CD  301 ? 8 'binding site for residue CD A 301'  
AC2 Software A CD  302 ? 6 'binding site for residue CD A 302'  
AC3 Software A CD  303 ? 4 'binding site for residue CD A 303'  
AC4 Software A CD  304 ? 5 'binding site for residue CD A 304'  
AC5 Software A CD  305 ? 4 'binding site for residue CD A 305'  
AC6 Software A NUA 306 ? 9 'binding site for residue NUA A 306' 
# 
loop_
_struct_site_gen.id 
_struct_site_gen.site_id 
_struct_site_gen.pdbx_num_res 
_struct_site_gen.label_comp_id 
_struct_site_gen.label_asym_id 
_struct_site_gen.label_seq_id 
_struct_site_gen.pdbx_auth_ins_code 
_struct_site_gen.auth_comp_id 
_struct_site_gen.auth_asym_id 
_struct_site_gen.auth_seq_id 
_struct_site_gen.label_atom_id 
_struct_site_gen.label_alt_id 
_struct_site_gen.symmetry 
_struct_site_gen.details 
1  AC1 8 GLU A 128 ? GLU A 167 . ? 1_555 ? 
2  AC1 8 GLU A 128 ? GLU A 167 . ? 5_655 ? 
3  AC1 8 CYS A 147 ? CYS A 186 . ? 5_655 ? 
4  AC1 8 CYS A 147 ? CYS A 186 . ? 1_555 ? 
5  AC1 8 CD  C .   ? CD  A 302 . ? 5_655 ? 
6  AC1 8 CD  C .   ? CD  A 302 . ? 1_555 ? 
7  AC1 8 HOH H .   ? HOH A 457 . ? 5_655 ? 
8  AC1 8 HOH H .   ? HOH A 457 . ? 1_555 ? 
9  AC2 6 GLU A 128 ? GLU A 167 . ? 1_555 ? 
10 AC2 6 CYS A 147 ? CYS A 186 . ? 5_655 ? 
11 AC2 6 CD  B .   ? CD  A 301 . ? 5_655 ? 
12 AC2 6 CD  B .   ? CD  A 301 . ? 1_555 ? 
13 AC2 6 HOH H .   ? HOH A 455 . ? 5_655 ? 
14 AC2 6 HOH H .   ? HOH A 463 . ? 1_555 ? 
15 AC3 4 CYS A 83  ? CYS A 122 . ? 1_555 ? 
16 AC3 4 HOH H .   ? HOH A 442 . ? 1_555 ? 
17 AC3 4 HOH H .   ? HOH A 454 . ? 1_555 ? 
18 AC3 4 HOH H .   ? HOH A 474 . ? 1_555 ? 
19 AC4 5 LEU A 52  ? LEU A 91  . ? 5_655 ? 
20 AC4 5 HIS A 61  ? HIS A 100 . ? 1_555 ? 
21 AC4 5 HOH H .   ? HOH A 461 . ? 1_555 ? 
22 AC4 5 HOH H .   ? HOH A 462 . ? 1_555 ? 
23 AC4 5 HOH H .   ? HOH A 464 . ? 1_555 ? 
24 AC5 4 CYS A 83  ? CYS A 122 . ? 1_555 ? 
25 AC5 4 HOH H .   ? HOH A 448 . ? 1_555 ? 
26 AC5 4 HOH H .   ? HOH A 474 . ? 1_555 ? 
27 AC5 4 HOH H .   ? HOH A 475 . ? 1_555 ? 
28 AC6 9 SER A 50  ? SER A 89  . ? 1_555 ? 
29 AC6 9 ILE A 86  ? ILE A 125 . ? 1_555 ? 
30 AC6 9 HIS A 87  ? HIS A 126 . ? 1_555 ? 
31 AC6 9 PRO A 88  ? PRO A 127 . ? 1_555 ? 
32 AC6 9 SER A 90  ? SER A 129 . ? 1_555 ? 
33 AC6 9 PHE A 93  ? PHE A 132 . ? 6_555 ? 
34 AC6 9 VAL A 136 ? VAL A 175 . ? 1_555 ? 
35 AC6 9 ARG A 141 ? ARG A 180 . ? 1_555 ? 
36 AC6 9 HOH H .   ? HOH A 467 . ? 1_555 ? 
# 
loop_
_pdbx_validate_close_contact.id 
_pdbx_validate_close_contact.PDB_model_num 
_pdbx_validate_close_contact.auth_atom_id_1 
_pdbx_validate_close_contact.auth_asym_id_1 
_pdbx_validate_close_contact.auth_comp_id_1 
_pdbx_validate_close_contact.auth_seq_id_1 
_pdbx_validate_close_contact.PDB_ins_code_1 
_pdbx_validate_close_contact.label_alt_id_1 
_pdbx_validate_close_contact.auth_atom_id_2 
_pdbx_validate_close_contact.auth_asym_id_2 
_pdbx_validate_close_contact.auth_comp_id_2 
_pdbx_validate_close_contact.auth_seq_id_2 
_pdbx_validate_close_contact.PDB_ins_code_2 
_pdbx_validate_close_contact.label_alt_id_2 
_pdbx_validate_close_contact.dist 
1 1 O A HOH 458 ? ? O A HOH 470 ? ? 2.01 
2 1 O A HOH 433 ? ? O A HOH 443 ? ? 2.09 
# 
_pdbx_validate_symm_contact.id                1 
_pdbx_validate_symm_contact.PDB_model_num     1 
_pdbx_validate_symm_contact.auth_atom_id_1    O 
_pdbx_validate_symm_contact.auth_asym_id_1    A 
_pdbx_validate_symm_contact.auth_comp_id_1    HOH 
_pdbx_validate_symm_contact.auth_seq_id_1     409 
_pdbx_validate_symm_contact.PDB_ins_code_1    ? 
_pdbx_validate_symm_contact.label_alt_id_1    ? 
_pdbx_validate_symm_contact.site_symmetry_1   1_555 
_pdbx_validate_symm_contact.auth_atom_id_2    O 
_pdbx_validate_symm_contact.auth_asym_id_2    A 
_pdbx_validate_symm_contact.auth_comp_id_2    HOH 
_pdbx_validate_symm_contact.auth_seq_id_2     460 
_pdbx_validate_symm_contact.PDB_ins_code_2    ? 
_pdbx_validate_symm_contact.label_alt_id_2    ? 
_pdbx_validate_symm_contact.site_symmetry_2   6_555 
_pdbx_validate_symm_contact.dist              1.91 
# 
loop_
_pdbx_validate_torsion.id 
_pdbx_validate_torsion.PDB_model_num 
_pdbx_validate_torsion.auth_comp_id 
_pdbx_validate_torsion.auth_asym_id 
_pdbx_validate_torsion.auth_seq_id 
_pdbx_validate_torsion.PDB_ins_code 
_pdbx_validate_torsion.label_alt_id 
_pdbx_validate_torsion.phi 
_pdbx_validate_torsion.psi 
1 1 THR A 59  ? ? 69.77  106.28 
2 1 PHE A 143 ? ? -94.48 56.96  
# 
loop_
_pdbx_struct_special_symmetry.id 
_pdbx_struct_special_symmetry.PDB_model_num 
_pdbx_struct_special_symmetry.auth_asym_id 
_pdbx_struct_special_symmetry.auth_comp_id 
_pdbx_struct_special_symmetry.auth_seq_id 
_pdbx_struct_special_symmetry.PDB_ins_code 
_pdbx_struct_special_symmetry.label_asym_id 
_pdbx_struct_special_symmetry.label_comp_id 
_pdbx_struct_special_symmetry.label_seq_id 
1 1 A CD  301 ? B CD  . 
2 1 A HOH 411 ? H HOH . 
# 
_phasing.method   MR 
# 
_pdbx_entry_details.entry_id                 5QRF 
_pdbx_entry_details.has_ligand_of_interest   Y 
_pdbx_entry_details.compound_details         ? 
_pdbx_entry_details.source_details           ? 
_pdbx_entry_details.nonpolymer_details       ? 
_pdbx_entry_details.sequence_details         ? 
# 
loop_
_pdbx_distant_solvent_atoms.id 
_pdbx_distant_solvent_atoms.PDB_model_num 
_pdbx_distant_solvent_atoms.auth_atom_id 
_pdbx_distant_solvent_atoms.label_alt_id 
_pdbx_distant_solvent_atoms.auth_asym_id 
_pdbx_distant_solvent_atoms.auth_comp_id 
_pdbx_distant_solvent_atoms.auth_seq_id 
_pdbx_distant_solvent_atoms.PDB_ins_code 
_pdbx_distant_solvent_atoms.neighbor_macromolecule_distance 
_pdbx_distant_solvent_atoms.neighbor_ligand_distance 
1 1 O ? A HOH 474 ? 6.31 . 
2 1 O ? A HOH 475 ? 6.55 . 
# 
_pdbx_unobs_or_zero_occ_residues.id               1 
_pdbx_unobs_or_zero_occ_residues.PDB_model_num    1 
_pdbx_unobs_or_zero_occ_residues.polymer_flag     Y 
_pdbx_unobs_or_zero_occ_residues.occupancy_flag   1 
_pdbx_unobs_or_zero_occ_residues.auth_asym_id     A 
_pdbx_unobs_or_zero_occ_residues.auth_comp_id     GLY 
_pdbx_unobs_or_zero_occ_residues.auth_seq_id      40 
_pdbx_unobs_or_zero_occ_residues.PDB_ins_code     ? 
_pdbx_unobs_or_zero_occ_residues.label_asym_id    A 
_pdbx_unobs_or_zero_occ_residues.label_comp_id    GLY 
_pdbx_unobs_or_zero_occ_residues.label_seq_id     1 
# 
loop_
_chem_comp_atom.comp_id 
_chem_comp_atom.atom_id 
_chem_comp_atom.type_symbol 
_chem_comp_atom.pdbx_aromatic_flag 
_chem_comp_atom.pdbx_stereo_config 
_chem_comp_atom.pdbx_ordinal 
ALA N    N  N N 1   
ALA CA   C  N S 2   
ALA C    C  N N 3   
ALA O    O  N N 4   
ALA CB   C  N N 5   
ALA OXT  O  N N 6   
ALA H    H  N N 7   
ALA H2   H  N N 8   
ALA HA   H  N N 9   
ALA HB1  H  N N 10  
ALA HB2  H  N N 11  
ALA HB3  H  N N 12  
ALA HXT  H  N N 13  
ARG N    N  N N 14  
ARG CA   C  N S 15  
ARG C    C  N N 16  
ARG O    O  N N 17  
ARG CB   C  N N 18  
ARG CG   C  N N 19  
ARG CD   C  N N 20  
ARG NE   N  N N 21  
ARG CZ   C  N N 22  
ARG NH1  N  N N 23  
ARG NH2  N  N N 24  
ARG OXT  O  N N 25  
ARG H    H  N N 26  
ARG H2   H  N N 27  
ARG HA   H  N N 28  
ARG HB2  H  N N 29  
ARG HB3  H  N N 30  
ARG HG2  H  N N 31  
ARG HG3  H  N N 32  
ARG HD2  H  N N 33  
ARG HD3  H  N N 34  
ARG HE   H  N N 35  
ARG HH11 H  N N 36  
ARG HH12 H  N N 37  
ARG HH21 H  N N 38  
ARG HH22 H  N N 39  
ARG HXT  H  N N 40  
ASN N    N  N N 41  
ASN CA   C  N S 42  
ASN C    C  N N 43  
ASN O    O  N N 44  
ASN CB   C  N N 45  
ASN CG   C  N N 46  
ASN OD1  O  N N 47  
ASN ND2  N  N N 48  
ASN OXT  O  N N 49  
ASN H    H  N N 50  
ASN H2   H  N N 51  
ASN HA   H  N N 52  
ASN HB2  H  N N 53  
ASN HB3  H  N N 54  
ASN HD21 H  N N 55  
ASN HD22 H  N N 56  
ASN HXT  H  N N 57  
ASP N    N  N N 58  
ASP CA   C  N S 59  
ASP C    C  N N 60  
ASP O    O  N N 61  
ASP CB   C  N N 62  
ASP CG   C  N N 63  
ASP OD1  O  N N 64  
ASP OD2  O  N N 65  
ASP OXT  O  N N 66  
ASP H    H  N N 67  
ASP H2   H  N N 68  
ASP HA   H  N N 69  
ASP HB2  H  N N 70  
ASP HB3  H  N N 71  
ASP HD2  H  N N 72  
ASP HXT  H  N N 73  
CD  CD   CD N N 74  
CYS N    N  N N 75  
CYS CA   C  N R 76  
CYS C    C  N N 77  
CYS O    O  N N 78  
CYS CB   C  N N 79  
CYS SG   S  N N 80  
CYS OXT  O  N N 81  
CYS H    H  N N 82  
CYS H2   H  N N 83  
CYS HA   H  N N 84  
CYS HB2  H  N N 85  
CYS HB3  H  N N 86  
CYS HG   H  N N 87  
CYS HXT  H  N N 88  
GLN N    N  N N 89  
GLN CA   C  N S 90  
GLN C    C  N N 91  
GLN O    O  N N 92  
GLN CB   C  N N 93  
GLN CG   C  N N 94  
GLN CD   C  N N 95  
GLN OE1  O  N N 96  
GLN NE2  N  N N 97  
GLN OXT  O  N N 98  
GLN H    H  N N 99  
GLN H2   H  N N 100 
GLN HA   H  N N 101 
GLN HB2  H  N N 102 
GLN HB3  H  N N 103 
GLN HG2  H  N N 104 
GLN HG3  H  N N 105 
GLN HE21 H  N N 106 
GLN HE22 H  N N 107 
GLN HXT  H  N N 108 
GLU N    N  N N 109 
GLU CA   C  N S 110 
GLU C    C  N N 111 
GLU O    O  N N 112 
GLU CB   C  N N 113 
GLU CG   C  N N 114 
GLU CD   C  N N 115 
GLU OE1  O  N N 116 
GLU OE2  O  N N 117 
GLU OXT  O  N N 118 
GLU H    H  N N 119 
GLU H2   H  N N 120 
GLU HA   H  N N 121 
GLU HB2  H  N N 122 
GLU HB3  H  N N 123 
GLU HG2  H  N N 124 
GLU HG3  H  N N 125 
GLU HE2  H  N N 126 
GLU HXT  H  N N 127 
GLY N    N  N N 128 
GLY CA   C  N N 129 
GLY C    C  N N 130 
GLY O    O  N N 131 
GLY OXT  O  N N 132 
GLY H    H  N N 133 
GLY H2   H  N N 134 
GLY HA2  H  N N 135 
GLY HA3  H  N N 136 
GLY HXT  H  N N 137 
HIS N    N  N N 138 
HIS CA   C  N S 139 
HIS C    C  N N 140 
HIS O    O  N N 141 
HIS CB   C  N N 142 
HIS CG   C  Y N 143 
HIS ND1  N  Y N 144 
HIS CD2  C  Y N 145 
HIS CE1  C  Y N 146 
HIS NE2  N  Y N 147 
HIS OXT  O  N N 148 
HIS H    H  N N 149 
HIS H2   H  N N 150 
HIS HA   H  N N 151 
HIS HB2  H  N N 152 
HIS HB3  H  N N 153 
HIS HD1  H  N N 154 
HIS HD2  H  N N 155 
HIS HE1  H  N N 156 
HIS HE2  H  N N 157 
HIS HXT  H  N N 158 
HOH O    O  N N 159 
HOH H1   H  N N 160 
HOH H2   H  N N 161 
ILE N    N  N N 162 
ILE CA   C  N S 163 
ILE C    C  N N 164 
ILE O    O  N N 165 
ILE CB   C  N S 166 
ILE CG1  C  N N 167 
ILE CG2  C  N N 168 
ILE CD1  C  N N 169 
ILE OXT  O  N N 170 
ILE H    H  N N 171 
ILE H2   H  N N 172 
ILE HA   H  N N 173 
ILE HB   H  N N 174 
ILE HG12 H  N N 175 
ILE HG13 H  N N 176 
ILE HG21 H  N N 177 
ILE HG22 H  N N 178 
ILE HG23 H  N N 179 
ILE HD11 H  N N 180 
ILE HD12 H  N N 181 
ILE HD13 H  N N 182 
ILE HXT  H  N N 183 
LEU N    N  N N 184 
LEU CA   C  N S 185 
LEU C    C  N N 186 
LEU O    O  N N 187 
LEU CB   C  N N 188 
LEU CG   C  N N 189 
LEU CD1  C  N N 190 
LEU CD2  C  N N 191 
LEU OXT  O  N N 192 
LEU H    H  N N 193 
LEU H2   H  N N 194 
LEU HA   H  N N 195 
LEU HB2  H  N N 196 
LEU HB3  H  N N 197 
LEU HG   H  N N 198 
LEU HD11 H  N N 199 
LEU HD12 H  N N 200 
LEU HD13 H  N N 201 
LEU HD21 H  N N 202 
LEU HD22 H  N N 203 
LEU HD23 H  N N 204 
LEU HXT  H  N N 205 
LYS N    N  N N 206 
LYS CA   C  N S 207 
LYS C    C  N N 208 
LYS O    O  N N 209 
LYS CB   C  N N 210 
LYS CG   C  N N 211 
LYS CD   C  N N 212 
LYS CE   C  N N 213 
LYS NZ   N  N N 214 
LYS OXT  O  N N 215 
LYS H    H  N N 216 
LYS H2   H  N N 217 
LYS HA   H  N N 218 
LYS HB2  H  N N 219 
LYS HB3  H  N N 220 
LYS HG2  H  N N 221 
LYS HG3  H  N N 222 
LYS HD2  H  N N 223 
LYS HD3  H  N N 224 
LYS HE2  H  N N 225 
LYS HE3  H  N N 226 
LYS HZ1  H  N N 227 
LYS HZ2  H  N N 228 
LYS HZ3  H  N N 229 
LYS HXT  H  N N 230 
MET N    N  N N 231 
MET CA   C  N S 232 
MET C    C  N N 233 
MET O    O  N N 234 
MET CB   C  N N 235 
MET CG   C  N N 236 
MET SD   S  N N 237 
MET CE   C  N N 238 
MET OXT  O  N N 239 
MET H    H  N N 240 
MET H2   H  N N 241 
MET HA   H  N N 242 
MET HB2  H  N N 243 
MET HB3  H  N N 244 
MET HG2  H  N N 245 
MET HG3  H  N N 246 
MET HE1  H  N N 247 
MET HE2  H  N N 248 
MET HE3  H  N N 249 
MET HXT  H  N N 250 
NUA N1   N  Y N 251 
NUA N3   N  Y N 252 
NUA C4   C  Y N 253 
NUA C5   C  N N 254 
NUA C6   C  N N 255 
NUA C7   C  N N 256 
NUA C8   C  N N 257 
NUA C10  C  Y N 258 
NUA C1   C  N N 259 
NUA C2   C  N N 260 
NUA C3   C  Y N 261 
NUA C9   C  N N 262 
NUA N2   N  N N 263 
NUA O1   O  N N 264 
NUA H1   H  N N 265 
NUA H2   H  N N 266 
NUA H3   H  N N 267 
NUA H4   H  N N 268 
NUA H5   H  N N 269 
NUA H6   H  N N 270 
NUA H7   H  N N 271 
NUA H8   H  N N 272 
NUA H9   H  N N 273 
NUA H10  H  N N 274 
NUA H11  H  N N 275 
NUA H12  H  N N 276 
NUA H13  H  N N 277 
NUA H14  H  N N 278 
NUA H15  H  N N 279 
PHE N    N  N N 280 
PHE CA   C  N S 281 
PHE C    C  N N 282 
PHE O    O  N N 283 
PHE CB   C  N N 284 
PHE CG   C  Y N 285 
PHE CD1  C  Y N 286 
PHE CD2  C  Y N 287 
PHE CE1  C  Y N 288 
PHE CE2  C  Y N 289 
PHE CZ   C  Y N 290 
PHE OXT  O  N N 291 
PHE H    H  N N 292 
PHE H2   H  N N 293 
PHE HA   H  N N 294 
PHE HB2  H  N N 295 
PHE HB3  H  N N 296 
PHE HD1  H  N N 297 
PHE HD2  H  N N 298 
PHE HE1  H  N N 299 
PHE HE2  H  N N 300 
PHE HZ   H  N N 301 
PHE HXT  H  N N 302 
PRO N    N  N N 303 
PRO CA   C  N S 304 
PRO C    C  N N 305 
PRO O    O  N N 306 
PRO CB   C  N N 307 
PRO CG   C  N N 308 
PRO CD   C  N N 309 
PRO OXT  O  N N 310 
PRO H    H  N N 311 
PRO HA   H  N N 312 
PRO HB2  H  N N 313 
PRO HB3  H  N N 314 
PRO HG2  H  N N 315 
PRO HG3  H  N N 316 
PRO HD2  H  N N 317 
PRO HD3  H  N N 318 
PRO HXT  H  N N 319 
SER N    N  N N 320 
SER CA   C  N S 321 
SER C    C  N N 322 
SER O    O  N N 323 
SER CB   C  N N 324 
SER OG   O  N N 325 
SER OXT  O  N N 326 
SER H    H  N N 327 
SER H2   H  N N 328 
SER HA   H  N N 329 
SER HB2  H  N N 330 
SER HB3  H  N N 331 
SER HG   H  N N 332 
SER HXT  H  N N 333 
THR N    N  N N 334 
THR CA   C  N S 335 
THR C    C  N N 336 
THR O    O  N N 337 
THR CB   C  N R 338 
THR OG1  O  N N 339 
THR CG2  C  N N 340 
THR OXT  O  N N 341 
THR H    H  N N 342 
THR H2   H  N N 343 
THR HA   H  N N 344 
THR HB   H  N N 345 
THR HG1  H  N N 346 
THR HG21 H  N N 347 
THR HG22 H  N N 348 
THR HG23 H  N N 349 
THR HXT  H  N N 350 
TRP N    N  N N 351 
TRP CA   C  N S 352 
TRP C    C  N N 353 
TRP O    O  N N 354 
TRP CB   C  N N 355 
TRP CG   C  Y N 356 
TRP CD1  C  Y N 357 
TRP CD2  C  Y N 358 
TRP NE1  N  Y N 359 
TRP CE2  C  Y N 360 
TRP CE3  C  Y N 361 
TRP CZ2  C  Y N 362 
TRP CZ3  C  Y N 363 
TRP CH2  C  Y N 364 
TRP OXT  O  N N 365 
TRP H    H  N N 366 
TRP H2   H  N N 367 
TRP HA   H  N N 368 
TRP HB2  H  N N 369 
TRP HB3  H  N N 370 
TRP HD1  H  N N 371 
TRP HE1  H  N N 372 
TRP HE3  H  N N 373 
TRP HZ2  H  N N 374 
TRP HZ3  H  N N 375 
TRP HH2  H  N N 376 
TRP HXT  H  N N 377 
TYR N    N  N N 378 
TYR CA   C  N S 379 
TYR C    C  N N 380 
TYR O    O  N N 381 
TYR CB   C  N N 382 
TYR CG   C  Y N 383 
TYR CD1  C  Y N 384 
TYR CD2  C  Y N 385 
TYR CE1  C  Y N 386 
TYR CE2  C  Y N 387 
TYR CZ   C  Y N 388 
TYR OH   O  N N 389 
TYR OXT  O  N N 390 
TYR H    H  N N 391 
TYR H2   H  N N 392 
TYR HA   H  N N 393 
TYR HB2  H  N N 394 
TYR HB3  H  N N 395 
TYR HD1  H  N N 396 
TYR HD2  H  N N 397 
TYR HE1  H  N N 398 
TYR HE2  H  N N 399 
TYR HH   H  N N 400 
TYR HXT  H  N N 401 
VAL N    N  N N 402 
VAL CA   C  N S 403 
VAL C    C  N N 404 
VAL O    O  N N 405 
VAL CB   C  N N 406 
VAL CG1  C  N N 407 
VAL CG2  C  N N 408 
VAL OXT  O  N N 409 
VAL H    H  N N 410 
VAL H2   H  N N 411 
VAL HA   H  N N 412 
VAL HB   H  N N 413 
VAL HG11 H  N N 414 
VAL HG12 H  N N 415 
VAL HG13 H  N N 416 
VAL HG21 H  N N 417 
VAL HG22 H  N N 418 
VAL HG23 H  N N 419 
VAL HXT  H  N N 420 
# 
loop_
_chem_comp_bond.comp_id 
_chem_comp_bond.atom_id_1 
_chem_comp_bond.atom_id_2 
_chem_comp_bond.value_order 
_chem_comp_bond.pdbx_aromatic_flag 
_chem_comp_bond.pdbx_stereo_config 
_chem_comp_bond.pdbx_ordinal 
ALA N   CA   sing N N 1   
ALA N   H    sing N N 2   
ALA N   H2   sing N N 3   
ALA CA  C    sing N N 4   
ALA CA  CB   sing N N 5   
ALA CA  HA   sing N N 6   
ALA C   O    doub N N 7   
ALA C   OXT  sing N N 8   
ALA CB  HB1  sing N N 9   
ALA CB  HB2  sing N N 10  
ALA CB  HB3  sing N N 11  
ALA OXT HXT  sing N N 12  
ARG N   CA   sing N N 13  
ARG N   H    sing N N 14  
ARG N   H2   sing N N 15  
ARG CA  C    sing N N 16  
ARG CA  CB   sing N N 17  
ARG CA  HA   sing N N 18  
ARG C   O    doub N N 19  
ARG C   OXT  sing N N 20  
ARG CB  CG   sing N N 21  
ARG CB  HB2  sing N N 22  
ARG CB  HB3  sing N N 23  
ARG CG  CD   sing N N 24  
ARG CG  HG2  sing N N 25  
ARG CG  HG3  sing N N 26  
ARG CD  NE   sing N N 27  
ARG CD  HD2  sing N N 28  
ARG CD  HD3  sing N N 29  
ARG NE  CZ   sing N N 30  
ARG NE  HE   sing N N 31  
ARG CZ  NH1  sing N N 32  
ARG CZ  NH2  doub N N 33  
ARG NH1 HH11 sing N N 34  
ARG NH1 HH12 sing N N 35  
ARG NH2 HH21 sing N N 36  
ARG NH2 HH22 sing N N 37  
ARG OXT HXT  sing N N 38  
ASN N   CA   sing N N 39  
ASN N   H    sing N N 40  
ASN N   H2   sing N N 41  
ASN CA  C    sing N N 42  
ASN CA  CB   sing N N 43  
ASN CA  HA   sing N N 44  
ASN C   O    doub N N 45  
ASN C   OXT  sing N N 46  
ASN CB  CG   sing N N 47  
ASN CB  HB2  sing N N 48  
ASN CB  HB3  sing N N 49  
ASN CG  OD1  doub N N 50  
ASN CG  ND2  sing N N 51  
ASN ND2 HD21 sing N N 52  
ASN ND2 HD22 sing N N 53  
ASN OXT HXT  sing N N 54  
ASP N   CA   sing N N 55  
ASP N   H    sing N N 56  
ASP N   H2   sing N N 57  
ASP CA  C    sing N N 58  
ASP CA  CB   sing N N 59  
ASP CA  HA   sing N N 60  
ASP C   O    doub N N 61  
ASP C   OXT  sing N N 62  
ASP CB  CG   sing N N 63  
ASP CB  HB2  sing N N 64  
ASP CB  HB3  sing N N 65  
ASP CG  OD1  doub N N 66  
ASP CG  OD2  sing N N 67  
ASP OD2 HD2  sing N N 68  
ASP OXT HXT  sing N N 69  
CYS N   CA   sing N N 70  
CYS N   H    sing N N 71  
CYS N   H2   sing N N 72  
CYS CA  C    sing N N 73  
CYS CA  CB   sing N N 74  
CYS CA  HA   sing N N 75  
CYS C   O    doub N N 76  
CYS C   OXT  sing N N 77  
CYS CB  SG   sing N N 78  
CYS CB  HB2  sing N N 79  
CYS CB  HB3  sing N N 80  
CYS SG  HG   sing N N 81  
CYS OXT HXT  sing N N 82  
GLN N   CA   sing N N 83  
GLN N   H    sing N N 84  
GLN N   H2   sing N N 85  
GLN CA  C    sing N N 86  
GLN CA  CB   sing N N 87  
GLN CA  HA   sing N N 88  
GLN C   O    doub N N 89  
GLN C   OXT  sing N N 90  
GLN CB  CG   sing N N 91  
GLN CB  HB2  sing N N 92  
GLN CB  HB3  sing N N 93  
GLN CG  CD   sing N N 94  
GLN CG  HG2  sing N N 95  
GLN CG  HG3  sing N N 96  
GLN CD  OE1  doub N N 97  
GLN CD  NE2  sing N N 98  
GLN NE2 HE21 sing N N 99  
GLN NE2 HE22 sing N N 100 
GLN OXT HXT  sing N N 101 
GLU N   CA   sing N N 102 
GLU N   H    sing N N 103 
GLU N   H2   sing N N 104 
GLU CA  C    sing N N 105 
GLU CA  CB   sing N N 106 
GLU CA  HA   sing N N 107 
GLU C   O    doub N N 108 
GLU C   OXT  sing N N 109 
GLU CB  CG   sing N N 110 
GLU CB  HB2  sing N N 111 
GLU CB  HB3  sing N N 112 
GLU CG  CD   sing N N 113 
GLU CG  HG2  sing N N 114 
GLU CG  HG3  sing N N 115 
GLU CD  OE1  doub N N 116 
GLU CD  OE2  sing N N 117 
GLU OE2 HE2  sing N N 118 
GLU OXT HXT  sing N N 119 
GLY N   CA   sing N N 120 
GLY N   H    sing N N 121 
GLY N   H2   sing N N 122 
GLY CA  C    sing N N 123 
GLY CA  HA2  sing N N 124 
GLY CA  HA3  sing N N 125 
GLY C   O    doub N N 126 
GLY C   OXT  sing N N 127 
GLY OXT HXT  sing N N 128 
HIS N   CA   sing N N 129 
HIS N   H    sing N N 130 
HIS N   H2   sing N N 131 
HIS CA  C    sing N N 132 
HIS CA  CB   sing N N 133 
HIS CA  HA   sing N N 134 
HIS C   O    doub N N 135 
HIS C   OXT  sing N N 136 
HIS CB  CG   sing N N 137 
HIS CB  HB2  sing N N 138 
HIS CB  HB3  sing N N 139 
HIS CG  ND1  sing Y N 140 
HIS CG  CD2  doub Y N 141 
HIS ND1 CE1  doub Y N 142 
HIS ND1 HD1  sing N N 143 
HIS CD2 NE2  sing Y N 144 
HIS CD2 HD2  sing N N 145 
HIS CE1 NE2  sing Y N 146 
HIS CE1 HE1  sing N N 147 
HIS NE2 HE2  sing N N 148 
HIS OXT HXT  sing N N 149 
HOH O   H1   sing N N 150 
HOH O   H2   sing N N 151 
ILE N   CA   sing N N 152 
ILE N   H    sing N N 153 
ILE N   H2   sing N N 154 
ILE CA  C    sing N N 155 
ILE CA  CB   sing N N 156 
ILE CA  HA   sing N N 157 
ILE C   O    doub N N 158 
ILE C   OXT  sing N N 159 
ILE CB  CG1  sing N N 160 
ILE CB  CG2  sing N N 161 
ILE CB  HB   sing N N 162 
ILE CG1 CD1  sing N N 163 
ILE CG1 HG12 sing N N 164 
ILE CG1 HG13 sing N N 165 
ILE CG2 HG21 sing N N 166 
ILE CG2 HG22 sing N N 167 
ILE CG2 HG23 sing N N 168 
ILE CD1 HD11 sing N N 169 
ILE CD1 HD12 sing N N 170 
ILE CD1 HD13 sing N N 171 
ILE OXT HXT  sing N N 172 
LEU N   CA   sing N N 173 
LEU N   H    sing N N 174 
LEU N   H2   sing N N 175 
LEU CA  C    sing N N 176 
LEU CA  CB   sing N N 177 
LEU CA  HA   sing N N 178 
LEU C   O    doub N N 179 
LEU C   OXT  sing N N 180 
LEU CB  CG   sing N N 181 
LEU CB  HB2  sing N N 182 
LEU CB  HB3  sing N N 183 
LEU CG  CD1  sing N N 184 
LEU CG  CD2  sing N N 185 
LEU CG  HG   sing N N 186 
LEU CD1 HD11 sing N N 187 
LEU CD1 HD12 sing N N 188 
LEU CD1 HD13 sing N N 189 
LEU CD2 HD21 sing N N 190 
LEU CD2 HD22 sing N N 191 
LEU CD2 HD23 sing N N 192 
LEU OXT HXT  sing N N 193 
LYS N   CA   sing N N 194 
LYS N   H    sing N N 195 
LYS N   H2   sing N N 196 
LYS CA  C    sing N N 197 
LYS CA  CB   sing N N 198 
LYS CA  HA   sing N N 199 
LYS C   O    doub N N 200 
LYS C   OXT  sing N N 201 
LYS CB  CG   sing N N 202 
LYS CB  HB2  sing N N 203 
LYS CB  HB3  sing N N 204 
LYS CG  CD   sing N N 205 
LYS CG  HG2  sing N N 206 
LYS CG  HG3  sing N N 207 
LYS CD  CE   sing N N 208 
LYS CD  HD2  sing N N 209 
LYS CD  HD3  sing N N 210 
LYS CE  NZ   sing N N 211 
LYS CE  HE2  sing N N 212 
LYS CE  HE3  sing N N 213 
LYS NZ  HZ1  sing N N 214 
LYS NZ  HZ2  sing N N 215 
LYS NZ  HZ3  sing N N 216 
LYS OXT HXT  sing N N 217 
MET N   CA   sing N N 218 
MET N   H    sing N N 219 
MET N   H2   sing N N 220 
MET CA  C    sing N N 221 
MET CA  CB   sing N N 222 
MET CA  HA   sing N N 223 
MET C   O    doub N N 224 
MET C   OXT  sing N N 225 
MET CB  CG   sing N N 226 
MET CB  HB2  sing N N 227 
MET CB  HB3  sing N N 228 
MET CG  SD   sing N N 229 
MET CG  HG2  sing N N 230 
MET CG  HG3  sing N N 231 
MET SD  CE   sing N N 232 
MET CE  HE1  sing N N 233 
MET CE  HE2  sing N N 234 
MET CE  HE3  sing N N 235 
MET OXT HXT  sing N N 236 
NUA C9  C6   sing N N 237 
NUA C9  C8   sing N N 238 
NUA C6  C5   sing N N 239 
NUA C6  C7   sing N N 240 
NUA C8  C7   sing N N 241 
NUA N2  C5   sing N N 242 
NUA N2  C4   sing N N 243 
NUA C10 C4   sing Y N 244 
NUA C10 N3   doub Y N 245 
NUA C5  O1   doub N N 246 
NUA C4  C3   doub Y N 247 
NUA N3  N1   sing Y N 248 
NUA C3  N1   sing Y N 249 
NUA N1  C2   sing N N 250 
NUA C2  C1   sing N N 251 
NUA C6  H1   sing N N 252 
NUA C7  H2   sing N N 253 
NUA C7  H3   sing N N 254 
NUA C8  H4   sing N N 255 
NUA C8  H5   sing N N 256 
NUA C10 H6   sing N N 257 
NUA C1  H7   sing N N 258 
NUA C1  H8   sing N N 259 
NUA C1  H9   sing N N 260 
NUA C2  H10  sing N N 261 
NUA C2  H11  sing N N 262 
NUA C3  H12  sing N N 263 
NUA C9  H13  sing N N 264 
NUA C9  H14  sing N N 265 
NUA N2  H15  sing N N 266 
PHE N   CA   sing N N 267 
PHE N   H    sing N N 268 
PHE N   H2   sing N N 269 
PHE CA  C    sing N N 270 
PHE CA  CB   sing N N 271 
PHE CA  HA   sing N N 272 
PHE C   O    doub N N 273 
PHE C   OXT  sing N N 274 
PHE CB  CG   sing N N 275 
PHE CB  HB2  sing N N 276 
PHE CB  HB3  sing N N 277 
PHE CG  CD1  doub Y N 278 
PHE CG  CD2  sing Y N 279 
PHE CD1 CE1  sing Y N 280 
PHE CD1 HD1  sing N N 281 
PHE CD2 CE2  doub Y N 282 
PHE CD2 HD2  sing N N 283 
PHE CE1 CZ   doub Y N 284 
PHE CE1 HE1  sing N N 285 
PHE CE2 CZ   sing Y N 286 
PHE CE2 HE2  sing N N 287 
PHE CZ  HZ   sing N N 288 
PHE OXT HXT  sing N N 289 
PRO N   CA   sing N N 290 
PRO N   CD   sing N N 291 
PRO N   H    sing N N 292 
PRO CA  C    sing N N 293 
PRO CA  CB   sing N N 294 
PRO CA  HA   sing N N 295 
PRO C   O    doub N N 296 
PRO C   OXT  sing N N 297 
PRO CB  CG   sing N N 298 
PRO CB  HB2  sing N N 299 
PRO CB  HB3  sing N N 300 
PRO CG  CD   sing N N 301 
PRO CG  HG2  sing N N 302 
PRO CG  HG3  sing N N 303 
PRO CD  HD2  sing N N 304 
PRO CD  HD3  sing N N 305 
PRO OXT HXT  sing N N 306 
SER N   CA   sing N N 307 
SER N   H    sing N N 308 
SER N   H2   sing N N 309 
SER CA  C    sing N N 310 
SER CA  CB   sing N N 311 
SER CA  HA   sing N N 312 
SER C   O    doub N N 313 
SER C   OXT  sing N N 314 
SER CB  OG   sing N N 315 
SER CB  HB2  sing N N 316 
SER CB  HB3  sing N N 317 
SER OG  HG   sing N N 318 
SER OXT HXT  sing N N 319 
THR N   CA   sing N N 320 
THR N   H    sing N N 321 
THR N   H2   sing N N 322 
THR CA  C    sing N N 323 
THR CA  CB   sing N N 324 
THR CA  HA   sing N N 325 
THR C   O    doub N N 326 
THR C   OXT  sing N N 327 
THR CB  OG1  sing N N 328 
THR CB  CG2  sing N N 329 
THR CB  HB   sing N N 330 
THR OG1 HG1  sing N N 331 
THR CG2 HG21 sing N N 332 
THR CG2 HG22 sing N N 333 
THR CG2 HG23 sing N N 334 
THR OXT HXT  sing N N 335 
TRP N   CA   sing N N 336 
TRP N   H    sing N N 337 
TRP N   H2   sing N N 338 
TRP CA  C    sing N N 339 
TRP CA  CB   sing N N 340 
TRP CA  HA   sing N N 341 
TRP C   O    doub N N 342 
TRP C   OXT  sing N N 343 
TRP CB  CG   sing N N 344 
TRP CB  HB2  sing N N 345 
TRP CB  HB3  sing N N 346 
TRP CG  CD1  doub Y N 347 
TRP CG  CD2  sing Y N 348 
TRP CD1 NE1  sing Y N 349 
TRP CD1 HD1  sing N N 350 
TRP CD2 CE2  doub Y N 351 
TRP CD2 CE3  sing Y N 352 
TRP NE1 CE2  sing Y N 353 
TRP NE1 HE1  sing N N 354 
TRP CE2 CZ2  sing Y N 355 
TRP CE3 CZ3  doub Y N 356 
TRP CE3 HE3  sing N N 357 
TRP CZ2 CH2  doub Y N 358 
TRP CZ2 HZ2  sing N N 359 
TRP CZ3 CH2  sing Y N 360 
TRP CZ3 HZ3  sing N N 361 
TRP CH2 HH2  sing N N 362 
TRP OXT HXT  sing N N 363 
TYR N   CA   sing N N 364 
TYR N   H    sing N N 365 
TYR N   H2   sing N N 366 
TYR CA  C    sing N N 367 
TYR CA  CB   sing N N 368 
TYR CA  HA   sing N N 369 
TYR C   O    doub N N 370 
TYR C   OXT  sing N N 371 
TYR CB  CG   sing N N 372 
TYR CB  HB2  sing N N 373 
TYR CB  HB3  sing N N 374 
TYR CG  CD1  doub Y N 375 
TYR CG  CD2  sing Y N 376 
TYR CD1 CE1  sing Y N 377 
TYR CD1 HD1  sing N N 378 
TYR CD2 CE2  doub Y N 379 
TYR CD2 HD2  sing N N 380 
TYR CE1 CZ   doub Y N 381 
TYR CE1 HE1  sing N N 382 
TYR CE2 CZ   sing Y N 383 
TYR CE2 HE2  sing N N 384 
TYR CZ  OH   sing N N 385 
TYR OH  HH   sing N N 386 
TYR OXT HXT  sing N N 387 
VAL N   CA   sing N N 388 
VAL N   H    sing N N 389 
VAL N   H2   sing N N 390 
VAL CA  C    sing N N 391 
VAL CA  CB   sing N N 392 
VAL CA  HA   sing N N 393 
VAL C   O    doub N N 394 
VAL C   OXT  sing N N 395 
VAL CB  CG1  sing N N 396 
VAL CB  CG2  sing N N 397 
VAL CB  HB   sing N N 398 
VAL CG1 HG11 sing N N 399 
VAL CG1 HG12 sing N N 400 
VAL CG1 HG13 sing N N 401 
VAL CG2 HG21 sing N N 402 
VAL CG2 HG22 sing N N 403 
VAL CG2 HG23 sing N N 404 
VAL OXT HXT  sing N N 405 
# 
_pdbx_deposit_group.group_id            G_1002080 
_pdbx_deposit_group.group_description   
;Human Brachyury screened against the DSI-poised Fragment Library by X-ray Crystallography at the XChem facility of Diamond Light Source beamline I04-1
;
_pdbx_deposit_group.group_title         'PanDDA analysis group deposition' 
_pdbx_deposit_group.group_type          'changed state' 
# 
_pdbx_entity_instance_feature.ordinal        1 
_pdbx_entity_instance_feature.comp_id        NUA 
_pdbx_entity_instance_feature.asym_id        ? 
_pdbx_entity_instance_feature.seq_num        ? 
_pdbx_entity_instance_feature.auth_comp_id   NUA 
_pdbx_entity_instance_feature.auth_asym_id   ? 
_pdbx_entity_instance_feature.auth_seq_num   ? 
_pdbx_entity_instance_feature.feature_type   'SUBJECT OF INVESTIGATION' 
_pdbx_entity_instance_feature.details        ? 
# 
_atom_sites.entry_id                    5QRF 
_atom_sites.fract_transf_matrix[1][1]   0.00170112 
_atom_sites.fract_transf_matrix[1][2]   0.01114825 
_atom_sites.fract_transf_matrix[1][3]   -0.01224929 
_atom_sites.fract_transf_matrix[2][1]   0.01473642 
_atom_sites.fract_transf_matrix[2][2]   0.00460241 
_atom_sites.fract_transf_matrix[2][3]   0.00623525 
_atom_sites.fract_transf_matrix[3][1]   0.00411874 
_atom_sites.fract_transf_matrix[3][2]   -0.00625287 
_atom_sites.fract_transf_matrix[3][3]   -0.00511883 
_atom_sites.fract_transf_vector[1]      0.344390 
_atom_sites.fract_transf_vector[2]      -0.021004 
_atom_sites.fract_transf_vector[3]      0.060075 
# 
loop_
_atom_type.symbol 
C  
CD 
N  
O  
S  
# 
loop_
_atom_site.group_PDB 
_atom_site.id 
_atom_site.type_symbol 
_atom_site.label_atom_id 
_atom_site.label_alt_id 
_atom_site.label_comp_id 
_atom_site.label_asym_id 
_atom_site.label_entity_id 
_atom_site.label_seq_id 
_atom_site.pdbx_PDB_ins_code 
_atom_site.Cartn_x 
_atom_site.Cartn_y 
_atom_site.Cartn_z 
_atom_site.occupancy 
_atom_site.B_iso_or_equiv 
_atom_site.pdbx_formal_charge 
_atom_site.auth_seq_id 
_atom_site.auth_comp_id 
_atom_site.auth_asym_id 
_atom_site.auth_atom_id 
_atom_site.pdbx_PDB_model_num 
ATOM   1    N  N   . GLU A 1 2   ? -7.007  2.627   -23.452 1.00 76.06  ? 41  GLU A N   1 
ATOM   2    C  CA  . GLU A 1 2   ? -6.673  3.424   -22.229 1.00 74.72  ? 41  GLU A CA  1 
ATOM   3    C  C   . GLU A 1 2   ? -6.249  2.449   -21.118 1.00 67.76  ? 41  GLU A C   1 
ATOM   4    O  O   . GLU A 1 2   ? -6.925  1.413   -20.923 1.00 62.15  ? 41  GLU A O   1 
ATOM   5    C  CB  . GLU A 1 2   ? -7.858  4.317   -21.817 1.00 81.04  ? 41  GLU A CB  1 
ATOM   6    C  CG  . GLU A 1 2   ? -7.486  5.752   -21.429 1.00 82.18  ? 41  GLU A CG  1 
ATOM   7    C  CD  . GLU A 1 2   ? -7.377  6.763   -22.570 1.00 93.74  ? 41  GLU A CD  1 
ATOM   8    O  OE1 . GLU A 1 2   ? -7.945  7.882   -22.450 1.00 91.36  ? 41  GLU A OE1 1 
ATOM   9    O  OE2 . GLU A 1 2   ? -6.703  6.448   -23.573 1.00 99.25  ? 41  GLU A OE2 1 
ATOM   10   N  N   . LEU A 1 3   ? -5.154  2.767   -20.431 1.00 61.94  ? 42  LEU A N   1 
ATOM   11   C  CA  . LEU A 1 3   ? -4.628  1.996   -19.273 1.00 62.41  ? 42  LEU A CA  1 
ATOM   12   C  C   . LEU A 1 3   ? -5.589  2.126   -18.084 1.00 57.99  ? 42  LEU A C   1 
ATOM   13   O  O   . LEU A 1 3   ? -5.698  3.229   -17.568 1.00 54.02  ? 42  LEU A O   1 
ATOM   14   C  CB  . LEU A 1 3   ? -3.240  2.544   -18.932 1.00 61.97  ? 42  LEU A CB  1 
ATOM   15   C  CG  . LEU A 1 3   ? -2.563  1.939   -17.705 1.00 64.81  ? 42  LEU A CG  1 
ATOM   16   C  CD1 . LEU A 1 3   ? -2.902  0.467   -17.545 1.00 67.34  ? 42  LEU A CD1 1 
ATOM   17   C  CD2 . LEU A 1 3   ? -1.056  2.125   -17.802 1.00 68.57  ? 42  LEU A CD2 1 
ATOM   18   N  N   . ARG A 1 4   ? -6.253  1.036   -17.684 1.00 51.65  ? 43  ARG A N   1 
ATOM   19   C  CA  . ARG A 1 4   ? -7.273  1.021   -16.603 1.00 50.82  ? 43  ARG A CA  1 
ATOM   20   C  C   . ARG A 1 4   ? -6.723  0.244   -15.391 1.00 56.14  ? 43  ARG A C   1 
ATOM   21   O  O   . ARG A 1 4   ? -6.353  -0.954  -15.543 1.00 52.01  ? 43  ARG A O   1 
ATOM   22   C  CB  . ARG A 1 4   ? -8.593  0.466   -17.151 1.00 44.67  ? 43  ARG A CB  1 
ATOM   23   N  N   . VAL A 1 5   ? -6.663  0.911   -14.230 1.00 57.10  ? 44  VAL A N   1 
ATOM   24   C  CA  . VAL A 1 5   ? -6.179  0.351   -12.930 1.00 53.46  ? 44  VAL A CA  1 
ATOM   25   C  C   . VAL A 1 5   ? -7.336  0.308   -11.927 1.00 55.64  ? 44  VAL A C   1 
ATOM   26   O  O   . VAL A 1 5   ? -7.791  1.396   -11.526 1.00 59.49  ? 44  VAL A O   1 
ATOM   27   C  CB  . VAL A 1 5   ? -5.022  1.176   -12.330 1.00 53.38  ? 44  VAL A CB  1 
ATOM   28   C  CG1 . VAL A 1 5   ? -4.596  0.621   -10.971 1.00 49.67  ? 44  VAL A CG1 1 
ATOM   29   C  CG2 . VAL A 1 5   ? -3.828  1.265   -13.261 1.00 53.12  ? 44  VAL A CG2 1 
ATOM   30   N  N   . GLY A 1 6   ? -7.704  -0.884  -11.451 1.00 52.14  ? 45  GLY A N   1 
ATOM   31   C  CA  . GLY A 1 6   ? -8.764  -1.080  -10.443 1.00 52.33  ? 45  GLY A CA  1 
ATOM   32   C  C   . GLY A 1 6   ? -8.309  -1.900  -9.243  1.00 50.08  ? 45  GLY A C   1 
ATOM   33   O  O   . GLY A 1 6   ? -7.331  -2.675  -9.359  1.00 49.89  ? 45  GLY A O   1 
ATOM   34   N  N   . LEU A 1 7   ? -9.037  -1.768  -8.133  1.00 47.53  ? 46  LEU A N   1 
ATOM   35   C  CA  . LEU A 1 7   ? -8.740  -2.445  -6.849  1.00 48.33  ? 46  LEU A CA  1 
ATOM   36   C  C   . LEU A 1 7   ? -9.546  -3.742  -6.763  1.00 46.30  ? 46  LEU A C   1 
ATOM   37   O  O   . LEU A 1 7   ? -10.785 -3.685  -6.865  1.00 53.54  ? 46  LEU A O   1 
ATOM   38   C  CB  . LEU A 1 7   ? -9.076  -1.490  -5.700  1.00 49.34  ? 46  LEU A CB  1 
ATOM   39   C  CG  . LEU A 1 7   ? -8.828  -2.048  -4.303  1.00 42.89  ? 46  LEU A CG  1 
ATOM   40   C  CD1 . LEU A 1 7   ? -7.365  -2.369  -4.103  1.00 40.80  ? 46  LEU A CD1 1 
ATOM   41   C  CD2 . LEU A 1 7   ? -9.313  -1.077  -3.256  1.00 43.82  ? 46  LEU A CD2 1 
ATOM   42   N  N   . GLU A 1 8   ? -8.862  -4.878  -6.629  1.00 44.16  ? 47  GLU A N   1 
ATOM   43   C  CA  . GLU A 1 8   ? -9.522  -6.191  -6.445  1.00 47.18  ? 47  GLU A CA  1 
ATOM   44   C  C   . GLU A 1 8   ? -9.987  -6.209  -4.986  1.00 48.59  ? 47  GLU A C   1 
ATOM   45   O  O   . GLU A 1 8   ? -9.252  -5.656  -4.133  1.00 43.41  ? 47  GLU A O   1 
ATOM   46   C  CB  . GLU A 1 8   ? -8.561  -7.311  -6.857  1.00 53.00  ? 47  GLU A CB  1 
ATOM   47   C  CG  . GLU A 1 8   ? -9.085  -8.720  -6.607  1.00 60.65  ? 47  GLU A CG  1 
ATOM   48   C  CD  . GLU A 1 8   ? -10.090 -9.245  -7.625  1.00 64.54  ? 47  GLU A CD  1 
ATOM   49   O  OE1 . GLU A 1 8   ? -10.545 -8.446  -8.463  1.00 63.51  ? 47  GLU A OE1 1 
ATOM   50   O  OE2 . GLU A 1 8   ? -10.413 -10.461 -7.582  1.00 73.95  ? 47  GLU A OE2 1 
ATOM   51   N  N   . GLU A 1 9   ? -11.191 -6.733  -4.728  1.00 46.78  ? 48  GLU A N   1 
ATOM   52   C  CA  . GLU A 1 9   ? -11.782 -6.896  -3.369  1.00 49.99  ? 48  GLU A CA  1 
ATOM   53   C  C   . GLU A 1 9   ? -12.026 -5.530  -2.712  1.00 49.14  ? 48  GLU A C   1 
ATOM   54   O  O   . GLU A 1 9   ? -11.774 -5.402  -1.479  1.00 46.94  ? 48  GLU A O   1 
ATOM   55   C  CB  . GLU A 1 9   ? -10.865 -7.728  -2.470  1.00 54.54  ? 48  GLU A CB  1 
ATOM   56   C  CG  . GLU A 1 9   ? -10.656 -9.159  -2.935  1.00 59.49  ? 48  GLU A CG  1 
ATOM   57   C  CD  . GLU A 1 9   ? -9.667  -9.931  -2.078  1.00 65.21  ? 48  GLU A CD  1 
ATOM   58   O  OE1 . GLU A 1 9   ? -9.674  -9.735  -0.849  1.00 77.74  ? 48  GLU A OE1 1 
ATOM   59   O  OE2 . GLU A 1 9   ? -8.869  -10.700 -2.639  1.00 70.16  ? 48  GLU A OE2 1 
ATOM   60   N  N   . SER A 1 10  ? -12.552 -4.540  -3.443  1.00 44.70  ? 49  SER A N   1 
ATOM   61   C  CA  . SER A 1 10  ? -12.764 -3.189  -2.864  1.00 47.89  ? 49  SER A CA  1 
ATOM   62   C  C   . SER A 1 10  ? -13.759 -3.288  -1.703  1.00 44.94  ? 49  SER A C   1 
ATOM   63   O  O   . SER A 1 10  ? -13.502 -2.641  -0.679  1.00 50.01  ? 49  SER A O   1 
ATOM   64   C  CB  . SER A 1 10  ? -13.149 -2.135  -3.890  1.00 46.53  ? 49  SER A CB  1 
ATOM   65   O  OG  . SER A 1 10  ? -14.336 -2.499  -4.556  1.00 52.41  ? 49  SER A OG  1 
ATOM   66   N  N   . GLU A 1 11  ? -14.810 -4.103  -1.824  1.00 44.98  ? 50  GLU A N   1 
ATOM   67   C  CA  . GLU A 1 11  ? -15.882 -4.196  -0.792  1.00 53.19  ? 50  GLU A CA  1 
ATOM   68   C  C   . GLU A 1 11  ? -15.283 -4.629  0.560   1.00 50.26  ? 50  GLU A C   1 
ATOM   69   O  O   . GLU A 1 11  ? -15.779 -4.137  1.593   1.00 52.75  ? 50  GLU A O   1 
ATOM   70   C  CB  . GLU A 1 11  ? -17.033 -5.098  -1.249  1.00 54.83  ? 50  GLU A CB  1 
ATOM   71   C  CG  . GLU A 1 11  ? -16.790 -6.571  -1.029  1.00 62.96  ? 50  GLU A CG  1 
ATOM   72   C  CD  . GLU A 1 11  ? -17.137 -7.104  0.357   1.00 64.98  ? 50  GLU A CD  1 
ATOM   73   O  OE1 . GLU A 1 11  ? -16.374 -7.953  0.850   1.00 67.03  ? 50  GLU A OE1 1 
ATOM   74   O  OE2 . GLU A 1 11  ? -18.178 -6.689  0.936   1.00 64.02  ? 50  GLU A OE2 1 
ATOM   75   N  N   . LEU A 1 12  ? -14.231 -5.454  0.569   1.00 44.19  ? 51  LEU A N   1 
ATOM   76   C  CA  . LEU A 1 12  ? -13.552 -5.894  1.827   1.00 50.53  ? 51  LEU A CA  1 
ATOM   77   C  C   . LEU A 1 12  ? -12.723 -4.743  2.418   1.00 47.58  ? 51  LEU A C   1 
ATOM   78   O  O   . LEU A 1 12  ? -12.763 -4.506  3.651   1.00 44.54  ? 51  LEU A O   1 
ATOM   79   C  CB  . LEU A 1 12  ? -12.630 -7.084  1.546   1.00 50.83  ? 51  LEU A CB  1 
ATOM   80   C  CG  . LEU A 1 12  ? -11.861 -7.590  2.772   1.00 53.82  ? 51  LEU A CG  1 
ATOM   81   C  CD1 . LEU A 1 12  ? -12.814 -7.977  3.900   1.00 51.79  ? 51  LEU A CD1 1 
ATOM   82   C  CD2 . LEU A 1 12  ? -10.956 -8.753  2.421   1.00 53.99  ? 51  LEU A CD2 1 
ATOM   83   N  N   . TRP A 1 13  ? -11.922 -4.107  1.572   1.00 43.23  ? 52  TRP A N   1 
ATOM   84   C  CA  . TRP A 1 13  ? -11.109 -2.930  1.945   1.00 41.43  ? 52  TRP A CA  1 
ATOM   85   C  C   . TRP A 1 13  ? -12.020 -1.856  2.544   1.00 43.54  ? 52  TRP A C   1 
ATOM   86   O  O   . TRP A 1 13  ? -11.589 -1.197  3.503   1.00 41.46  ? 52  TRP A O   1 
ATOM   87   C  CB  . TRP A 1 13  ? -10.356 -2.404  0.732   1.00 36.73  ? 52  TRP A CB  1 
ATOM   88   C  CG  . TRP A 1 13  ? -9.064  -3.092  0.437   1.00 33.67  ? 52  TRP A CG  1 
ATOM   89   C  CD1 . TRP A 1 13  ? -8.815  -3.924  -0.606  1.00 32.59  ? 52  TRP A CD1 1 
ATOM   90   C  CD2 . TRP A 1 13  ? -7.806  -2.916  1.127   1.00 31.77  ? 52  TRP A CD2 1 
ATOM   91   N  NE1 . TRP A 1 13  ? -7.500  -4.314  -0.590  1.00 35.34  ? 52  TRP A NE1 1 
ATOM   92   C  CE2 . TRP A 1 13  ? -6.859  -3.719  0.462   1.00 31.98  ? 52  TRP A CE2 1 
ATOM   93   C  CE3 . TRP A 1 13  ? -7.395  -2.194  2.249   1.00 30.47  ? 52  TRP A CE3 1 
ATOM   94   C  CZ2 . TRP A 1 13  ? -5.523  -3.776  0.853   1.00 32.70  ? 52  TRP A CZ2 1 
ATOM   95   C  CZ3 . TRP A 1 13  ? -6.077  -2.257  2.648   1.00 31.27  ? 52  TRP A CZ3 1 
ATOM   96   C  CH2 . TRP A 1 13  ? -5.153  -3.038  1.952   1.00 34.06  ? 52  TRP A CH2 1 
ATOM   97   N  N   . LEU A 1 14  ? -13.228 -1.689  1.999   1.00 43.83  ? 53  LEU A N   1 
ATOM   98   C  CA  . LEU A 1 14  ? -14.188 -0.661  2.488   1.00 48.40  ? 53  LEU A CA  1 
ATOM   99   C  C   . LEU A 1 14  ? -14.673 -1.020  3.901   1.00 49.10  ? 53  LEU A C   1 
ATOM   100  O  O   . LEU A 1 14  ? -14.871 -0.073  4.700   1.00 48.08  ? 53  LEU A O   1 
ATOM   101  C  CB  . LEU A 1 14  ? -15.336 -0.488  1.483   1.00 48.99  ? 53  LEU A CB  1 
ATOM   102  C  CG  . LEU A 1 14  ? -15.276 0.738   0.557   1.00 58.00  ? 53  LEU A CG  1 
ATOM   103  C  CD1 . LEU A 1 14  ? -13.905 1.425   0.527   1.00 58.60  ? 53  LEU A CD1 1 
ATOM   104  C  CD2 . LEU A 1 14  ? -15.699 0.376   -0.859  1.00 55.68  ? 53  LEU A CD2 1 
ATOM   105  N  N   . ARG A 1 15  ? -14.816 -2.312  4.234   1.00 49.34  ? 54  ARG A N   1 
ATOM   106  C  CA  . ARG A 1 15  ? -15.152 -2.734  5.622   1.00 49.52  ? 54  ARG A CA  1 
ATOM   107  C  C   . ARG A 1 15  ? -14.055 -2.219  6.567   1.00 44.73  ? 54  ARG A C   1 
ATOM   108  O  O   . ARG A 1 15  ? -14.389 -1.672  7.629   1.00 47.23  ? 54  ARG A O   1 
ATOM   109  C  CB  . ARG A 1 15  ? -15.257 -4.254  5.782   1.00 58.88  ? 54  ARG A CB  1 
ATOM   110  C  CG  . ARG A 1 15  ? -16.182 -4.950  4.791   1.00 69.91  ? 54  ARG A CG  1 
ATOM   111  C  CD  . ARG A 1 15  ? -17.585 -5.155  5.312   1.00 72.17  ? 54  ARG A CD  1 
ATOM   112  N  NE  . ARG A 1 15  ? -17.664 -6.178  6.344   1.00 75.59  ? 54  ARG A NE  1 
ATOM   113  C  CZ  . ARG A 1 15  ? -17.693 -7.488  6.123   1.00 75.90  ? 54  ARG A CZ  1 
ATOM   114  N  NH1 . ARG A 1 15  ? -17.615 -7.973  4.895   1.00 77.55  ? 54  ARG A NH1 1 
ATOM   115  N  NH2 . ARG A 1 15  ? -17.783 -8.314  7.148   1.00 79.92  ? 54  ARG A NH2 1 
ATOM   116  N  N   . PHE A 1 16  ? -12.782 -2.414  6.224   1.00 37.02  ? 55  PHE A N   1 
ATOM   117  C  CA  . PHE A 1 16  ? -11.641 -1.969  7.070   1.00 37.68  ? 55  PHE A CA  1 
ATOM   118  C  C   . PHE A 1 16  ? -11.647 -0.451  7.144   1.00 40.11  ? 55  PHE A C   1 
ATOM   119  O  O   . PHE A 1 16  ? -11.578 0.121   8.266   1.00 36.83  ? 55  PHE A O   1 
ATOM   120  C  CB  . PHE A 1 16  ? -10.315 -2.499  6.534   1.00 37.69  ? 55  PHE A CB  1 
ATOM   121  C  CG  . PHE A 1 16  ? -10.128 -3.962  6.807   1.00 38.97  ? 55  PHE A CG  1 
ATOM   122  C  CD1 . PHE A 1 16  ? -9.556  -4.382  7.993   1.00 40.15  ? 55  PHE A CD1 1 
ATOM   123  C  CD2 . PHE A 1 16  ? -10.599 -4.913  5.923   1.00 38.45  ? 55  PHE A CD2 1 
ATOM   124  C  CE1 . PHE A 1 16  ? -9.400  -5.734  8.255   1.00 39.17  ? 55  PHE A CE1 1 
ATOM   125  C  CE2 . PHE A 1 16  ? -10.425 -6.262  6.174   1.00 35.57  ? 55  PHE A CE2 1 
ATOM   126  C  CZ  . PHE A 1 16  ? -9.838  -6.667  7.346   1.00 40.26  ? 55  PHE A CZ  1 
ATOM   127  N  N   . LYS A 1 17  ? -11.756 0.189   5.973   1.00 37.89  ? 56  LYS A N   1 
ATOM   128  C  CA  . LYS A 1 17  ? -11.715 1.665   5.879   1.00 42.36  ? 56  LYS A CA  1 
ATOM   129  C  C   . LYS A 1 17  ? -12.820 2.266   6.750   1.00 38.88  ? 56  LYS A C   1 
ATOM   130  O  O   . LYS A 1 17  ? -12.524 3.250   7.424   1.00 43.46  ? 56  LYS A O   1 
ATOM   131  C  CB  . LYS A 1 17  ? -11.819 2.201   4.444   1.00 42.86  ? 56  LYS A CB  1 
ATOM   132  C  CG  . LYS A 1 17  ? -11.828 3.719   4.409   1.00 45.46  ? 56  LYS A CG  1 
ATOM   133  C  CD  . LYS A 1 17  ? -11.265 4.351   3.183   1.00 54.17  ? 56  LYS A CD  1 
ATOM   134  C  CE  . LYS A 1 17  ? -11.241 5.856   3.317   1.00 51.78  ? 56  LYS A CE  1 
ATOM   135  N  NZ  . LYS A 1 17  ? -11.140 6.478   1.981   1.00 59.21  ? 56  LYS A NZ  1 
ATOM   136  N  N   . GLU A 1 18  ? -14.045 1.738   6.752   1.00 45.11  ? 57  GLU A N   1 
ATOM   137  C  CA  . GLU A 1 18  ? -15.132 2.410   7.522   1.00 48.75  ? 57  GLU A CA  1 
ATOM   138  C  C   . GLU A 1 18  ? -14.848 2.331   9.033   1.00 46.71  ? 57  GLU A C   1 
ATOM   139  O  O   . GLU A 1 18  ? -15.414 3.155   9.740   1.00 51.69  ? 57  GLU A O   1 
ATOM   140  C  CB  . GLU A 1 18  ? -16.525 1.949   7.103   1.00 54.93  ? 57  GLU A CB  1 
ATOM   141  C  CG  . GLU A 1 18  ? -16.839 0.491   7.329   1.00 68.20  ? 57  GLU A CG  1 
ATOM   142  C  CD  . GLU A 1 18  ? -18.083 0.024   6.580   1.00 76.44  ? 57  GLU A CD  1 
ATOM   143  O  OE1 . GLU A 1 18  ? -18.536 0.761   5.667   1.00 78.63  ? 57  GLU A OE1 1 
ATOM   144  O  OE2 . GLU A 1 18  ? -18.594 -1.081  6.893   1.00 64.08  ? 57  GLU A OE2 1 
ATOM   145  N  N   . LEU A 1 19  ? -13.906 1.500   9.503   1.00 48.03  ? 58  LEU A N   1 
ATOM   146  C  CA  . LEU A 1 19  ? -13.522 1.415   10.949  1.00 46.67  ? 58  LEU A CA  1 
ATOM   147  C  C   . LEU A 1 19  ? -12.211 2.151   11.208  1.00 43.04  ? 58  LEU A C   1 
ATOM   148  O  O   . LEU A 1 19  ? -11.750 2.110   12.366  1.00 39.58  ? 58  LEU A O   1 
ATOM   149  C  CB  . LEU A 1 19  ? -13.349 -0.050  11.366  1.00 47.87  ? 58  LEU A CB  1 
ATOM   150  C  CG  . LEU A 1 19  ? -14.471 -1.009  10.974  1.00 48.64  ? 58  LEU A CG  1 
ATOM   151  C  CD1 . LEU A 1 19  ? -14.004 -2.454  11.107  1.00 52.99  ? 58  LEU A CD1 1 
ATOM   152  C  CD2 . LEU A 1 19  ? -15.721 -0.772  11.802  1.00 47.65  ? 58  LEU A CD2 1 
ATOM   153  N  N   . THR A 1 20  ? -11.597 2.738   10.172  1.00 38.43  ? 59  THR A N   1 
ATOM   154  C  CA  . THR A 1 20  ? -10.190 3.217   10.187  1.00 36.68  ? 59  THR A CA  1 
ATOM   155  C  C   . THR A 1 20  ? -9.216  2.029   10.226  1.00 42.18  ? 59  THR A C   1 
ATOM   156  O  O   . THR A 1 20  ? -9.054  1.372   11.295  1.00 41.07  ? 59  THR A O   1 
ATOM   157  C  CB  . THR A 1 20  ? -9.926  4.164   11.354  1.00 37.87  ? 59  THR A CB  1 
ATOM   158  O  OG1 . THR A 1 20  ? -10.989 5.114   11.430  1.00 42.91  ? 59  THR A OG1 1 
ATOM   159  C  CG2 . THR A 1 20  ? -8.597  4.862   11.231  1.00 39.10  ? 59  THR A CG2 1 
ATOM   160  N  N   . ASN A 1 21  ? -8.564  1.762   9.098   1.00 38.66  ? 60  ASN A N   1 
ATOM   161  C  CA  . ASN A 1 21  ? -7.718  0.567   8.910   1.00 39.21  ? 60  ASN A CA  1 
ATOM   162  C  C   . ASN A 1 21  ? -6.419  0.802   9.672   1.00 38.91  ? 60  ASN A C   1 
ATOM   163  O  O   . ASN A 1 21  ? -5.994  1.964   9.785   1.00 39.00  ? 60  ASN A O   1 
ATOM   164  C  CB  . ASN A 1 21  ? -7.494  0.270   7.430   1.00 38.16  ? 60  ASN A CB  1 
ATOM   165  C  CG  . ASN A 1 21  ? -7.166  -1.180  7.144   1.00 47.44  ? 60  ASN A CG  1 
ATOM   166  O  OD1 . ASN A 1 21  ? -6.887  -1.976  8.062   1.00 45.06  ? 60  ASN A OD1 1 
ATOM   167  N  ND2 . ASN A 1 21  ? -7.222  -1.532  5.869   1.00 40.46  ? 60  ASN A ND2 1 
ATOM   168  N  N   . GLU A 1 22  ? -5.821  -0.268  10.178  1.00 39.65  ? 61  GLU A N   1 
ATOM   169  C  CA  . GLU A 1 22  ? -4.503  -0.233  10.861  1.00 36.85  ? 61  GLU A CA  1 
ATOM   170  C  C   . GLU A 1 22  ? -3.632  -1.314  10.250  1.00 37.67  ? 61  GLU A C   1 
ATOM   171  O  O   . GLU A 1 22  ? -4.194  -2.383  9.933   1.00 37.49  ? 61  GLU A O   1 
ATOM   172  C  CB  . GLU A 1 22  ? -4.646  -0.491  12.362  1.00 41.78  ? 61  GLU A CB  1 
ATOM   173  C  CG  . GLU A 1 22  ? -5.698  0.370   13.021  1.00 40.26  ? 61  GLU A CG  1 
ATOM   174  C  CD  . GLU A 1 22  ? -5.933  0.115   14.501  1.00 42.41  ? 61  GLU A CD  1 
ATOM   175  O  OE1 . GLU A 1 22  ? -7.051  0.408   14.966  1.00 38.54  ? 61  GLU A OE1 1 
ATOM   176  O  OE2 . GLU A 1 22  ? -5.000  -0.344  15.176  1.00 42.14  ? 61  GLU A OE2 1 
ATOM   177  N  N   . MET A 1 23  ? -2.333  -1.050  10.104  1.00 33.52  ? 62  MET A N   1 
ATOM   178  C  CA  . MET A 1 23  ? -1.372  -2.046  9.616   1.00 36.13  ? 62  MET A CA  1 
ATOM   179  C  C   . MET A 1 23  ? -0.247  -2.085  10.631  1.00 37.86  ? 62  MET A C   1 
ATOM   180  O  O   . MET A 1 23  ? 0.220   -0.991  11.054  1.00 35.55  ? 62  MET A O   1 
ATOM   181  C  CB  . MET A 1 23  ? -0.788  -1.723  8.231   1.00 38.18  ? 62  MET A CB  1 
ATOM   182  C  CG  . MET A 1 23  ? -1.775  -1.867  7.087   1.00 40.21  ? 62  MET A CG  1 
ATOM   183  S  SD  . MET A 1 23  ? -2.261  -3.589  6.705   1.00 38.58  ? 62  MET A SD  1 
ATOM   184  C  CE  . MET A 1 23  ? -3.662  -3.224  5.651   1.00 36.69  ? 62  MET A CE  1 
ATOM   185  N  N   . ILE A 1 24  ? 0.149   -3.299  11.004  1.00 35.51  ? 63  ILE A N   1 
ATOM   186  C  CA  . ILE A 1 24  ? 1.213   -3.520  12.006  1.00 37.41  ? 63  ILE A CA  1 
ATOM   187  C  C   . ILE A 1 24  ? 2.536   -3.332  11.289  1.00 39.16  ? 63  ILE A C   1 
ATOM   188  O  O   . ILE A 1 24  ? 2.715   -3.895  10.190  1.00 38.51  ? 63  ILE A O   1 
ATOM   189  C  CB  . ILE A 1 24  ? 1.165   -4.917  12.642  1.00 43.56  ? 63  ILE A CB  1 
ATOM   190  C  CG1 . ILE A 1 24  ? -0.205  -5.260  13.220  1.00 48.81  ? 63  ILE A CG1 1 
ATOM   191  C  CG2 . ILE A 1 24  ? 2.262   -5.014  13.694  1.00 45.55  ? 63  ILE A CG2 1 
ATOM   192  C  CD1 . ILE A 1 24  ? -0.439  -4.661  14.569  1.00 48.07  ? 63  ILE A CD1 1 
ATOM   193  N  N   . VAL A 1 25  ? 3.447   -2.644  11.958  1.00 41.76  ? 64  VAL A N   1 
ATOM   194  C  CA  . VAL A 1 25  ? 4.864   -2.494  11.554  1.00 42.22  ? 64  VAL A CA  1 
ATOM   195  C  C   . VAL A 1 25  ? 5.721   -3.093  12.678  1.00 45.43  ? 64  VAL A C   1 
ATOM   196  O  O   . VAL A 1 25  ? 5.342   -2.950  13.829  1.00 49.34  ? 64  VAL A O   1 
ATOM   197  C  CB  . VAL A 1 25  ? 5.148   -1.010  11.311  1.00 42.21  ? 64  VAL A CB  1 
ATOM   198  C  CG1 . VAL A 1 25  ? 4.207   -0.450  10.266  1.00 41.00  ? 64  VAL A CG1 1 
ATOM   199  C  CG2 . VAL A 1 25  ? 5.050   -0.205  12.595  1.00 46.29  ? 64  VAL A CG2 1 
ATOM   200  N  N   . THR A 1 26  ? 6.789   -3.800  12.332  1.00 45.64  ? 65  THR A N   1 
ATOM   201  C  CA  . THR A 1 26  ? 7.710   -4.492  13.270  1.00 51.69  ? 65  THR A CA  1 
ATOM   202  C  C   . THR A 1 26  ? 9.124   -4.113  12.834  1.00 58.80  ? 65  THR A C   1 
ATOM   203  O  O   . THR A 1 26  ? 9.253   -3.552  11.716  1.00 51.24  ? 65  THR A O   1 
ATOM   204  C  CB  . THR A 1 26  ? 7.544   -6.020  13.250  1.00 46.11  ? 65  THR A CB  1 
ATOM   205  O  OG1 . THR A 1 26  ? 7.954   -6.462  11.959  1.00 48.47  ? 65  THR A OG1 1 
ATOM   206  C  CG2 . THR A 1 26  ? 6.142   -6.509  13.539  1.00 42.92  ? 65  THR A CG2 1 
ATOM   207  N  N   . LYS A 1 27  ? 10.133  -4.420  13.651  1.00 59.08  ? 66  LYS A N   1 
ATOM   208  C  CA  . LYS A 1 27  ? 11.552  -4.156  13.306  1.00 63.89  ? 66  LYS A CA  1 
ATOM   209  C  C   . LYS A 1 27  ? 11.917  -4.939  12.042  1.00 61.33  ? 66  LYS A C   1 
ATOM   210  O  O   . LYS A 1 27  ? 12.590  -4.359  11.166  1.00 57.72  ? 66  LYS A O   1 
ATOM   211  C  CB  . LYS A 1 27  ? 12.488  -4.539  14.456  1.00 75.90  ? 66  LYS A CB  1 
ATOM   212  C  CG  . LYS A 1 27  ? 13.964  -4.291  14.173  1.00 81.14  ? 66  LYS A CG  1 
ATOM   213  C  CD  . LYS A 1 27  ? 14.778  -3.903  15.398  1.00 96.19  ? 66  LYS A CD  1 
ATOM   214  C  CE  . LYS A 1 27  ? 15.907  -2.933  15.094  1.00 98.85  ? 66  LYS A CE  1 
ATOM   215  N  NZ  . LYS A 1 27  ? 16.957  -3.546  14.245  1.00 100.65 ? 66  LYS A NZ  1 
ATOM   216  N  N   . ASN A 1 28  ? 11.491  -6.205  11.951  1.00 61.52  ? 67  ASN A N   1 
ATOM   217  C  CA  . ASN A 1 28  ? 11.890  -7.119  10.846  1.00 65.42  ? 67  ASN A CA  1 
ATOM   218  C  C   . ASN A 1 28  ? 10.929  -6.959  9.666   1.00 61.51  ? 67  ASN A C   1 
ATOM   219  O  O   . ASN A 1 28  ? 11.301  -7.344  8.540   1.00 48.17  ? 67  ASN A O   1 
ATOM   220  C  CB  . ASN A 1 28  ? 11.970  -8.577  11.300  1.00 68.75  ? 67  ASN A CB  1 
ATOM   221  C  CG  . ASN A 1 28  ? 13.368  -8.960  11.734  1.00 71.96  ? 67  ASN A CG  1 
ATOM   222  O  OD1 . ASN A 1 28  ? 14.030  -8.211  12.450  1.00 62.27  ? 67  ASN A OD1 1 
ATOM   223  N  ND2 . ASN A 1 28  ? 13.825  -10.121 11.294  1.00 78.61  ? 67  ASN A ND2 1 
ATOM   224  N  N   . GLY A 1 29  ? 9.745   -6.402  9.916   1.00 59.18  ? 68  GLY A N   1 
ATOM   225  C  CA  . GLY A 1 29  ? 8.778   -6.083  8.853   1.00 53.17  ? 68  GLY A CA  1 
ATOM   226  C  C   . GLY A 1 29  ? 7.674   -7.105  8.854   1.00 49.86  ? 68  GLY A C   1 
ATOM   227  O  O   . GLY A 1 29  ? 7.981   -8.283  9.070   1.00 57.71  ? 68  GLY A O   1 
ATOM   228  N  N   . ARG A 1 30  ? 6.441   -6.647  8.669   1.00 46.42  ? 69  ARG A N   1 
ATOM   229  C  CA  . ARG A 1 30  ? 5.200   -7.445  8.761   1.00 44.32  ? 69  ARG A CA  1 
ATOM   230  C  C   . ARG A 1 30  ? 4.447   -7.280  7.449   1.00 44.93  ? 69  ARG A C   1 
ATOM   231  O  O   . ARG A 1 30  ? 4.291   -6.141  6.989   1.00 40.53  ? 69  ARG A O   1 
ATOM   232  C  CB  . ARG A 1 30  ? 4.356   -6.951  9.935   1.00 45.12  ? 69  ARG A CB  1 
ATOM   233  C  CG  . ARG A 1 30  ? 3.011   -7.637  10.087  1.00 51.03  ? 69  ARG A CG  1 
ATOM   234  C  CD  . ARG A 1 30  ? 3.172   -9.085  10.517  1.00 57.10  ? 69  ARG A CD  1 
ATOM   235  N  NE  . ARG A 1 30  ? 3.793   -9.189  11.837  1.00 64.11  ? 69  ARG A NE  1 
ATOM   236  C  CZ  . ARG A 1 30  ? 3.138   -9.134  12.998  1.00 63.39  ? 69  ARG A CZ  1 
ATOM   237  N  NH1 . ARG A 1 30  ? 3.812   -9.241  14.134  1.00 65.05  ? 69  ARG A NH1 1 
ATOM   238  N  NH2 . ARG A 1 30  ? 1.824   -8.974  13.027  1.00 61.75  ? 69  ARG A NH2 1 
ATOM   239  N  N   . ARG A 1 31  ? 3.963   -8.380  6.890   1.00 42.25  ? 70  ARG A N   1 
ATOM   240  C  CA  . ARG A 1 31  ? 3.143   -8.347  5.665   1.00 44.78  ? 70  ARG A CA  1 
ATOM   241  C  C   . ARG A 1 31  ? 1.773   -7.758  6.003   1.00 39.12  ? 70  ARG A C   1 
ATOM   242  O  O   . ARG A 1 31  ? 1.352   -7.832  7.169   1.00 41.13  ? 70  ARG A O   1 
ATOM   243  C  CB  . ARG A 1 31  ? 3.092   -9.739  5.033   1.00 45.39  ? 70  ARG A CB  1 
ATOM   244  C  CG  . ARG A 1 31  ? 4.279   -9.974  4.117   1.00 51.52  ? 70  ARG A CG  1 
ATOM   245  C  CD  . ARG A 1 31  ? 4.914   -11.328 4.255   1.00 64.62  ? 70  ARG A CD  1 
ATOM   246  N  NE  . ARG A 1 31  ? 4.272   -12.352 3.446   1.00 75.44  ? 70  ARG A NE  1 
ATOM   247  C  CZ  . ARG A 1 31  ? 4.419   -13.663 3.639   1.00 86.43  ? 70  ARG A CZ  1 
ATOM   248  N  NH1 . ARG A 1 31  ? 5.171   -14.116 4.635   1.00 92.30  ? 70  ARG A NH1 1 
ATOM   249  N  NH2 . ARG A 1 31  ? 3.811   -14.519 2.836   1.00 80.36  ? 70  ARG A NH2 1 
ATOM   250  N  N   . MET A 1 32  ? 1.142   -7.199  4.981   1.00 35.94  ? 71  MET A N   1 
ATOM   251  C  CA  . MET A 1 32  ? -0.163  -6.505  5.014   1.00 37.76  ? 71  MET A CA  1 
ATOM   252  C  C   . MET A 1 32  ? -1.310  -7.519  4.932   1.00 34.81  ? 71  MET A C   1 
ATOM   253  O  O   . MET A 1 32  ? -1.238  -8.455  4.109   1.00 38.98  ? 71  MET A O   1 
ATOM   254  C  CB  . MET A 1 32  ? -0.269  -5.569  3.798   1.00 38.23  ? 71  MET A CB  1 
ATOM   255  C  CG  . MET A 1 32  ? 0.747   -4.426  3.822   1.00 40.62  ? 71  MET A CG  1 
ATOM   256  S  SD  . MET A 1 32  ? 0.595   -3.344  2.376   1.00 37.78  ? 71  MET A SD  1 
ATOM   257  C  CE  . MET A 1 32  ? -1.030  -2.631  2.606   1.00 39.14  ? 71  MET A CE  1 
ATOM   258  N  N   . PHE A 1 33  ? -2.383  -7.268  5.665   1.00 36.86  ? 72  PHE A N   1 
ATOM   259  C  CA  . PHE A 1 33  ? -3.718  -7.874  5.421   1.00 38.49  ? 72  PHE A CA  1 
ATOM   260  C  C   . PHE A 1 33  ? -4.758  -6.786  5.606   1.00 36.86  ? 72  PHE A C   1 
ATOM   261  O  O   . PHE A 1 33  ? -4.789  -6.119  6.637   1.00 40.86  ? 72  PHE A O   1 
ATOM   262  C  CB  . PHE A 1 33  ? -4.062  -9.044  6.359   1.00 38.62  ? 72  PHE A CB  1 
ATOM   263  C  CG  . PHE A 1 33  ? -5.361  -9.711  5.966   1.00 38.65  ? 72  PHE A CG  1 
ATOM   264  C  CD1 . PHE A 1 33  ? -5.396  -10.642 4.931   1.00 40.51  ? 72  PHE A CD1 1 
ATOM   265  C  CD2 . PHE A 1 33  ? -6.566  -9.318  6.533   1.00 40.84  ? 72  PHE A CD2 1 
ATOM   266  C  CE1 . PHE A 1 33  ? -6.598  -11.201 4.512   1.00 40.47  ? 72  PHE A CE1 1 
ATOM   267  C  CE2 . PHE A 1 33  ? -7.770  -9.888  6.123   1.00 46.05  ? 72  PHE A CE2 1 
ATOM   268  C  CZ  . PHE A 1 33  ? -7.782  -10.829 5.112   1.00 40.03  ? 72  PHE A CZ  1 
ATOM   269  N  N   . PRO A 1 34  ? -5.677  -6.582  4.654   1.00 37.50  ? 73  PRO A N   1 
ATOM   270  C  CA  . PRO A 1 34  ? -5.661  -7.284  3.374   1.00 38.97  ? 73  PRO A CA  1 
ATOM   271  C  C   . PRO A 1 34  ? -4.427  -6.961  2.509   1.00 38.48  ? 73  PRO A C   1 
ATOM   272  O  O   . PRO A 1 34  ? -3.707  -5.999  2.779   1.00 37.24  ? 73  PRO A O   1 
ATOM   273  C  CB  . PRO A 1 34  ? -6.939  -6.813  2.669   1.00 40.93  ? 73  PRO A CB  1 
ATOM   274  C  CG  . PRO A 1 34  ? -7.772  -6.164  3.752   1.00 40.94  ? 73  PRO A CG  1 
ATOM   275  C  CD  . PRO A 1 34  ? -6.807  -5.664  4.800   1.00 37.97  ? 73  PRO A CD  1 
ATOM   276  N  N   . VAL A 1 35  ? -4.183  -7.811  1.514   1.00 37.48  ? 74  VAL A N   1 
ATOM   277  C  CA  . VAL A 1 35  ? -3.095  -7.633  0.515   1.00 36.86  ? 74  VAL A CA  1 
ATOM   278  C  C   . VAL A 1 35  ? -3.634  -6.690  -0.560  1.00 34.48  ? 74  VAL A C   1 
ATOM   279  O  O   . VAL A 1 35  ? -4.781  -6.899  -1.019  1.00 31.94  ? 74  VAL A O   1 
ATOM   280  C  CB  . VAL A 1 35  ? -2.652  -8.970  -0.117  1.00 39.54  ? 74  VAL A CB  1 
ATOM   281  C  CG1 . VAL A 1 35  ? -1.773  -8.746  -1.327  1.00 40.18  ? 74  VAL A CG1 1 
ATOM   282  C  CG2 . VAL A 1 35  ? -1.932  -9.870  0.881   1.00 42.67  ? 74  VAL A CG2 1 
ATOM   283  N  N   . LEU A 1 36  ? -2.840  -5.715  -0.963  1.00 34.68  ? 75  LEU A N   1 
ATOM   284  C  CA  . LEU A 1 36  ? -3.171  -4.888  -2.155  1.00 35.62  ? 75  LEU A CA  1 
ATOM   285  C  C   . LEU A 1 36  ? -3.123  -5.753  -3.424  1.00 36.44  ? 75  LEU A C   1 
ATOM   286  O  O   . LEU A 1 36  ? -2.039  -6.249  -3.805  1.00 33.73  ? 75  LEU A O   1 
ATOM   287  C  CB  . LEU A 1 36  ? -2.199  -3.716  -2.264  1.00 38.30  ? 75  LEU A CB  1 
ATOM   288  C  CG  . LEU A 1 36  ? -2.476  -2.777  -3.440  1.00 40.82  ? 75  LEU A CG  1 
ATOM   289  C  CD1 . LEU A 1 36  ? -3.761  -2.004  -3.244  1.00 40.78  ? 75  LEU A CD1 1 
ATOM   290  C  CD2 . LEU A 1 36  ? -1.317  -1.815  -3.633  1.00 42.96  ? 75  LEU A CD2 1 
ATOM   291  N  N   . LYS A 1 37  ? -4.260  -5.904  -4.091  1.00 37.26  ? 76  LYS A N   1 
ATOM   292  C  CA  . LYS A 1 37  ? -4.357  -6.634  -5.380  1.00 41.49  ? 76  LYS A CA  1 
ATOM   293  C  C   . LYS A 1 37  ? -4.973  -5.680  -6.396  1.00 42.82  ? 76  LYS A C   1 
ATOM   294  O  O   . LYS A 1 37  ? -6.003  -5.074  -6.046  1.00 40.20  ? 76  LYS A O   1 
ATOM   295  C  CB  . LYS A 1 37  ? -5.193  -7.900  -5.199  1.00 43.07  ? 76  LYS A CB  1 
ATOM   296  C  CG  . LYS A 1 37  ? -4.549  -8.899  -4.258  1.00 46.30  ? 76  LYS A CG  1 
ATOM   297  C  CD  . LYS A 1 37  ? -5.354  -10.132 -4.057  1.00 49.86  ? 76  LYS A CD  1 
ATOM   298  C  CE  . LYS A 1 37  ? -4.804  -10.966 -2.924  1.00 53.37  ? 76  LYS A CE  1 
ATOM   299  N  NZ  . LYS A 1 37  ? -5.760  -12.038 -2.562  1.00 61.68  ? 76  LYS A NZ  1 
ATOM   300  N  N   . VAL A 1 38  ? -4.343  -5.508  -7.558  1.00 43.63  ? 77  VAL A N   1 
ATOM   301  C  CA  . VAL A 1 38  ? -4.805  -4.515  -8.565  1.00 48.89  ? 77  VAL A CA  1 
ATOM   302  C  C   . VAL A 1 38  ? -5.147  -5.237  -9.875  1.00 49.07  ? 77  VAL A C   1 
ATOM   303  O  O   . VAL A 1 38  ? -4.342  -6.030  -10.359 1.00 49.40  ? 77  VAL A O   1 
ATOM   304  C  CB  . VAL A 1 38  ? -3.776  -3.387  -8.756  1.00 54.98  ? 77  VAL A CB  1 
ATOM   305  C  CG1 . VAL A 1 38  ? -3.186  -2.948  -7.422  1.00 58.91  ? 77  VAL A CG1 1 
ATOM   306  C  CG2 . VAL A 1 38  ? -2.673  -3.776  -9.705  1.00 61.32  ? 77  VAL A CG2 1 
ATOM   307  N  N   . ASN A 1 39  ? -6.330  -4.957  -10.406 1.00 46.60  ? 78  ASN A N   1 
ATOM   308  C  CA  . ASN A 1 39  ? -6.766  -5.346  -11.766 1.00 45.56  ? 78  ASN A CA  1 
ATOM   309  C  C   . ASN A 1 39  ? -6.212  -4.293  -12.731 1.00 46.70  ? 78  ASN A C   1 
ATOM   310  O  O   . ASN A 1 39  ? -6.414  -3.101  -12.490 1.00 44.08  ? 78  ASN A O   1 
ATOM   311  C  CB  . ASN A 1 39  ? -8.286  -5.531  -11.797 1.00 48.01  ? 78  ASN A CB  1 
ATOM   312  C  CG  . ASN A 1 39  ? -8.727  -6.650  -10.879 1.00 51.81  ? 78  ASN A CG  1 
ATOM   313  O  OD1 . ASN A 1 39  ? -8.260  -7.780  -10.999 1.00 56.94  ? 78  ASN A OD1 1 
ATOM   314  N  ND2 . ASN A 1 39  ? -9.590  -6.342  -9.925  1.00 54.07  ? 78  ASN A ND2 1 
ATOM   315  N  N   . VAL A 1 40  ? -5.479  -4.726  -13.753 1.00 46.57  ? 79  VAL A N   1 
ATOM   316  C  CA  . VAL A 1 40  ? -4.859  -3.834  -14.770 1.00 49.14  ? 79  VAL A CA  1 
ATOM   317  C  C   . VAL A 1 40  ? -5.296  -4.328  -16.143 1.00 49.15  ? 79  VAL A C   1 
ATOM   318  O  O   . VAL A 1 40  ? -5.217  -5.553  -16.386 1.00 49.05  ? 79  VAL A O   1 
ATOM   319  C  CB  . VAL A 1 40  ? -3.327  -3.815  -14.677 1.00 51.17  ? 79  VAL A CB  1 
ATOM   320  C  CG1 . VAL A 1 40  ? -2.717  -2.991  -15.795 1.00 50.84  ? 79  VAL A CG1 1 
ATOM   321  C  CG2 . VAL A 1 40  ? -2.875  -3.290  -13.328 1.00 52.48  ? 79  VAL A CG2 1 
ATOM   322  N  N   . SER A 1 41  ? -5.751  -3.405  -16.982 1.00 46.78  ? 80  SER A N   1 
ATOM   323  C  CA  . SER A 1 41  ? -6.090  -3.674  -18.400 1.00 49.79  ? 80  SER A CA  1 
ATOM   324  C  C   . SER A 1 41  ? -5.614  -2.481  -19.222 1.00 46.75  ? 80  SER A C   1 
ATOM   325  O  O   . SER A 1 41  ? -5.350  -1.425  -18.621 1.00 49.12  ? 80  SER A O   1 
ATOM   326  C  CB  . SER A 1 41  ? -7.568  -3.972  -18.558 1.00 50.13  ? 80  SER A CB  1 
ATOM   327  O  OG  . SER A 1 41  ? -8.363  -2.816  -18.360 1.00 50.51  ? 80  SER A OG  1 
ATOM   328  N  N   . GLY A 1 42  ? -5.419  -2.663  -20.527 1.00 50.64  ? 81  GLY A N   1 
ATOM   329  C  CA  . GLY A 1 42  ? -5.038  -1.561  -21.431 1.00 46.99  ? 81  GLY A CA  1 
ATOM   330  C  C   . GLY A 1 42  ? -3.539  -1.438  -21.598 1.00 47.77  ? 81  GLY A C   1 
ATOM   331  O  O   . GLY A 1 42  ? -3.106  -0.503  -22.262 1.00 46.85  ? 81  GLY A O   1 
ATOM   332  N  N   . LEU A 1 43  ? -2.752  -2.350  -21.024 1.00 50.53  ? 82  LEU A N   1 
ATOM   333  C  CA  . LEU A 1 43  ? -1.301  -2.425  -21.325 1.00 51.87  ? 82  LEU A CA  1 
ATOM   334  C  C   . LEU A 1 43  ? -1.101  -3.042  -22.719 1.00 52.06  ? 82  LEU A C   1 
ATOM   335  O  O   . LEU A 1 43  ? -1.967  -3.811  -23.180 1.00 55.39  ? 82  LEU A O   1 
ATOM   336  C  CB  . LEU A 1 43  ? -0.588  -3.278  -20.275 1.00 54.49  ? 82  LEU A CB  1 
ATOM   337  C  CG  . LEU A 1 43  ? -0.629  -2.775  -18.832 1.00 56.84  ? 82  LEU A CG  1 
ATOM   338  C  CD1 . LEU A 1 43  ? -0.011  -3.816  -17.901 1.00 55.91  ? 82  LEU A CD1 1 
ATOM   339  C  CD2 . LEU A 1 43  ? 0.100   -1.444  -18.705 1.00 56.46  ? 82  LEU A CD2 1 
ATOM   340  N  N   . ASP A 1 44  ? 0.042   -2.759  -23.330 1.00 50.41  ? 83  ASP A N   1 
ATOM   341  C  CA  . ASP A 1 44  ? 0.546   -3.472  -24.526 1.00 52.75  ? 83  ASP A CA  1 
ATOM   342  C  C   . ASP A 1 44  ? 1.012   -4.857  -24.081 1.00 53.86  ? 83  ASP A C   1 
ATOM   343  O  O   . ASP A 1 44  ? 1.989   -4.974  -23.349 1.00 51.20  ? 83  ASP A O   1 
ATOM   344  C  CB  . ASP A 1 44  ? 1.624   -2.624  -25.191 1.00 57.22  ? 83  ASP A CB  1 
ATOM   345  C  CG  . ASP A 1 44  ? 2.115   -3.202  -26.499 1.00 60.30  ? 83  ASP A CG  1 
ATOM   346  O  OD1 . ASP A 1 44  ? 2.151   -4.453  -26.618 1.00 55.77  ? 83  ASP A OD1 1 
ATOM   347  O  OD2 . ASP A 1 44  ? 2.449   -2.393  -27.374 1.00 59.95  ? 83  ASP A OD2 1 
ATOM   348  N  N   . PRO A 1 45  ? 0.309   -5.946  -24.473 1.00 52.93  ? 84  PRO A N   1 
ATOM   349  C  CA  . PRO A 1 45  ? 0.633   -7.287  -24.001 1.00 51.35  ? 84  PRO A CA  1 
ATOM   350  C  C   . PRO A 1 45  ? 2.119   -7.618  -24.144 1.00 52.04  ? 84  PRO A C   1 
ATOM   351  O  O   . PRO A 1 45  ? 2.627   -8.414  -23.378 1.00 56.39  ? 84  PRO A O   1 
ATOM   352  C  CB  . PRO A 1 45  ? -0.170  -8.221  -24.922 1.00 53.24  ? 84  PRO A CB  1 
ATOM   353  C  CG  . PRO A 1 45  ? -1.320  -7.377  -25.430 1.00 52.40  ? 84  PRO A CG  1 
ATOM   354  C  CD  . PRO A 1 45  ? -0.837  -5.944  -25.398 1.00 52.97  ? 84  PRO A CD  1 
ATOM   355  N  N   . ASN A 1 46  ? 2.764   -6.990  -25.121 1.00 56.42  ? 85  ASN A N   1 
ATOM   356  C  CA  . ASN A 1 46  ? 4.140   -7.308  -25.577 1.00 56.00  ? 85  ASN A CA  1 
ATOM   357  C  C   . ASN A 1 46  ? 5.133   -6.275  -25.059 1.00 50.75  ? 85  ASN A C   1 
ATOM   358  O  O   . ASN A 1 46  ? 6.336   -6.506  -25.232 1.00 53.10  ? 85  ASN A O   1 
ATOM   359  C  CB  . ASN A 1 46  ? 4.175   -7.415  -27.106 1.00 60.79  ? 85  ASN A CB  1 
ATOM   360  C  CG  . ASN A 1 46  ? 3.481   -8.677  -27.566 1.00 58.30  ? 85  ASN A CG  1 
ATOM   361  O  OD1 . ASN A 1 46  ? 3.965   -9.776  -27.310 1.00 64.44  ? 85  ASN A OD1 1 
ATOM   362  N  ND2 . ASN A 1 46  ? 2.328   -8.531  -28.189 1.00 64.07  ? 85  ASN A ND2 1 
ATOM   363  N  N   . ALA A 1 47  ? 4.667   -5.183  -24.450 1.00 50.91  ? 86  ALA A N   1 
ATOM   364  C  CA  . ALA A 1 47  ? 5.549   -4.149  -23.873 1.00 46.35  ? 86  ALA A CA  1 
ATOM   365  C  C   . ALA A 1 47  ? 6.038   -4.633  -22.505 1.00 44.78  ? 86  ALA A C   1 
ATOM   366  O  O   . ALA A 1 47  ? 5.465   -5.592  -21.932 1.00 45.90  ? 86  ALA A O   1 
ATOM   367  C  CB  . ALA A 1 47  ? 4.850   -2.819  -23.789 1.00 52.56  ? 86  ALA A CB  1 
ATOM   368  N  N   . MET A 1 48  ? 7.109   -4.009  -22.028 1.00 49.13  ? 87  MET A N   1 
ATOM   369  C  CA  . MET A 1 48  ? 7.807   -4.372  -20.766 1.00 50.29  ? 87  MET A CA  1 
ATOM   370  C  C   . MET A 1 48  ? 7.489   -3.318  -19.691 1.00 44.06  ? 87  MET A C   1 
ATOM   371  O  O   . MET A 1 48  ? 7.581   -2.111  -20.002 1.00 43.76  ? 87  MET A O   1 
ATOM   372  C  CB  . MET A 1 48  ? 9.312   -4.428  -21.029 1.00 52.16  ? 87  MET A CB  1 
ATOM   373  C  CG  . MET A 1 48  ? 9.697   -5.386  -22.167 1.00 62.98  ? 87  MET A CG  1 
ATOM   374  S  SD  . MET A 1 48  ? 10.551  -6.874  -21.617 1.00 67.41  ? 87  MET A SD  1 
ATOM   375  C  CE  . MET A 1 48  ? 9.514   -7.259  -20.207 1.00 58.87  ? 87  MET A CE  1 
ATOM   376  N  N   . TYR A 1 49  ? 7.124   -3.770  -18.486 1.00 43.84  ? 88  TYR A N   1 
ATOM   377  C  CA  . TYR A 1 49  ? 6.648   -2.940  -17.347 1.00 43.87  ? 88  TYR A CA  1 
ATOM   378  C  C   . TYR A 1 49  ? 7.210   -3.491  -16.027 1.00 44.61  ? 88  TYR A C   1 
ATOM   379  O  O   . TYR A 1 49  ? 7.333   -4.715  -15.884 1.00 42.18  ? 88  TYR A O   1 
ATOM   380  C  CB  . TYR A 1 49  ? 5.116   -2.930  -17.255 1.00 45.82  ? 88  TYR A CB  1 
ATOM   381  C  CG  . TYR A 1 49  ? 4.384   -2.467  -18.493 1.00 51.62  ? 88  TYR A CG  1 
ATOM   382  C  CD1 . TYR A 1 49  ? 4.170   -1.119  -18.744 1.00 51.65  ? 88  TYR A CD1 1 
ATOM   383  C  CD2 . TYR A 1 49  ? 3.917   -3.380  -19.430 1.00 50.39  ? 88  TYR A CD2 1 
ATOM   384  C  CE1 . TYR A 1 49  ? 3.533   -0.685  -19.898 1.00 51.08  ? 88  TYR A CE1 1 
ATOM   385  C  CE2 . TYR A 1 49  ? 3.271   -2.961  -20.585 1.00 51.44  ? 88  TYR A CE2 1 
ATOM   386  C  CZ  . TYR A 1 49  ? 3.079   -1.610  -20.824 1.00 49.56  ? 88  TYR A CZ  1 
ATOM   387  O  OH  . TYR A 1 49  ? 2.419   -1.201  -21.951 1.00 49.45  ? 88  TYR A OH  1 
ATOM   388  N  N   . SER A 1 50  ? 7.533   -2.605  -15.083 1.00 39.49  ? 89  SER A N   1 
ATOM   389  C  CA  . SER A 1 50  ? 7.750   -2.928  -13.650 1.00 40.14  ? 89  SER A CA  1 
ATOM   390  C  C   . SER A 1 50  ? 6.613   -2.311  -12.829 1.00 42.90  ? 89  SER A C   1 
ATOM   391  O  O   . SER A 1 50  ? 6.151   -1.195  -13.195 1.00 37.21  ? 89  SER A O   1 
ATOM   392  C  CB  . SER A 1 50  ? 9.086   -2.450  -13.198 1.00 36.50  ? 89  SER A CB  1 
ATOM   393  O  OG  . SER A 1 50  ? 10.106  -3.069  -13.967 1.00 37.69  ? 89  SER A OG  1 
ATOM   394  N  N   . PHE A 1 51  ? 6.117   -3.038  -11.820 1.00 36.36  ? 90  PHE A N   1 
ATOM   395  C  CA  . PHE A 1 51  ? 5.106   -2.527  -10.866 1.00 37.36  ? 90  PHE A CA  1 
ATOM   396  C  C   . PHE A 1 51  ? 5.814   -2.147  -9.572  1.00 44.89  ? 90  PHE A C   1 
ATOM   397  O  O   . PHE A 1 51  ? 6.522   -3.024  -8.945  1.00 36.85  ? 90  PHE A O   1 
ATOM   398  C  CB  . PHE A 1 51  ? 3.980   -3.527  -10.650 1.00 37.63  ? 90  PHE A CB  1 
ATOM   399  C  CG  . PHE A 1 51  ? 2.908   -3.444  -11.707 1.00 38.68  ? 90  PHE A CG  1 
ATOM   400  C  CD1 . PHE A 1 51  ? 1.617   -3.094  -11.374 1.00 41.40  ? 90  PHE A CD1 1 
ATOM   401  C  CD2 . PHE A 1 51  ? 3.198   -3.699  -13.038 1.00 38.66  ? 90  PHE A CD2 1 
ATOM   402  C  CE1 . PHE A 1 51  ? 0.629   -3.038  -12.349 1.00 43.36  ? 90  PHE A CE1 1 
ATOM   403  C  CE2 . PHE A 1 51  ? 2.218   -3.622  -14.013 1.00 42.64  ? 90  PHE A CE2 1 
ATOM   404  C  CZ  . PHE A 1 51  ? 0.939   -3.276  -13.671 1.00 39.22  ? 90  PHE A CZ  1 
ATOM   405  N  N   . LEU A 1 52  ? 5.622   -0.873  -9.204  1.00 44.37  ? 91  LEU A N   1 
ATOM   406  C  CA  . LEU A 1 52  ? 6.199   -0.206  -8.011  1.00 40.46  ? 91  LEU A CA  1 
ATOM   407  C  C   . LEU A 1 52  ? 5.064   0.125   -7.029  1.00 42.43  ? 91  LEU A C   1 
ATOM   408  O  O   . LEU A 1 52  ? 3.949   0.482   -7.485  1.00 40.87  ? 91  LEU A O   1 
ATOM   409  C  CB  . LEU A 1 52  ? 6.904   1.070   -8.459  1.00 41.31  ? 91  LEU A CB  1 
ATOM   410  C  CG  . LEU A 1 52  ? 8.383   0.958   -8.796  1.00 44.47  ? 91  LEU A CG  1 
ATOM   411  C  CD1 . LEU A 1 52  ? 8.658   -0.204  -9.726  1.00 47.03  ? 91  LEU A CD1 1 
ATOM   412  C  CD2 . LEU A 1 52  ? 8.883   2.272   -9.396  1.00 41.17  ? 91  LEU A CD2 1 
ATOM   413  N  N   . LEU A 1 53  ? 5.346   0.009   -5.730  1.00 33.53  ? 92  LEU A N   1 
ATOM   414  C  CA  . LEU A 1 53  ? 4.398   0.303   -4.640  1.00 33.34  ? 92  LEU A CA  1 
ATOM   415  C  C   . LEU A 1 53  ? 5.097   1.277   -3.698  1.00 30.99  ? 92  LEU A C   1 
ATOM   416  O  O   . LEU A 1 53  ? 6.263   1.036   -3.338  1.00 33.96  ? 92  LEU A O   1 
ATOM   417  C  CB  . LEU A 1 53  ? 3.970   -0.992  -3.931  1.00 34.11  ? 92  LEU A CB  1 
ATOM   418  C  CG  . LEU A 1 53  ? 3.171   -0.788  -2.642  1.00 34.23  ? 92  LEU A CG  1 
ATOM   419  C  CD1 . LEU A 1 53  ? 1.835   -0.119  -2.920  1.00 35.36  ? 92  LEU A CD1 1 
ATOM   420  C  CD2 . LEU A 1 53  ? 2.956   -2.106  -1.903  1.00 35.59  ? 92  LEU A CD2 1 
ATOM   421  N  N   . ASP A 1 54  ? 4.419   2.365   -3.324  1.00 33.37  ? 93  ASP A N   1 
ATOM   422  C  CA  . ASP A 1 54  ? 4.906   3.227   -2.216  1.00 29.60  ? 93  ASP A CA  1 
ATOM   423  C  C   . ASP A 1 54  ? 3.718   3.685   -1.389  1.00 30.99  ? 93  ASP A C   1 
ATOM   424  O  O   . ASP A 1 54  ? 2.563   3.342   -1.724  1.00 32.53  ? 93  ASP A O   1 
ATOM   425  C  CB  . ASP A 1 54  ? 5.773   4.378   -2.715  1.00 31.92  ? 93  ASP A CB  1 
ATOM   426  C  CG  . ASP A 1 54  ? 5.093   5.319   -3.696  1.00 31.27  ? 93  ASP A CG  1 
ATOM   427  O  OD1 . ASP A 1 54  ? 3.824   5.354   -3.765  1.00 30.95  ? 93  ASP A OD1 1 
ATOM   428  O  OD2 . ASP A 1 54  ? 5.838   6.037   -4.353  1.00 33.98  ? 93  ASP A OD2 1 
ATOM   429  N  N   . PHE A 1 55  ? 4.019   4.363   -0.297  1.00 32.77  ? 94  PHE A N   1 
ATOM   430  C  CA  . PHE A 1 55  ? 3.027   4.821   0.703   1.00 35.68  ? 94  PHE A CA  1 
ATOM   431  C  C   . PHE A 1 55  ? 3.191   6.338   0.883   1.00 34.19  ? 94  PHE A C   1 
ATOM   432  O  O   . PHE A 1 55  ? 4.251   6.798   1.324   1.00 38.31  ? 94  PHE A O   1 
ATOM   433  C  CB  . PHE A 1 55  ? 3.215   4.001   1.977   1.00 34.46  ? 94  PHE A CB  1 
ATOM   434  C  CG  . PHE A 1 55  ? 3.072   2.517   1.773   1.00 33.40  ? 94  PHE A CG  1 
ATOM   435  C  CD1 . PHE A 1 55  ? 1.829   1.911   1.890   1.00 35.22  ? 94  PHE A CD1 1 
ATOM   436  C  CD2 . PHE A 1 55  ? 4.156   1.737   1.409   1.00 35.77  ? 94  PHE A CD2 1 
ATOM   437  C  CE1 . PHE A 1 55  ? 1.681   0.546   1.689   1.00 37.64  ? 94  PHE A CE1 1 
ATOM   438  C  CE2 . PHE A 1 55  ? 4.008   0.372   1.208   1.00 36.76  ? 94  PHE A CE2 1 
ATOM   439  C  CZ  . PHE A 1 55  ? 2.770   -0.217  1.342   1.00 39.07  ? 94  PHE A CZ  1 
ATOM   440  N  N   . VAL A 1 56  ? 2.153   7.085   0.526   1.00 38.05  ? 95  VAL A N   1 
ATOM   441  C  CA  . VAL A 1 56  ? 2.085   8.564   0.716   1.00 35.02  ? 95  VAL A CA  1 
ATOM   442  C  C   . VAL A 1 56  ? 1.548   8.829   2.115   1.00 30.96  ? 95  VAL A C   1 
ATOM   443  O  O   . VAL A 1 56  ? 0.431   8.363   2.401   1.00 31.11  ? 95  VAL A O   1 
ATOM   444  C  CB  . VAL A 1 56  ? 1.141   9.195   -0.330  1.00 33.34  ? 95  VAL A CB  1 
ATOM   445  C  CG1 . VAL A 1 56  ? 1.027   10.709  -0.160  1.00 30.93  ? 95  VAL A CG1 1 
ATOM   446  C  CG2 . VAL A 1 56  ? 1.577   8.845   -1.730  1.00 33.91  ? 95  VAL A CG2 1 
ATOM   447  N  N   . ALA A 1 57  ? 2.257   9.611   2.916   1.00 33.14  ? 96  ALA A N   1 
ATOM   448  C  CA  . ALA A 1 57  ? 1.710   10.217  4.148   1.00 32.27  ? 96  ALA A CA  1 
ATOM   449  C  C   . ALA A 1 57  ? 0.494   11.047  3.738   1.00 32.92  ? 96  ALA A C   1 
ATOM   450  O  O   . ALA A 1 57  ? 0.687   12.047  2.983   1.00 34.48  ? 96  ALA A O   1 
ATOM   451  C  CB  . ALA A 1 57  ? 2.773   11.045  4.822   1.00 32.38  ? 96  ALA A CB  1 
ATOM   452  N  N   . ALA A 1 58  ? -0.712  10.616  4.130   1.00 34.97  ? 97  ALA A N   1 
ATOM   453  C  CA  . ALA A 1 58  ? -2.011  11.226  3.768   1.00 34.29  ? 97  ALA A CA  1 
ATOM   454  C  C   . ALA A 1 58  ? -2.153  12.625  4.407   1.00 37.27  ? 97  ALA A C   1 
ATOM   455  O  O   . ALA A 1 58  ? -2.903  13.488  3.846   1.00 32.96  ? 97  ALA A O   1 
ATOM   456  C  CB  . ALA A 1 58  ? -3.152  10.319  4.160   1.00 35.51  ? 97  ALA A CB  1 
ATOM   457  N  N   . ASP A 1 59  ? -1.463  12.860  5.522   1.00 35.34  ? 98  ASP A N   1 
ATOM   458  C  CA  . ASP A 1 59  ? -1.457  14.169  6.224   1.00 37.05  ? 98  ASP A CA  1 
ATOM   459  C  C   . ASP A 1 59  ? -0.123  14.291  6.937   1.00 35.87  ? 98  ASP A C   1 
ATOM   460  O  O   . ASP A 1 59  ? 0.656   13.328  6.884   1.00 38.23  ? 98  ASP A O   1 
ATOM   461  C  CB  . ASP A 1 59  ? -2.673  14.311  7.138   1.00 35.99  ? 98  ASP A CB  1 
ATOM   462  C  CG  . ASP A 1 59  ? -2.782  13.194  8.180   1.00 41.14  ? 98  ASP A CG  1 
ATOM   463  O  OD1 . ASP A 1 59  ? -1.844  13.071  8.990   1.00 39.54  ? 98  ASP A OD1 1 
ATOM   464  O  OD2 . ASP A 1 59  ? -3.801  12.469  8.162   1.00 36.30  ? 98  ASP A OD2 1 
ATOM   465  N  N   . ASN A 1 60  ? 0.140   15.442  7.540   1.00 40.23  ? 99  ASN A N   1 
ATOM   466  C  CA  . ASN A 1 60  ? 1.460   15.745  8.137   1.00 41.36  ? 99  ASN A CA  1 
ATOM   467  C  C   . ASN A 1 60  ? 1.435   15.525  9.656   1.00 43.86  ? 99  ASN A C   1 
ATOM   468  O  O   . ASN A 1 60  ? 2.369   16.031  10.315  1.00 44.04  ? 99  ASN A O   1 
ATOM   469  C  CB  . ASN A 1 60  ? 1.881   17.179  7.836   1.00 43.68  ? 99  ASN A CB  1 
ATOM   470  C  CG  . ASN A 1 60  ? 2.138   17.417  6.371   1.00 44.35  ? 99  ASN A CG  1 
ATOM   471  O  OD1 . ASN A 1 60  ? 1.741   18.454  5.861   1.00 49.23  ? 99  ASN A OD1 1 
ATOM   472  N  ND2 . ASN A 1 60  ? 2.792   16.483  5.704   1.00 41.87  ? 99  ASN A ND2 1 
ATOM   473  N  N   . HIS A 1 61  ? 0.466   14.761  10.183  1.00 42.73  ? 100 HIS A N   1 
ATOM   474  C  CA  . HIS A 1 61  ? 0.215   14.661  11.644  1.00 46.58  ? 100 HIS A CA  1 
ATOM   475  C  C   . HIS A 1 61  ? 0.507   13.255  12.205  1.00 54.05  ? 100 HIS A C   1 
ATOM   476  O  O   . HIS A 1 61  ? 0.463   12.248  11.453  1.00 55.00  ? 100 HIS A O   1 
ATOM   477  C  CB  . HIS A 1 61  ? -1.225  15.094  11.945  1.00 47.98  ? 100 HIS A CB  1 
ATOM   478  C  CG  . HIS A 1 61  ? -1.513  16.522  11.624  1.00 54.75  ? 100 HIS A CG  1 
ATOM   479  N  ND1 . HIS A 1 61  ? -1.488  17.508  12.593  1.00 56.45  ? 100 HIS A ND1 1 
ATOM   480  C  CD2 . HIS A 1 61  ? -1.819  17.137  10.456  1.00 52.54  ? 100 HIS A CD2 1 
ATOM   481  C  CE1 . HIS A 1 61  ? -1.769  18.672  12.033  1.00 62.45  ? 100 HIS A CE1 1 
ATOM   482  N  NE2 . HIS A 1 61  ? -1.968  18.475  10.722  1.00 60.76  ? 100 HIS A NE2 1 
ATOM   483  N  N   . ARG A 1 62  ? 0.750   13.207  13.513  1.00 51.27  ? 101 ARG A N   1 
ATOM   484  C  CA  . ARG A 1 62  ? 0.747   11.992  14.359  1.00 50.88  ? 101 ARG A CA  1 
ATOM   485  C  C   . ARG A 1 62  ? -0.702  11.741  14.795  1.00 49.95  ? 101 ARG A C   1 
ATOM   486  O  O   . ARG A 1 62  ? -1.408  12.730  15.079  1.00 52.52  ? 101 ARG A O   1 
ATOM   487  C  CB  . ARG A 1 62  ? 1.715   12.234  15.523  1.00 60.97  ? 101 ARG A CB  1 
ATOM   488  C  CG  . ARG A 1 62  ? 1.480   11.363  16.751  1.00 74.21  ? 101 ARG A CG  1 
ATOM   489  C  CD  . ARG A 1 62  ? 2.573   11.511  17.802  1.00 80.04  ? 101 ARG A CD  1 
ATOM   490  N  NE  . ARG A 1 62  ? 3.874   11.284  17.191  1.00 84.86  ? 101 ARG A NE  1 
ATOM   491  C  CZ  . ARG A 1 62  ? 4.380   10.091  16.881  1.00 92.37  ? 101 ARG A CZ  1 
ATOM   492  N  NH1 . ARG A 1 62  ? 3.714   8.979   17.153  1.00 89.66  ? 101 ARG A NH1 1 
ATOM   493  N  NH2 . ARG A 1 62  ? 5.568   10.017  16.302  1.00 97.08  ? 101 ARG A NH2 1 
ATOM   494  N  N   . TRP A 1 63  ? -1.162  10.486  14.779  1.00 42.94  ? 102 TRP A N   1 
ATOM   495  C  CA  . TRP A 1 63  ? -2.533  10.095  15.211  1.00 47.46  ? 102 TRP A CA  1 
ATOM   496  C  C   . TRP A 1 63  ? -2.453  9.262   16.500  1.00 51.36  ? 102 TRP A C   1 
ATOM   497  O  O   . TRP A 1 63  ? -1.496  8.491   16.644  1.00 57.28  ? 102 TRP A O   1 
ATOM   498  C  CB  . TRP A 1 63  ? -3.263  9.312   14.113  1.00 44.09  ? 102 TRP A CB  1 
ATOM   499  C  CG  . TRP A 1 63  ? -3.615  10.110  12.893  1.00 44.12  ? 102 TRP A CG  1 
ATOM   500  C  CD1 . TRP A 1 63  ? -2.769  10.560  11.916  1.00 40.83  ? 102 TRP A CD1 1 
ATOM   501  C  CD2 . TRP A 1 63  ? -4.932  10.529  12.504  1.00 39.04  ? 102 TRP A CD2 1 
ATOM   502  N  NE1 . TRP A 1 63  ? -3.478  11.219  10.947  1.00 38.53  ? 102 TRP A NE1 1 
ATOM   503  C  CE2 . TRP A 1 63  ? -4.800  11.238  11.291  1.00 37.90  ? 102 TRP A CE2 1 
ATOM   504  C  CE3 . TRP A 1 63  ? -6.201  10.379  13.068  1.00 39.13  ? 102 TRP A CE3 1 
ATOM   505  C  CZ2 . TRP A 1 63  ? -5.896  11.784  10.636  1.00 37.42  ? 102 TRP A CZ2 1 
ATOM   506  C  CZ3 . TRP A 1 63  ? -7.288  10.921  12.423  1.00 40.36  ? 102 TRP A CZ3 1 
ATOM   507  C  CH2 . TRP A 1 63  ? -7.133  11.601  11.213  1.00 40.57  ? 102 TRP A CH2 1 
ATOM   508  N  N   . LYS A 1 64  ? -3.442  9.382   17.383  1.00 53.32  ? 103 LYS A N   1 
ATOM   509  C  CA  . LYS A 1 64  ? -3.495  8.641   18.671  1.00 57.39  ? 103 LYS A CA  1 
ATOM   510  C  C   . LYS A 1 64  ? -4.917  8.111   18.858  1.00 51.12  ? 103 LYS A C   1 
ATOM   511  O  O   . LYS A 1 64  ? -5.864  8.766   18.398  1.00 53.61  ? 103 LYS A O   1 
ATOM   512  C  CB  . LYS A 1 64  ? -3.020  9.542   19.816  1.00 65.29  ? 103 LYS A CB  1 
ATOM   513  C  CG  . LYS A 1 64  ? -1.559  9.981   19.722  1.00 73.62  ? 103 LYS A CG  1 
ATOM   514  C  CD  . LYS A 1 64  ? -1.331  11.491  19.831  1.00 81.14  ? 103 LYS A CD  1 
ATOM   515  C  CE  . LYS A 1 64  ? -1.742  12.277  18.597  1.00 81.31  ? 103 LYS A CE  1 
ATOM   516  N  NZ  . LYS A 1 64  ? -3.179  12.653  18.621  1.00 86.62  ? 103 LYS A NZ  1 
ATOM   517  N  N   . TYR A 1 65  ? -5.046  6.918   19.433  1.00 54.07  ? 104 TYR A N   1 
ATOM   518  C  CA  . TYR A 1 65  ? -6.345  6.249   19.673  1.00 52.65  ? 104 TYR A CA  1 
ATOM   519  C  C   . TYR A 1 65  ? -6.787  6.695   21.069  1.00 57.24  ? 104 TYR A C   1 
ATOM   520  O  O   . TYR A 1 65  ? -6.169  6.285   22.042  1.00 59.88  ? 104 TYR A O   1 
ATOM   521  C  CB  . TYR A 1 65  ? -6.226  4.737   19.468  1.00 49.55  ? 104 TYR A CB  1 
ATOM   522  C  CG  . TYR A 1 65  ? -7.543  4.006   19.348  1.00 48.05  ? 104 TYR A CG  1 
ATOM   523  C  CD1 . TYR A 1 65  ? -8.381  4.203   18.265  1.00 46.80  ? 104 TYR A CD1 1 
ATOM   524  C  CD2 . TYR A 1 65  ? -7.968  3.113   20.331  1.00 50.43  ? 104 TYR A CD2 1 
ATOM   525  C  CE1 . TYR A 1 65  ? -9.590  3.530   18.148  1.00 51.02  ? 104 TYR A CE1 1 
ATOM   526  C  CE2 . TYR A 1 65  ? -9.172  2.429   20.221  1.00 44.75  ? 104 TYR A CE2 1 
ATOM   527  C  CZ  . TYR A 1 65  ? -9.987  2.630   19.127  1.00 45.67  ? 104 TYR A CZ  1 
ATOM   528  O  OH  . TYR A 1 65  ? -11.177 1.954   19.022  1.00 48.70  ? 104 TYR A OH  1 
ATOM   529  N  N   . VAL A 1 66  ? -7.746  7.616   21.123  1.00 60.48  ? 105 VAL A N   1 
ATOM   530  C  CA  . VAL A 1 66  ? -8.135  8.368   22.349  1.00 64.98  ? 105 VAL A CA  1 
ATOM   531  C  C   . VAL A 1 66  ? -9.599  8.044   22.617  1.00 63.27  ? 105 VAL A C   1 
ATOM   532  O  O   . VAL A 1 66  ? -10.451 8.407   21.771  1.00 60.44  ? 105 VAL A O   1 
ATOM   533  C  CB  . VAL A 1 66  ? -7.899  9.886   22.191  1.00 63.84  ? 105 VAL A CB  1 
ATOM   534  C  CG1 . VAL A 1 66  ? -8.495  10.691  23.339  1.00 64.99  ? 105 VAL A CG1 1 
ATOM   535  C  CG2 . VAL A 1 66  ? -6.420  10.198  22.040  1.00 61.80  ? 105 VAL A CG2 1 
ATOM   536  N  N   . ASN A 1 67  ? -9.855  7.350   23.728  1.00 64.38  ? 106 ASN A N   1 
ATOM   537  C  CA  . ASN A 1 67  ? -11.216 6.981   24.186  1.00 67.88  ? 106 ASN A CA  1 
ATOM   538  C  C   . ASN A 1 67  ? -11.952 6.374   23.001  1.00 59.72  ? 106 ASN A C   1 
ATOM   539  O  O   . ASN A 1 67  ? -12.963 6.963   22.562  1.00 56.55  ? 106 ASN A O   1 
ATOM   540  C  CB  . ASN A 1 67  ? -11.933 8.185   24.795  1.00 73.42  ? 106 ASN A CB  1 
ATOM   541  C  CG  . ASN A 1 67  ? -11.171 8.700   25.995  1.00 75.56  ? 106 ASN A CG  1 
ATOM   542  O  OD1 . ASN A 1 67  ? -10.828 7.926   26.887  1.00 73.44  ? 106 ASN A OD1 1 
ATOM   543  N  ND2 . ASN A 1 67  ? -10.862 9.984   26.001  1.00 70.01  ? 106 ASN A ND2 1 
ATOM   544  N  N   . GLY A 1 68  ? -11.397 5.272   22.487  1.00 59.79  ? 107 GLY A N   1 
ATOM   545  C  CA  . GLY A 1 68  ? -11.970 4.458   21.398  1.00 60.51  ? 107 GLY A CA  1 
ATOM   546  C  C   . GLY A 1 68  ? -12.086 5.198   20.073  1.00 54.70  ? 107 GLY A C   1 
ATOM   547  O  O   . GLY A 1 68  ? -12.940 4.809   19.271  1.00 58.23  ? 107 GLY A O   1 
ATOM   548  N  N   . GLU A 1 69  ? -11.283 6.226   19.811  1.00 52.17  ? 108 GLU A N   1 
ATOM   549  C  CA  . GLU A 1 69  ? -11.345 6.886   18.478  1.00 57.24  ? 108 GLU A CA  1 
ATOM   550  C  C   . GLU A 1 69  ? -9.995  7.515   18.124  1.00 52.23  ? 108 GLU A C   1 
ATOM   551  O  O   . GLU A 1 69  ? -9.296  8.000   19.023  1.00 54.86  ? 108 GLU A O   1 
ATOM   552  C  CB  . GLU A 1 69  ? -12.529 7.851   18.389  1.00 62.60  ? 108 GLU A CB  1 
ATOM   553  C  CG  . GLU A 1 69  ? -12.480 9.021   19.355  1.00 73.85  ? 108 GLU A CG  1 
ATOM   554  C  CD  . GLU A 1 69  ? -13.690 9.951   19.295  1.00 77.19  ? 108 GLU A CD  1 
ATOM   555  O  OE1 . GLU A 1 69  ? -13.689 10.911  18.476  1.00 73.56  ? 108 GLU A OE1 1 
ATOM   556  O  OE2 . GLU A 1 69  ? -14.639 9.716   20.073  1.00 73.20  ? 108 GLU A OE2 1 
ATOM   557  N  N   . TRP A 1 70  ? -9.638  7.437   16.838  1.00 53.02  ? 109 TRP A N   1 
ATOM   558  C  CA  . TRP A 1 70  ? -8.388  7.990   16.247  1.00 48.55  ? 109 TRP A CA  1 
ATOM   559  C  C   . TRP A 1 70  ? -8.503  9.514   16.085  1.00 46.83  ? 109 TRP A C   1 
ATOM   560  O  O   . TRP A 1 70  ? -9.510  9.960   15.540  1.00 45.90  ? 109 TRP A O   1 
ATOM   561  C  CB  . TRP A 1 70  ? -8.100  7.311   14.905  1.00 47.99  ? 109 TRP A CB  1 
ATOM   562  C  CG  . TRP A 1 70  ? -7.527  5.937   15.042  1.00 42.38  ? 109 TRP A CG  1 
ATOM   563  C  CD1 . TRP A 1 70  ? -8.147  4.746   14.784  1.00 41.44  ? 109 TRP A CD1 1 
ATOM   564  C  CD2 . TRP A 1 70  ? -6.195  5.618   15.471  1.00 38.14  ? 109 TRP A CD2 1 
ATOM   565  N  NE1 . TRP A 1 70  ? -7.296  3.705   15.044  1.00 41.95  ? 109 TRP A NE1 1 
ATOM   566  C  CE2 . TRP A 1 70  ? -6.088  4.212   15.457  1.00 38.16  ? 109 TRP A CE2 1 
ATOM   567  C  CE3 . TRP A 1 70  ? -5.090  6.380   15.869  1.00 38.03  ? 109 TRP A CE3 1 
ATOM   568  C  CZ2 . TRP A 1 70  ? -4.908  3.564   15.814  1.00 40.55  ? 109 TRP A CZ2 1 
ATOM   569  C  CZ3 . TRP A 1 70  ? -3.932  5.738   16.243  1.00 38.25  ? 109 TRP A CZ3 1 
ATOM   570  C  CH2 . TRP A 1 70  ? -3.838  4.346   16.195  1.00 40.34  ? 109 TRP A CH2 1 
ATOM   571  N  N   . VAL A 1 71  ? -7.512  10.272  16.563  1.00 46.18  ? 110 VAL A N   1 
ATOM   572  C  CA  . VAL A 1 71  ? -7.517  11.767  16.551  1.00 48.33  ? 110 VAL A CA  1 
ATOM   573  C  C   . VAL A 1 71  ? -6.124  12.226  16.170  1.00 46.11  ? 110 VAL A C   1 
ATOM   574  O  O   . VAL A 1 71  ? -5.137  11.690  16.664  1.00 43.32  ? 110 VAL A O   1 
ATOM   575  C  CB  . VAL A 1 71  ? -7.958  12.397  17.889  1.00 52.67  ? 110 VAL A CB  1 
ATOM   576  C  CG1 . VAL A 1 71  ? -9.293  11.847  18.342  1.00 52.44  ? 110 VAL A CG1 1 
ATOM   577  C  CG2 . VAL A 1 71  ? -6.916  12.251  18.984  1.00 57.28  ? 110 VAL A CG2 1 
ATOM   578  N  N   . PRO A 1 72  ? -6.022  13.184  15.229  1.00 47.25  ? 111 PRO A N   1 
ATOM   579  C  CA  . PRO A 1 72  ? -4.740  13.734  14.822  1.00 52.23  ? 111 PRO A CA  1 
ATOM   580  C  C   . PRO A 1 72  ? -4.223  14.711  15.869  1.00 52.07  ? 111 PRO A C   1 
ATOM   581  O  O   . PRO A 1 72  ? -5.032  15.400  16.432  1.00 53.69  ? 111 PRO A O   1 
ATOM   582  C  CB  . PRO A 1 72  ? -5.042  14.511  13.539  1.00 49.92  ? 111 PRO A CB  1 
ATOM   583  C  CG  . PRO A 1 72  ? -6.505  14.857  13.633  1.00 49.45  ? 111 PRO A CG  1 
ATOM   584  C  CD  . PRO A 1 72  ? -7.140  13.782  14.492  1.00 52.23  ? 111 PRO A CD  1 
ATOM   585  N  N   . GLY A 1 73  ? -2.905  14.733  16.049  1.00 58.13  ? 112 GLY A N   1 
ATOM   586  C  CA  . GLY A 1 73  ? -2.190  15.718  16.873  1.00 65.79  ? 112 GLY A CA  1 
ATOM   587  C  C   . GLY A 1 73  ? -2.364  17.117  16.309  1.00 78.54  ? 112 GLY A C   1 
ATOM   588  O  O   . GLY A 1 73  ? -3.086  17.285  15.286  1.00 85.57  ? 112 GLY A O   1 
ATOM   589  N  N   . GLY A 1 74  ? -1.744  18.100  16.958  1.00 78.56  ? 113 GLY A N   1 
ATOM   590  C  CA  . GLY A 1 74  ? -1.845  19.513  16.564  1.00 78.92  ? 113 GLY A CA  1 
ATOM   591  C  C   . GLY A 1 74  ? -0.516  20.036  16.066  1.00 79.43  ? 113 GLY A C   1 
ATOM   592  O  O   . GLY A 1 74  ? -0.381  21.274  16.030  1.00 84.31  ? 113 GLY A O   1 
ATOM   593  N  N   . LYS A 1 75  ? 0.434   19.157  15.700  1.00 72.32  ? 114 LYS A N   1 
ATOM   594  C  CA  . LYS A 1 75  ? 1.809   19.602  15.356  1.00 74.95  ? 114 LYS A CA  1 
ATOM   595  C  C   . LYS A 1 75  ? 2.291   19.014  14.032  1.00 70.85  ? 114 LYS A C   1 
ATOM   596  O  O   . LYS A 1 75  ? 3.153   18.141  14.021  1.00 57.44  ? 114 LYS A O   1 
ATOM   597  C  CB  . LYS A 1 75  ? 2.795   19.289  16.482  1.00 77.51  ? 114 LYS A CB  1 
ATOM   598  C  CG  . LYS A 1 75  ? 4.000   20.226  16.520  1.00 84.52  ? 114 LYS A CG  1 
ATOM   599  C  CD  . LYS A 1 75  ? 3.622   21.710  16.517  1.00 85.97  ? 114 LYS A CD  1 
ATOM   600  C  CE  . LYS A 1 75  ? 4.703   22.630  17.052  1.00 91.32  ? 114 LYS A CE  1 
ATOM   601  N  NZ  . LYS A 1 75  ? 4.271   24.053  17.057  1.00 93.71  ? 114 LYS A NZ  1 
ATOM   602  N  N   . PRO A 1 76  ? 1.892   19.600  12.880  1.00 79.35  ? 115 PRO A N   1 
ATOM   603  C  CA  . PRO A 1 76  ? 2.232   19.030  11.578  1.00 77.56  ? 115 PRO A CA  1 
ATOM   604  C  C   . PRO A 1 76  ? 3.756   19.013  11.385  1.00 78.68  ? 115 PRO A C   1 
ATOM   605  O  O   . PRO A 1 76  ? 4.419   19.967  11.745  1.00 68.84  ? 115 PRO A O   1 
ATOM   606  C  CB  . PRO A 1 76  ? 1.532   19.956  10.569  1.00 78.72  ? 115 PRO A CB  1 
ATOM   607  C  CG  . PRO A 1 76  ? 1.446   21.282  11.293  1.00 76.11  ? 115 PRO A CG  1 
ATOM   608  C  CD  . PRO A 1 76  ? 1.228   20.909  12.750  1.00 79.37  ? 115 PRO A CD  1 
ATOM   609  N  N   . GLU A 1 77  ? 4.266   17.903  10.855  1.00 74.38  ? 116 GLU A N   1 
ATOM   610  C  CA  . GLU A 1 77  ? 5.688   17.711  10.493  1.00 76.30  ? 116 GLU A CA  1 
ATOM   611  C  C   . GLU A 1 77  ? 5.690   17.215  9.054   1.00 74.93  ? 116 GLU A C   1 
ATOM   612  O  O   . GLU A 1 77  ? 4.918   16.326  8.715   1.00 81.51  ? 116 GLU A O   1 
ATOM   613  C  CB  . GLU A 1 77  ? 6.338   16.730  11.472  1.00 78.83  ? 116 GLU A CB  1 
ATOM   614  C  CG  . GLU A 1 77  ? 5.599   16.638  12.798  1.00 86.66  ? 116 GLU A CG  1 
ATOM   615  C  CD  . GLU A 1 77  ? 6.037   15.517  13.726  1.00 93.39  ? 116 GLU A CD  1 
ATOM   616  O  OE1 . GLU A 1 77  ? 7.126   15.642  14.330  1.00 86.98  ? 116 GLU A OE1 1 
ATOM   617  O  OE2 . GLU A 1 77  ? 5.275   14.521  13.848  1.00 89.05  ? 116 GLU A OE2 1 
ATOM   618  N  N   . PRO A 1 78  ? 6.531   17.762  8.156   1.00 71.35  ? 117 PRO A N   1 
ATOM   619  C  CA  . PRO A 1 78  ? 6.506   17.341  6.758   1.00 75.26  ? 117 PRO A CA  1 
ATOM   620  C  C   . PRO A 1 78  ? 6.869   15.850  6.696   1.00 72.67  ? 117 PRO A C   1 
ATOM   621  O  O   . PRO A 1 78  ? 7.810   15.446  7.353   1.00 58.54  ? 117 PRO A O   1 
ATOM   622  C  CB  . PRO A 1 78  ? 7.560   18.234  6.094   1.00 75.63  ? 117 PRO A CB  1 
ATOM   623  C  CG  . PRO A 1 78  ? 8.522   18.534  7.224   1.00 77.29  ? 117 PRO A CG  1 
ATOM   624  C  CD  . PRO A 1 78  ? 7.633   18.691  8.443   1.00 76.22  ? 117 PRO A CD  1 
ATOM   625  N  N   . GLN A 1 79  ? 6.130   15.087  5.903   1.00 73.18  ? 118 GLN A N   1 
ATOM   626  C  CA  . GLN A 1 79  ? 6.431   13.644  5.891   1.00 81.28  ? 118 GLN A CA  1 
ATOM   627  C  C   . GLN A 1 79  ? 7.259   13.312  4.657   1.00 86.57  ? 118 GLN A C   1 
ATOM   628  O  O   . GLN A 1 79  ? 6.787   13.521  3.542   1.00 76.12  ? 118 GLN A O   1 
ATOM   629  C  CB  . GLN A 1 79  ? 5.142   12.836  6.001   1.00 76.78  ? 118 GLN A CB  1 
ATOM   630  C  CG  . GLN A 1 79  ? 4.297   13.215  7.205   1.00 76.26  ? 118 GLN A CG  1 
ATOM   631  C  CD  . GLN A 1 79  ? 5.004   12.878  8.491   1.00 73.60  ? 118 GLN A CD  1 
ATOM   632  O  OE1 . GLN A 1 79  ? 5.802   11.953  8.557   1.00 77.09  ? 118 GLN A OE1 1 
ATOM   633  N  NE2 . GLN A 1 79  ? 4.712   13.630  9.531   1.00 77.04  ? 118 GLN A NE2 1 
ATOM   634  N  N   . ALA A 1 80  ? 8.452   12.781  4.891   1.00 104.85 ? 119 ALA A N   1 
ATOM   635  C  CA  . ALA A 1 80  ? 9.327   12.376  3.774   1.00 102.35 ? 119 ALA A CA  1 
ATOM   636  C  C   . ALA A 1 80  ? 8.626   11.243  3.029   1.00 94.54  ? 119 ALA A C   1 
ATOM   637  O  O   . ALA A 1 80  ? 8.052   10.358  3.669   1.00 88.33  ? 119 ALA A O   1 
ATOM   638  C  CB  . ALA A 1 80  ? 10.673  11.938  4.298   1.00 102.86 ? 119 ALA A CB  1 
ATOM   639  N  N   . PRO A 1 81  ? 8.731   11.168  1.694   1.00 82.38  ? 120 PRO A N   1 
ATOM   640  C  CA  . PRO A 1 81  ? 8.071   10.109  0.947   1.00 74.60  ? 120 PRO A CA  1 
ATOM   641  C  C   . PRO A 1 81  ? 8.644   8.737   1.324   1.00 62.61  ? 120 PRO A C   1 
ATOM   642  O  O   . PRO A 1 81  ? 9.801   8.626   1.641   1.00 63.12  ? 120 PRO A O   1 
ATOM   643  C  CB  . PRO A 1 81  ? 8.481   10.443  -0.488  1.00 30.00  ? 120 PRO A CB  1 
ATOM   644  C  CG  . PRO A 1 81  ? 9.787   11.171  -0.327  1.00 30.00  ? 120 PRO A CG  1 
ATOM   645  C  CD  . PRO A 1 81  ? 9.534   12.051  0.873   1.00 30.00  ? 120 PRO A CD  1 
ATOM   646  N  N   . SER A 1 82  ? 7.823   7.694   1.256   1.00 53.49  ? 121 SER A N   1 
ATOM   647  C  CA  . SER A 1 82  ? 8.340   6.350   1.616   1.00 50.10  ? 121 SER A CA  1 
ATOM   648  C  C   . SER A 1 82  ? 9.222   5.805   0.504   1.00 44.32  ? 121 SER A C   1 
ATOM   649  O  O   . SER A 1 82  ? 9.110   6.251   -0.626  1.00 47.75  ? 121 SER A O   1 
ATOM   650  C  CB  . SER A 1 82  ? 7.254   5.358   1.931   1.00 30.00  ? 121 SER A CB  1 
ATOM   651  O  OG  . SER A 1 82  ? 6.936   4.549   0.804   1.00 30.00  ? 121 SER A OG  1 
ATOM   652  N  N   . CYS A 1 83  ? 9.961   4.749   0.830   1.00 44.09  ? 122 CYS A N   1 
ATOM   653  C  CA  . CYS A 1 83  ? 10.763  3.996   -0.160  1.00 45.40  ? 122 CYS A CA  1 
ATOM   654  C  C   . CYS A 1 83  ? 9.808   3.184   -1.057  1.00 41.44  ? 122 CYS A C   1 
ATOM   655  O  O   . CYS A 1 83  ? 8.654   2.943   -0.713  1.00 38.08  ? 122 CYS A O   1 
ATOM   656  C  CB  . CYS A 1 83  ? 11.838  3.148   0.506   1.00 50.30  ? 122 CYS A CB  1 
ATOM   657  S  SG  . CYS A 1 83  ? 13.288  4.095   1.038   1.00 61.26  ? 122 CYS A SG  1 
ATOM   658  N  N   . VAL A 1 84  ? 10.304  2.771   -2.204  1.00 41.34  ? 123 VAL A N   1 
ATOM   659  C  CA  . VAL A 1 84  ? 9.474   2.099   -3.231  1.00 45.09  ? 123 VAL A CA  1 
ATOM   660  C  C   . VAL A 1 84  ? 9.739   0.593   -3.143  1.00 39.99  ? 123 VAL A C   1 
ATOM   661  O  O   . VAL A 1 84  ? 10.901  0.198   -2.999  1.00 35.41  ? 123 VAL A O   1 
ATOM   662  C  CB  . VAL A 1 84  ? 9.759   2.695   -4.621  1.00 51.41  ? 123 VAL A CB  1 
ATOM   663  C  CG1 . VAL A 1 84  ? 11.224  2.612   -5.017  1.00 52.77  ? 123 VAL A CG1 1 
ATOM   664  C  CG2 . VAL A 1 84  ? 8.877   2.053   -5.670  1.00 50.82  ? 123 VAL A CG2 1 
ATOM   665  N  N   . TYR A 1 85  ? 8.673   -0.203  -3.186  1.00 38.02  ? 124 TYR A N   1 
ATOM   666  C  CA  . TYR A 1 85  ? 8.743   -1.677  -3.289  1.00 36.13  ? 124 TYR A CA  1 
ATOM   667  C  C   . TYR A 1 85  ? 8.530   -2.064  -4.745  1.00 36.65  ? 124 TYR A C   1 
ATOM   668  O  O   . TYR A 1 85  ? 7.455   -1.731  -5.317  1.00 37.72  ? 124 TYR A O   1 
ATOM   669  C  CB  . TYR A 1 85  ? 7.696   -2.350  -2.404  1.00 39.28  ? 124 TYR A CB  1 
ATOM   670  C  CG  . TYR A 1 85  ? 7.630   -3.858  -2.516  1.00 40.24  ? 124 TYR A CG  1 
ATOM   671  C  CD1 . TYR A 1 85  ? 8.538   -4.685  -1.857  1.00 39.95  ? 124 TYR A CD1 1 
ATOM   672  C  CD2 . TYR A 1 85  ? 6.623   -4.460  -3.245  1.00 36.36  ? 124 TYR A CD2 1 
ATOM   673  C  CE1 . TYR A 1 85  ? 8.471   -6.064  -1.969  1.00 37.24  ? 124 TYR A CE1 1 
ATOM   674  C  CE2 . TYR A 1 85  ? 6.527   -5.837  -3.350  1.00 40.27  ? 124 TYR A CE2 1 
ATOM   675  C  CZ  . TYR A 1 85  ? 7.460   -6.641  -2.723  1.00 40.17  ? 124 TYR A CZ  1 
ATOM   676  O  OH  . TYR A 1 85  ? 7.323   -7.985  -2.835  1.00 35.74  ? 124 TYR A OH  1 
ATOM   677  N  N   . ILE A 1 86  ? 9.493   -2.788  -5.304  1.00 34.12  ? 125 ILE A N   1 
ATOM   678  C  CA  . ILE A 1 86  ? 9.409   -3.371  -6.667  1.00 36.12  ? 125 ILE A CA  1 
ATOM   679  C  C   . ILE A 1 86  ? 8.690   -4.711  -6.564  1.00 38.42  ? 125 ILE A C   1 
ATOM   680  O  O   . ILE A 1 86  ? 9.177   -5.602  -5.864  1.00 38.25  ? 125 ILE A O   1 
ATOM   681  C  CB  . ILE A 1 86  ? 10.794  -3.497  -7.305  1.00 42.52  ? 125 ILE A CB  1 
ATOM   682  C  CG1 . ILE A 1 86  ? 11.577  -2.192  -7.162  1.00 46.53  ? 125 ILE A CG1 1 
ATOM   683  C  CG2 . ILE A 1 86  ? 10.653  -3.914  -8.766  1.00 44.66  ? 125 ILE A CG2 1 
ATOM   684  C  CD1 . ILE A 1 86  ? 12.969  -2.247  -7.763  1.00 51.66  ? 125 ILE A CD1 1 
ATOM   685  N  N   . HIS A 1 87  ? 7.544   -4.850  -7.214  1.00 36.45  ? 126 HIS A N   1 
ATOM   686  C  CA  . HIS A 1 87  ? 6.876   -6.166  -7.336  1.00 37.45  ? 126 HIS A CA  1 
ATOM   687  C  C   . HIS A 1 87  ? 7.915   -7.154  -7.871  1.00 35.92  ? 126 HIS A C   1 
ATOM   688  O  O   . HIS A 1 87  ? 8.539   -6.904  -8.910  1.00 32.73  ? 126 HIS A O   1 
ATOM   689  C  CB  . HIS A 1 87  ? 5.621   -6.111  -8.216  1.00 34.74  ? 126 HIS A CB  1 
ATOM   690  C  CG  . HIS A 1 87  ? 4.778   -7.331  -8.028  1.00 41.18  ? 126 HIS A CG  1 
ATOM   691  N  ND1 . HIS A 1 87  ? 5.082   -8.536  -8.622  1.00 39.41  ? 126 HIS A ND1 1 
ATOM   692  C  CD2 . HIS A 1 87  ? 3.729   -7.568  -7.211  1.00 41.45  ? 126 HIS A CD2 1 
ATOM   693  C  CE1 . HIS A 1 87  ? 4.206   -9.447  -8.227  1.00 44.13  ? 126 HIS A CE1 1 
ATOM   694  N  NE2 . HIS A 1 87  ? 3.366   -8.878  -7.363  1.00 40.71  ? 126 HIS A NE2 1 
ATOM   695  N  N   . PRO A 1 88  ? 8.113   -8.313  -7.204  1.00 38.44  ? 127 PRO A N   1 
ATOM   696  C  CA  . PRO A 1 88  ? 9.181   -9.259  -7.565  1.00 38.83  ? 127 PRO A CA  1 
ATOM   697  C  C   . PRO A 1 88  ? 9.012   -9.927  -8.942  1.00 37.67  ? 127 PRO A C   1 
ATOM   698  O  O   . PRO A 1 88  ? 10.012  -10.349 -9.517  1.00 35.25  ? 127 PRO A O   1 
ATOM   699  C  CB  . PRO A 1 88  ? 9.114   -10.299 -6.433  1.00 38.00  ? 127 PRO A CB  1 
ATOM   700  C  CG  . PRO A 1 88  ? 7.666   -10.279 -6.033  1.00 42.40  ? 127 PRO A CG  1 
ATOM   701  C  CD  . PRO A 1 88  ? 7.305   -8.806  -6.084  1.00 37.71  ? 127 PRO A CD  1 
ATOM   702  N  N   . ASP A 1 89  ? 7.797   -9.916  -9.506  1.00 36.30  ? 128 ASP A N   1 
ATOM   703  C  CA  . ASP A 1 89  ? 7.578   -10.387 -10.895 1.00 37.07  ? 128 ASP A CA  1 
ATOM   704  C  C   . ASP A 1 89  ? 8.173   -9.369  -11.872 1.00 38.99  ? 128 ASP A C   1 
ATOM   705  O  O   . ASP A 1 89  ? 8.200   -9.703  -13.034 1.00 38.98  ? 128 ASP A O   1 
ATOM   706  C  CB  . ASP A 1 89  ? 6.111   -10.567 -11.286 1.00 35.43  ? 128 ASP A CB  1 
ATOM   707  C  CG  . ASP A 1 89  ? 5.308   -11.605 -10.535 1.00 37.96  ? 128 ASP A CG  1 
ATOM   708  O  OD1 . ASP A 1 89  ? 5.795   -12.144 -9.548  1.00 39.53  ? 128 ASP A OD1 1 
ATOM   709  O  OD2 . ASP A 1 89  ? 4.127   -11.791 -10.908 1.00 40.13  ? 128 ASP A OD2 1 
ATOM   710  N  N   . SER A 1 90  ? 8.593   -8.172  -11.432 1.00 38.37  ? 129 SER A N   1 
ATOM   711  C  CA  . SER A 1 90  ? 9.143   -7.106  -12.324 1.00 39.19  ? 129 SER A CA  1 
ATOM   712  C  C   . SER A 1 90  ? 10.553  -7.479  -12.756 1.00 39.68  ? 129 SER A C   1 
ATOM   713  O  O   . SER A 1 90  ? 11.252  -8.127  -11.996 1.00 42.69  ? 129 SER A O   1 
ATOM   714  C  CB  . SER A 1 90  ? 9.190   -5.743  -11.672 1.00 36.62  ? 129 SER A CB  1 
ATOM   715  O  OG  . SER A 1 90  ? 7.963   -5.426  -11.035 1.00 34.46  ? 129 SER A OG  1 
ATOM   716  N  N   . PRO A 1 91  ? 11.037  -7.068  -13.946 1.00 36.99  ? 130 PRO A N   1 
ATOM   717  C  CA  . PRO A 1 91  ? 10.218  -6.519  -15.023 1.00 39.74  ? 130 PRO A CA  1 
ATOM   718  C  C   . PRO A 1 91  ? 9.483   -7.626  -15.773 1.00 41.82  ? 130 PRO A C   1 
ATOM   719  O  O   . PRO A 1 91  ? 9.929   -8.753  -15.720 1.00 47.48  ? 130 PRO A O   1 
ATOM   720  C  CB  . PRO A 1 91  ? 11.236  -5.885  -15.966 1.00 41.53  ? 130 PRO A CB  1 
ATOM   721  C  CG  . PRO A 1 91  ? 12.452  -6.741  -15.762 1.00 42.93  ? 130 PRO A CG  1 
ATOM   722  C  CD  . PRO A 1 91  ? 12.447  -7.127  -14.304 1.00 41.81  ? 130 PRO A CD  1 
ATOM   723  N  N   . ASN A 1 92  ? 8.401   -7.312  -16.466 1.00 38.76  ? 131 ASN A N   1 
ATOM   724  C  CA  . ASN A 1 92  ? 7.581   -8.390  -17.070 1.00 46.50  ? 131 ASN A CA  1 
ATOM   725  C  C   . ASN A 1 92  ? 6.687   -7.826  -18.176 1.00 46.81  ? 131 ASN A C   1 
ATOM   726  O  O   . ASN A 1 92  ? 6.540   -6.601  -18.249 1.00 43.17  ? 131 ASN A O   1 
ATOM   727  C  CB  . ASN A 1 92  ? 6.831   -9.189  -15.999 1.00 44.42  ? 131 ASN A CB  1 
ATOM   728  C  CG  . ASN A 1 92  ? 6.913   -10.679 -16.287 1.00 49.90  ? 131 ASN A CG  1 
ATOM   729  O  OD1 . ASN A 1 92  ? 6.764   -11.094 -17.433 1.00 46.17  ? 131 ASN A OD1 1 
ATOM   730  N  ND2 . ASN A 1 92  ? 7.145   -11.490 -15.269 1.00 41.60  ? 131 ASN A ND2 1 
ATOM   731  N  N   . PHE A 1 93  ? 6.194   -8.709  -19.051 1.00 45.81  ? 132 PHE A N   1 
ATOM   732  C  CA  . PHE A 1 93  ? 5.358   -8.356  -20.231 1.00 49.09  ? 132 PHE A CA  1 
ATOM   733  C  C   . PHE A 1 93  ? 3.970   -7.909  -19.754 1.00 46.69  ? 132 PHE A C   1 
ATOM   734  O  O   . PHE A 1 93  ? 3.427   -8.458  -18.767 1.00 48.57  ? 132 PHE A O   1 
ATOM   735  C  CB  . PHE A 1 93  ? 5.275   -9.534  -21.215 1.00 52.34  ? 132 PHE A CB  1 
ATOM   736  C  CG  . PHE A 1 93  ? 6.577   -9.826  -21.924 1.00 50.40  ? 132 PHE A CG  1 
ATOM   737  C  CD1 . PHE A 1 93  ? 7.026   -9.004  -22.944 1.00 53.96  ? 132 PHE A CD1 1 
ATOM   738  C  CD2 . PHE A 1 93  ? 7.377   -10.888 -21.534 1.00 52.59  ? 132 PHE A CD2 1 
ATOM   739  C  CE1 . PHE A 1 93  ? 8.247   -9.229  -23.559 1.00 54.36  ? 132 PHE A CE1 1 
ATOM   740  C  CE2 . PHE A 1 93  ? 8.597   -11.121 -22.156 1.00 52.82  ? 132 PHE A CE2 1 
ATOM   741  C  CZ  . PHE A 1 93  ? 9.029   -10.292 -23.167 1.00 53.55  ? 132 PHE A CZ  1 
ATOM   742  N  N   . GLY A 1 94  ? 3.384   -6.945  -20.460 1.00 47.11  ? 133 GLY A N   1 
ATOM   743  C  CA  . GLY A 1 94  ? 1.979   -6.550  -20.245 1.00 48.54  ? 133 GLY A CA  1 
ATOM   744  C  C   . GLY A 1 94  ? 1.063   -7.747  -20.028 1.00 47.55  ? 133 GLY A C   1 
ATOM   745  O  O   . GLY A 1 94  ? 0.230   -7.701  -19.104 1.00 44.62  ? 133 GLY A O   1 
ATOM   746  N  N   . ALA A 1 95  ? 1.217   -8.806  -20.827 1.00 47.77  ? 134 ALA A N   1 
ATOM   747  C  CA  . ALA A 1 95  ? 0.363   -10.017 -20.784 1.00 44.46  ? 134 ALA A CA  1 
ATOM   748  C  C   . ALA A 1 95  ? 0.416   -10.646 -19.392 1.00 43.06  ? 134 ALA A C   1 
ATOM   749  O  O   . ALA A 1 95  ? -0.614  -11.177 -18.936 1.00 44.97  ? 134 ALA A O   1 
ATOM   750  C  CB  . ALA A 1 95  ? 0.825   -11.002 -21.835 1.00 45.16  ? 134 ALA A CB  1 
ATOM   751  N  N   . HIS A 1 96  ? 1.589   -10.619 -18.759 1.00 41.57  ? 135 HIS A N   1 
ATOM   752  C  CA  . HIS A 1 96  ? 1.827   -11.263 -17.444 1.00 43.05  ? 135 HIS A CA  1 
ATOM   753  C  C   . HIS A 1 96  ? 1.002   -10.530 -16.394 1.00 40.83  ? 135 HIS A C   1 
ATOM   754  O  O   . HIS A 1 96  ? 0.401   -11.163 -15.470 1.00 45.34  ? 135 HIS A O   1 
ATOM   755  C  CB  . HIS A 1 96  ? 3.318   -11.219 -17.078 1.00 45.94  ? 135 HIS A CB  1 
ATOM   756  C  CG  . HIS A 1 96  ? 3.568   -11.671 -15.683 1.00 44.54  ? 135 HIS A CG  1 
ATOM   757  N  ND1 . HIS A 1 96  ? 3.783   -13.000 -15.362 1.00 50.52  ? 135 HIS A ND1 1 
ATOM   758  C  CD2 . HIS A 1 96  ? 3.595   -10.989 -14.521 1.00 43.14  ? 135 HIS A CD2 1 
ATOM   759  C  CE1 . HIS A 1 96  ? 3.953   -13.124 -14.063 1.00 47.50  ? 135 HIS A CE1 1 
ATOM   760  N  NE2 . HIS A 1 96  ? 3.821   -11.895 -13.516 1.00 50.12  ? 135 HIS A NE2 1 
ATOM   761  N  N   . TRP A 1 97  ? 1.025   -9.222  -16.506 1.00 39.64  ? 136 TRP A N   1 
ATOM   762  C  CA  . TRP A 1 97  ? 0.407   -8.304  -15.525 1.00 41.56  ? 136 TRP A CA  1 
ATOM   763  C  C   . TRP A 1 97  ? -1.114  -8.316  -15.673 1.00 44.21  ? 136 TRP A C   1 
ATOM   764  O  O   . TRP A 1 97  ? -1.803  -8.168  -14.646 1.00 46.42  ? 136 TRP A O   1 
ATOM   765  C  CB  . TRP A 1 97  ? 0.967   -6.913  -15.733 1.00 39.89  ? 136 TRP A CB  1 
ATOM   766  C  CG  . TRP A 1 97  ? 2.431   -6.771  -15.484 1.00 38.58  ? 136 TRP A CG  1 
ATOM   767  C  CD1 . TRP A 1 97  ? 3.350   -6.299  -16.370 1.00 38.83  ? 136 TRP A CD1 1 
ATOM   768  C  CD2 . TRP A 1 97  ? 3.129   -6.983  -14.245 1.00 36.02  ? 136 TRP A CD2 1 
ATOM   769  N  NE1 . TRP A 1 97  ? 4.583   -6.229  -15.777 1.00 37.78  ? 136 TRP A NE1 1 
ATOM   770  C  CE2 . TRP A 1 97  ? 4.479   -6.658  -14.477 1.00 36.96  ? 136 TRP A CE2 1 
ATOM   771  C  CE3 . TRP A 1 97  ? 2.749   -7.417  -12.970 1.00 40.12  ? 136 TRP A CE3 1 
ATOM   772  C  CZ2 . TRP A 1 97  ? 5.445   -6.716  -13.475 1.00 37.51  ? 136 TRP A CZ2 1 
ATOM   773  C  CZ3 . TRP A 1 97  ? 3.706   -7.499  -11.986 1.00 39.78  ? 136 TRP A CZ3 1 
ATOM   774  C  CH2 . TRP A 1 97  ? 5.032   -7.138  -12.234 1.00 41.27  ? 136 TRP A CH2 1 
ATOM   775  N  N   . MET A 1 98  ? -1.634  -8.537  -16.886 1.00 47.04  ? 137 MET A N   1 
ATOM   776  C  CA  . MET A 1 98  ? -3.105  -8.483  -17.134 1.00 49.16  ? 137 MET A CA  1 
ATOM   777  C  C   . MET A 1 98  ? -3.786  -9.850  -16.975 1.00 46.95  ? 137 MET A C   1 
ATOM   778  O  O   . MET A 1 98  ? -5.004  -9.835  -16.975 1.00 50.57  ? 137 MET A O   1 
ATOM   779  C  CB  . MET A 1 98  ? -3.417  -7.950  -18.531 1.00 46.54  ? 137 MET A CB  1 
ATOM   780  C  CG  . MET A 1 98  ? -2.976  -6.536  -18.695 1.00 47.69  ? 137 MET A CG  1 
ATOM   781  S  SD  . MET A 1 98  ? -3.524  -5.844  -20.261 1.00 49.96  ? 137 MET A SD  1 
ATOM   782  C  CE  . MET A 1 98  ? -2.447  -6.724  -21.394 1.00 50.26  ? 137 MET A CE  1 
ATOM   783  N  N   . LYS A 1 99  ? -3.070  -10.969 -16.819 1.00 48.85  ? 138 LYS A N   1 
ATOM   784  C  CA  . LYS A 1 99  ? -3.702  -12.325 -16.799 1.00 51.57  ? 138 LYS A CA  1 
ATOM   785  C  C   . LYS A 1 99  ? -4.265  -12.653 -15.407 1.00 57.20  ? 138 LYS A C   1 
ATOM   786  O  O   . LYS A 1 99  ? -5.226  -13.445 -15.321 1.00 59.12  ? 138 LYS A O   1 
ATOM   787  C  CB  . LYS A 1 99  ? -2.739  -13.408 -17.301 1.00 54.38  ? 138 LYS A CB  1 
ATOM   788  C  CG  . LYS A 1 99  ? -1.396  -13.503 -16.588 1.00 60.95  ? 138 LYS A CG  1 
ATOM   789  C  CD  . LYS A 1 99  ? -0.900  -14.934 -16.437 1.00 72.34  ? 138 LYS A CD  1 
ATOM   790  C  CE  . LYS A 1 99  ? 0.490   -15.054 -15.838 1.00 78.55  ? 138 LYS A CE  1 
ATOM   791  N  NZ  . LYS A 1 99  ? 1.549   -15.182 -16.874 1.00 82.97  ? 138 LYS A NZ  1 
ATOM   792  N  N   . ALA A 1 100 ? -3.713  -12.075 -14.340 1.00 55.66  ? 139 ALA A N   1 
ATOM   793  C  CA  . ALA A 1 100 ? -4.266  -12.205 -12.974 1.00 53.83  ? 139 ALA A CA  1 
ATOM   794  C  C   . ALA A 1 100 ? -4.019  -10.919 -12.188 1.00 49.05  ? 139 ALA A C   1 
ATOM   795  O  O   . ALA A 1 100 ? -3.185  -10.108 -12.568 1.00 54.36  ? 139 ALA A O   1 
ATOM   796  C  CB  . ALA A 1 100 ? -3.670  -13.412 -12.292 1.00 55.78  ? 139 ALA A CB  1 
ATOM   797  N  N   . PRO A 1 101 ? -4.772  -10.657 -11.100 1.00 47.14  ? 140 PRO A N   1 
ATOM   798  C  CA  . PRO A 1 101 ? -4.573  -9.439  -10.325 1.00 42.89  ? 140 PRO A CA  1 
ATOM   799  C  C   . PRO A 1 101 ? -3.124  -9.370  -9.837  1.00 42.39  ? 140 PRO A C   1 
ATOM   800  O  O   . PRO A 1 101 ? -2.598  -10.374 -9.435  1.00 40.37  ? 140 PRO A O   1 
ATOM   801  C  CB  . PRO A 1 101 ? -5.575  -9.553  -9.171  1.00 44.20  ? 140 PRO A CB  1 
ATOM   802  C  CG  . PRO A 1 101 ? -6.640  -10.492 -9.678  1.00 43.79  ? 140 PRO A CG  1 
ATOM   803  C  CD  . PRO A 1 101 ? -5.920  -11.443 -10.614 1.00 47.86  ? 140 PRO A CD  1 
ATOM   804  N  N   . VAL A 1 102 ? -2.494  -8.206  -9.967  1.00 40.66  ? 141 VAL A N   1 
ATOM   805  C  CA  . VAL A 1 102 ? -1.103  -7.978  -9.469  1.00 42.32  ? 141 VAL A CA  1 
ATOM   806  C  C   . VAL A 1 102 ? -1.174  -7.873  -7.944  1.00 39.79  ? 141 VAL A C   1 
ATOM   807  O  O   . VAL A 1 102 ? -1.833  -6.941  -7.421  1.00 35.87  ? 141 VAL A O   1 
ATOM   808  C  CB  . VAL A 1 102 ? -0.451  -6.741  -10.091 1.00 37.95  ? 141 VAL A CB  1 
ATOM   809  C  CG1 . VAL A 1 102 ? 1.001   -6.628  -9.670  1.00 36.08  ? 141 VAL A CG1 1 
ATOM   810  C  CG2 . VAL A 1 102 ? -0.590  -6.770  -11.608 1.00 41.21  ? 141 VAL A CG2 1 
ATOM   811  N  N   . SER A 1 103 ? -0.578  -8.844  -7.262  1.00 40.43  ? 142 SER A N   1 
ATOM   812  C  CA  . SER A 1 103 ? -0.771  -9.060  -5.812  1.00 38.54  ? 142 SER A CA  1 
ATOM   813  C  C   . SER A 1 103 ? 0.522   -8.718  -5.056  1.00 39.57  ? 142 SER A C   1 
ATOM   814  O  O   . SER A 1 103 ? 1.549   -9.325  -5.362  1.00 38.92  ? 142 SER A O   1 
ATOM   815  C  CB  . SER A 1 103 ? -1.225  -10.459 -5.571  1.00 40.35  ? 142 SER A CB  1 
ATOM   816  O  OG  . SER A 1 103 ? -1.645  -10.597 -4.237  1.00 42.90  ? 142 SER A OG  1 
ATOM   817  N  N   . PHE A 1 104 ? 0.482   -7.735  -4.144  1.00 35.88  ? 143 PHE A N   1 
ATOM   818  C  CA  . PHE A 1 104 ? 1.676   -7.283  -3.384  1.00 36.06  ? 143 PHE A CA  1 
ATOM   819  C  C   . PHE A 1 104 ? 1.725   -8.025  -2.039  1.00 35.95  ? 143 PHE A C   1 
ATOM   820  O  O   . PHE A 1 104 ? 1.763   -7.385  -0.983  1.00 38.10  ? 143 PHE A O   1 
ATOM   821  C  CB  . PHE A 1 104 ? 1.635   -5.761  -3.228  1.00 35.24  ? 143 PHE A CB  1 
ATOM   822  C  CG  . PHE A 1 104 ? 1.789   -5.000  -4.526  1.00 38.19  ? 143 PHE A CG  1 
ATOM   823  C  CD1 . PHE A 1 104 ? 3.030   -4.538  -4.927  1.00 37.00  ? 143 PHE A CD1 1 
ATOM   824  C  CD2 . PHE A 1 104 ? 0.698   -4.763  -5.358  1.00 38.14  ? 143 PHE A CD2 1 
ATOM   825  C  CE1 . PHE A 1 104 ? 3.181   -3.829  -6.108  1.00 40.07  ? 143 PHE A CE1 1 
ATOM   826  C  CE2 . PHE A 1 104 ? 0.851   -4.045  -6.532  1.00 39.77  ? 143 PHE A CE2 1 
ATOM   827  C  CZ  . PHE A 1 104 ? 2.091   -3.573  -6.901  1.00 38.90  ? 143 PHE A CZ  1 
ATOM   828  N  N   . SER A 1 105 ? 1.742   -9.355  -2.059  1.00 37.23  ? 144 SER A N   1 
ATOM   829  C  CA  . SER A 1 105 ? 1.611   -10.184 -0.827  1.00 35.41  ? 144 SER A CA  1 
ATOM   830  C  C   . SER A 1 105 ? 2.946   -10.230 -0.071  1.00 33.53  ? 144 SER A C   1 
ATOM   831  O  O   . SER A 1 105 ? 2.915   -10.560 1.103   1.00 42.76  ? 144 SER A O   1 
ATOM   832  C  CB  . SER A 1 105 ? 1.113   -11.546 -1.151  1.00 33.02  ? 144 SER A CB  1 
ATOM   833  O  OG  . SER A 1 105 ? 1.972   -12.113 -2.097  1.00 36.46  ? 144 SER A OG  1 
ATOM   834  N  N   . LYS A 1 106 ? 4.067   -9.873  -0.692  1.00 34.42  ? 145 LYS A N   1 
ATOM   835  C  CA  . LYS A 1 106 ? 5.406   -10.086 -0.071  1.00 35.40  ? 145 LYS A CA  1 
ATOM   836  C  C   . LYS A 1 106 ? 6.023   -8.790  0.463   1.00 38.76  ? 145 LYS A C   1 
ATOM   837  O  O   . LYS A 1 106 ? 7.107   -8.866  1.068   1.00 42.65  ? 145 LYS A O   1 
ATOM   838  C  CB  . LYS A 1 106 ? 6.342   -10.723 -1.086  1.00 35.46  ? 145 LYS A CB  1 
ATOM   839  C  CG  . LYS A 1 106 ? 5.891   -12.069 -1.608  1.00 38.55  ? 145 LYS A CG  1 
ATOM   840  C  CD  . LYS A 1 106 ? 5.487   -13.019 -0.520  1.00 40.13  ? 145 LYS A CD  1 
ATOM   841  C  CE  . LYS A 1 106 ? 5.425   -14.440 -1.026  1.00 39.50  ? 145 LYS A CE  1 
ATOM   842  N  NZ  . LYS A 1 106 ? 5.095   -15.345 0.100   1.00 44.38  ? 145 LYS A NZ  1 
ATOM   843  N  N   . VAL A 1 107 ? 5.365   -7.636  0.296   1.00 41.12  ? 146 VAL A N   1 
ATOM   844  C  CA  . VAL A 1 107 ? 5.883   -6.362  0.876   1.00 37.04  ? 146 VAL A CA  1 
ATOM   845  C  C   . VAL A 1 107 ? 5.716   -6.441  2.392   1.00 34.56  ? 146 VAL A C   1 
ATOM   846  O  O   . VAL A 1 107 ? 4.652   -6.878  2.853   1.00 32.16  ? 146 VAL A O   1 
ATOM   847  C  CB  . VAL A 1 107 ? 5.206   -5.106  0.294   1.00 36.59  ? 146 VAL A CB  1 
ATOM   848  C  CG1 . VAL A 1 107 ? 3.719   -5.016  0.640   1.00 38.35  ? 146 VAL A CG1 1 
ATOM   849  C  CG2 . VAL A 1 107 ? 5.955   -3.856  0.726   1.00 35.33  ? 146 VAL A CG2 1 
ATOM   850  N  N   . LYS A 1 108 ? 6.731   -6.000  3.125   1.00 35.42  ? 147 LYS A N   1 
ATOM   851  C  CA  . LYS A 1 108 ? 6.749   -6.014  4.606   1.00 38.50  ? 147 LYS A CA  1 
ATOM   852  C  C   . LYS A 1 108 ? 6.910   -4.589  5.095   1.00 38.25  ? 147 LYS A C   1 
ATOM   853  O  O   . LYS A 1 108 ? 7.830   -3.909  4.609   1.00 35.52  ? 147 LYS A O   1 
ATOM   854  C  CB  . LYS A 1 108 ? 7.923   -6.831  5.133   1.00 40.55  ? 147 LYS A CB  1 
ATOM   855  C  CG  . LYS A 1 108 ? 7.748   -8.339  5.032   1.00 48.87  ? 147 LYS A CG  1 
ATOM   856  C  CD  . LYS A 1 108 ? 9.048   -9.069  5.246   1.00 53.71  ? 147 LYS A CD  1 
ATOM   857  C  CE  . LYS A 1 108 ? 8.880   -10.437 5.862   1.00 57.35  ? 147 LYS A CE  1 
ATOM   858  N  NZ  . LYS A 1 108 ? 10.197  -11.096 6.017   1.00 57.29  ? 147 LYS A NZ  1 
ATOM   859  N  N   . LEU A 1 109 ? 6.049   -4.172  6.020   1.00 42.25  ? 148 LEU A N   1 
ATOM   860  C  CA  . LEU A 1 109 ? 6.038   -2.793  6.583   1.00 39.23  ? 148 LEU A CA  1 
ATOM   861  C  C   . LEU A 1 109 ? 6.845   -2.785  7.886   1.00 44.54  ? 148 LEU A C   1 
ATOM   862  O  O   . LEU A 1 109 ? 6.549   -3.603  8.764   1.00 40.35  ? 148 LEU A O   1 
ATOM   863  C  CB  . LEU A 1 109 ? 4.587   -2.372  6.797   1.00 34.84  ? 148 LEU A CB  1 
ATOM   864  C  CG  . LEU A 1 109 ? 3.707   -2.443  5.546   1.00 39.25  ? 148 LEU A CG  1 
ATOM   865  C  CD1 . LEU A 1 109 ? 2.300   -1.910  5.817   1.00 34.65  ? 148 LEU A CD1 1 
ATOM   866  C  CD2 . LEU A 1 109 ? 4.376   -1.700  4.388   1.00 40.07  ? 148 LEU A CD2 1 
ATOM   867  N  N   . THR A 1 110 ? 7.863   -1.931  7.988   1.00 42.18  ? 149 THR A N   1 
ATOM   868  C  CA  . THR A 1 110 ? 8.730   -1.866  9.191   1.00 46.25  ? 149 THR A CA  1 
ATOM   869  C  C   . THR A 1 110 ? 8.659   -0.471  9.811   1.00 46.91  ? 149 THR A C   1 
ATOM   870  O  O   . THR A 1 110 ? 8.131   0.455   9.166   1.00 44.48  ? 149 THR A O   1 
ATOM   871  C  CB  . THR A 1 110 ? 10.169  -2.327  8.891   1.00 45.94  ? 149 THR A CB  1 
ATOM   872  O  OG1 . THR A 1 110 ? 10.879  -2.321  10.130  1.00 47.30  ? 149 THR A OG1 1 
ATOM   873  C  CG2 . THR A 1 110 ? 10.920  -1.481  7.888   1.00 43.10  ? 149 THR A CG2 1 
ATOM   874  N  N   . ASN A 1 111 ? 9.198   -0.348  11.026  1.00 46.59  ? 150 ASN A N   1 
ATOM   875  C  CA  . ASN A 1 111 ? 9.405   0.949   11.715  1.00 49.99  ? 150 ASN A CA  1 
ATOM   876  C  C   . ASN A 1 111 ? 10.901  1.209   11.911  1.00 54.32  ? 150 ASN A C   1 
ATOM   877  O  O   . ASN A 1 111 ? 11.210  2.156   12.615  1.00 58.50  ? 150 ASN A O   1 
ATOM   878  C  CB  . ASN A 1 111 ? 8.611   1.056   13.021  1.00 52.34  ? 150 ASN A CB  1 
ATOM   879  C  CG  . ASN A 1 111 ? 8.822   -0.060  14.030  1.00 49.67  ? 150 ASN A CG  1 
ATOM   880  O  OD1 . ASN A 1 111 ? 8.238   -0.007  15.107  1.00 60.20  ? 150 ASN A OD1 1 
ATOM   881  N  ND2 . ASN A 1 111 ? 9.598   -1.081  13.703  1.00 47.32  ? 150 ASN A ND2 1 
ATOM   882  N  N   . LYS A 1 112 ? 11.797  0.436   11.291  1.00 62.98  ? 151 LYS A N   1 
ATOM   883  C  CA  . LYS A 1 112 ? 13.265  0.554   11.525  1.00 69.57  ? 151 LYS A CA  1 
ATOM   884  C  C   . LYS A 1 112 ? 13.998  0.497   10.185  1.00 74.39  ? 151 LYS A C   1 
ATOM   885  O  O   . LYS A 1 112 ? 13.699  -0.425  9.409   1.00 75.99  ? 151 LYS A O   1 
ATOM   886  C  CB  . LYS A 1 112 ? 13.762  -0.568  12.447  1.00 75.42  ? 151 LYS A CB  1 
ATOM   887  C  CG  . LYS A 1 112 ? 13.203  -0.556  13.867  1.00 78.27  ? 151 LYS A CG  1 
ATOM   888  C  CD  . LYS A 1 112 ? 13.830  0.485   14.787  1.00 79.64  ? 151 LYS A CD  1 
ATOM   889  C  CE  . LYS A 1 112 ? 13.275  0.420   16.196  1.00 82.26  ? 151 LYS A CE  1 
ATOM   890  N  NZ  . LYS A 1 112 ? 13.741  1.554   17.027  1.00 81.65  ? 151 LYS A NZ  1 
ATOM   891  N  N   . LEU A 1 113 ? 14.920  1.436   9.931   1.00 84.30  ? 152 LEU A N   1 
ATOM   892  C  CA  . LEU A 1 113 ? 15.803  1.388   8.732   1.00 84.76  ? 152 LEU A CA  1 
ATOM   893  C  C   . LEU A 1 113 ? 16.562  0.054   8.771   1.00 93.04  ? 152 LEU A C   1 
ATOM   894  O  O   . LEU A 1 113 ? 17.087  -0.320  9.843   1.00 87.65  ? 152 LEU A O   1 
ATOM   895  C  CB  . LEU A 1 113 ? 16.731  2.609   8.594   1.00 83.42  ? 152 LEU A CB  1 
ATOM   896  C  CG  . LEU A 1 113 ? 17.345  3.268   9.838   1.00 84.43  ? 152 LEU A CG  1 
ATOM   897  C  CD1 . LEU A 1 113 ? 16.425  4.330   10.431  1.00 82.85  ? 152 LEU A CD1 1 
ATOM   898  C  CD2 . LEU A 1 113 ? 17.790  2.266   10.900  1.00 84.97  ? 152 LEU A CD2 1 
ATOM   899  N  N   . ASN A 1 114 ? 16.522  -0.672  7.653   1.00 100.64 ? 153 ASN A N   1 
ATOM   900  C  CA  . ASN A 1 114 ? 16.973  -2.083  7.538   1.00 110.44 ? 153 ASN A CA  1 
ATOM   901  C  C   . ASN A 1 114 ? 17.709  -2.236  6.204   1.00 111.76 ? 153 ASN A C   1 
ATOM   902  O  O   . ASN A 1 114 ? 17.699  -1.263  5.419   1.00 111.18 ? 153 ASN A O   1 
ATOM   903  C  CB  . ASN A 1 114 ? 15.795  -3.058  7.659   1.00 113.86 ? 153 ASN A CB  1 
ATOM   904  C  CG  . ASN A 1 114 ? 15.119  -3.031  9.017   1.00 111.51 ? 153 ASN A CG  1 
ATOM   905  O  OD1 . ASN A 1 114 ? 15.780  -2.952  10.053  1.00 109.27 ? 153 ASN A OD1 1 
ATOM   906  N  ND2 . ASN A 1 114 ? 13.797  -3.107  9.025   1.00 101.15 ? 153 ASN A ND2 1 
ATOM   907  N  N   . GLY A 1 115 ? 18.310  -3.409  5.969   1.00 116.84 ? 154 GLY A N   1 
ATOM   908  C  CA  . GLY A 1 115 ? 19.049  -3.750  4.735   1.00 114.68 ? 154 GLY A CA  1 
ATOM   909  C  C   . GLY A 1 115 ? 18.355  -3.226  3.487   1.00 106.42 ? 154 GLY A C   1 
ATOM   910  O  O   . GLY A 1 115 ? 19.056  -2.730  2.587   1.00 105.09 ? 154 GLY A O   1 
ATOM   911  N  N   . GLY A 1 116 ? 17.021  -3.311  3.450   1.00 105.15 ? 155 GLY A N   1 
ATOM   912  C  CA  . GLY A 1 116 ? 16.175  -2.891  2.317   1.00 92.60  ? 155 GLY A CA  1 
ATOM   913  C  C   . GLY A 1 116 ? 15.220  -4.003  1.938   1.00 87.61  ? 155 GLY A C   1 
ATOM   914  O  O   . GLY A 1 116 ? 15.327  -5.105  2.504   1.00 87.20  ? 155 GLY A O   1 
ATOM   915  N  N   . GLY A 1 117 ? 14.325  -3.743  0.996   1.00 88.86  ? 156 GLY A N   1 
ATOM   916  C  CA  . GLY A 1 117 ? 13.229  -4.671  0.672   1.00 85.22  ? 156 GLY A CA  1 
ATOM   917  C  C   . GLY A 1 117 ? 12.027  -4.333  1.523   1.00 75.66  ? 156 GLY A C   1 
ATOM   918  O  O   . GLY A 1 117 ? 11.008  -3.940  0.945   1.00 77.92  ? 156 GLY A O   1 
ATOM   919  N  N   . GLN A 1 118 ? 12.168  -4.435  2.849   1.00 66.81  ? 157 GLN A N   1 
ATOM   920  C  CA  . GLN A 1 118 ? 11.180  -3.909  3.833   1.00 64.25  ? 157 GLN A CA  1 
ATOM   921  C  C   . GLN A 1 118 ? 10.987  -2.414  3.571   1.00 55.96  ? 157 GLN A C   1 
ATOM   922  O  O   . GLN A 1 118 ? 11.965  -1.747  3.228   1.00 50.17  ? 157 GLN A O   1 
ATOM   923  C  CB  . GLN A 1 118 ? 11.643  -4.084  5.280   1.00 64.34  ? 157 GLN A CB  1 
ATOM   924  C  CG  . GLN A 1 118 ? 11.867  -5.527  5.683   1.00 70.49  ? 157 GLN A CG  1 
ATOM   925  C  CD  . GLN A 1 118 ? 13.260  -5.745  6.217   1.00 73.74  ? 157 GLN A CD  1 
ATOM   926  O  OE1 . GLN A 1 118 ? 13.438  -6.316  7.286   1.00 77.90  ? 157 GLN A OE1 1 
ATOM   927  N  NE2 . GLN A 1 118 ? 14.262  -5.291  5.475   1.00 70.60  ? 157 GLN A NE2 1 
ATOM   928  N  N   . ILE A 1 119 ? 9.757   -1.922  3.696   1.00 49.91  ? 158 ILE A N   1 
ATOM   929  C  CA  . ILE A 1 119 ? 9.455   -0.477  3.547   1.00 45.53  ? 158 ILE A CA  1 
ATOM   930  C  C   . ILE A 1 119 ? 9.256   0.099   4.942   1.00 47.52  ? 158 ILE A C   1 
ATOM   931  O  O   . ILE A 1 119 ? 8.355   -0.388  5.638   1.00 38.02  ? 158 ILE A O   1 
ATOM   932  C  CB  . ILE A 1 119 ? 8.216   -0.266  2.670   1.00 43.79  ? 158 ILE A CB  1 
ATOM   933  C  CG1 . ILE A 1 119 ? 8.437   -0.815  1.259   1.00 43.64  ? 158 ILE A CG1 1 
ATOM   934  C  CG2 . ILE A 1 119 ? 7.815   1.187   2.688   1.00 43.01  ? 158 ILE A CG2 1 
ATOM   935  C  CD1 . ILE A 1 119 ? 9.713   -0.326  0.582   1.00 44.04  ? 158 ILE A CD1 1 
ATOM   936  N  N   . MET A 1 120 ? 10.051  1.115   5.293   1.00 46.37  ? 159 MET A N   1 
ATOM   937  C  CA  . MET A 1 120 ? 9.971   1.796   6.612   1.00 50.90  ? 159 MET A CA  1 
ATOM   938  C  C   . MET A 1 120 ? 8.854   2.829   6.561   1.00 45.51  ? 159 MET A C   1 
ATOM   939  O  O   . MET A 1 120 ? 8.861   3.674   5.657   1.00 42.77  ? 159 MET A O   1 
ATOM   940  C  CB  . MET A 1 120 ? 11.271  2.506   7.000   1.00 58.90  ? 159 MET A CB  1 
ATOM   941  C  CG  . MET A 1 120 ? 11.238  3.080   8.415   1.00 63.46  ? 159 MET A CG  1 
ATOM   942  S  SD  . MET A 1 120 ? 12.791  3.869   8.864   1.00 80.30  ? 159 MET A SD  1 
ATOM   943  C  CE  . MET A 1 120 ? 12.703  5.360   7.870   1.00 81.84  ? 159 MET A CE  1 
ATOM   944  N  N   . LEU A 1 121 ? 7.912   2.718   7.490   1.00 41.50  ? 160 LEU A N   1 
ATOM   945  C  CA  . LEU A 1 121 ? 6.861   3.718   7.733   1.00 39.32  ? 160 LEU A CA  1 
ATOM   946  C  C   . LEU A 1 121 ? 7.020   4.273   9.147   1.00 44.30  ? 160 LEU A C   1 
ATOM   947  O  O   . LEU A 1 121 ? 7.515   3.535   10.006  1.00 45.50  ? 160 LEU A O   1 
ATOM   948  C  CB  . LEU A 1 121 ? 5.502   3.045   7.580   1.00 40.38  ? 160 LEU A CB  1 
ATOM   949  C  CG  . LEU A 1 121 ? 5.215   2.364   6.246   1.00 38.52  ? 160 LEU A CG  1 
ATOM   950  C  CD1 . LEU A 1 121 ? 3.830   1.766   6.264   1.00 34.82  ? 160 LEU A CD1 1 
ATOM   951  C  CD2 . LEU A 1 121 ? 5.354   3.335   5.076   1.00 41.11  ? 160 LEU A CD2 1 
ATOM   952  N  N   . ASN A 1 122 ? 6.533   5.495   9.384   1.00 47.43  ? 161 ASN A N   1 
ATOM   953  C  CA  . ASN A 1 122 ? 6.414   6.080   10.744  1.00 49.31  ? 161 ASN A CA  1 
ATOM   954  C  C   . ASN A 1 122 ? 5.141   5.544   11.391  1.00 53.27  ? 161 ASN A C   1 
ATOM   955  O  O   . ASN A 1 122 ? 4.025   5.762   10.835  1.00 46.22  ? 161 ASN A O   1 
ATOM   956  C  CB  . ASN A 1 122 ? 6.360   7.604   10.755  1.00 54.04  ? 161 ASN A CB  1 
ATOM   957  C  CG  . ASN A 1 122 ? 7.601   8.232   10.175  1.00 55.34  ? 161 ASN A CG  1 
ATOM   958  O  OD1 . ASN A 1 122 ? 8.701   7.792   10.487  1.00 56.66  ? 161 ASN A OD1 1 
ATOM   959  N  ND2 . ASN A 1 122 ? 7.429   9.238   9.326   1.00 59.00  ? 161 ASN A ND2 1 
ATOM   960  N  N   . SER A 1 123 ? 5.302   4.902   12.542  1.00 45.69  ? 162 SER A N   1 
ATOM   961  C  CA  . SER A 1 123 ? 4.181   4.496   13.414  1.00 50.53  ? 162 SER A CA  1 
ATOM   962  C  C   . SER A 1 123 ? 3.282   5.708   13.691  1.00 44.26  ? 162 SER A C   1 
ATOM   963  O  O   . SER A 1 123 ? 3.809   6.833   13.783  1.00 42.07  ? 162 SER A O   1 
ATOM   964  C  CB  . SER A 1 123 ? 4.708   3.891   14.679  1.00 54.00  ? 162 SER A CB  1 
ATOM   965  O  OG  . SER A 1 123 ? 3.645   3.257   15.370  1.00 66.02  ? 162 SER A OG  1 
ATOM   966  N  N   . LEU A 1 124 ? 1.975   5.472   13.787  1.00 40.49  ? 163 LEU A N   1 
ATOM   967  C  CA  . LEU A 1 124 ? 0.909   6.467   14.104  1.00 43.39  ? 163 LEU A CA  1 
ATOM   968  C  C   . LEU A 1 124 ? 0.811   7.570   13.021  1.00 45.72  ? 163 LEU A C   1 
ATOM   969  O  O   . LEU A 1 124 ? 0.214   8.643   13.302  1.00 46.35  ? 163 LEU A O   1 
ATOM   970  C  CB  . LEU A 1 124 ? 1.160   7.037   15.508  1.00 47.59  ? 163 LEU A CB  1 
ATOM   971  C  CG  . LEU A 1 124 ? 1.141   6.010   16.653  1.00 51.08  ? 163 LEU A CG  1 
ATOM   972  C  CD1 . LEU A 1 124 ? 1.391   6.674   17.995  1.00 55.44  ? 163 LEU A CD1 1 
ATOM   973  C  CD2 . LEU A 1 124 ? -0.167  5.230   16.701  1.00 50.75  ? 163 LEU A CD2 1 
ATOM   974  N  N   . HIS A 1 125 ? 1.321   7.323   11.811  1.00 42.52  ? 164 HIS A N   1 
ATOM   975  C  CA  . HIS A 1 125 ? 1.052   8.170   10.620  1.00 42.42  ? 164 HIS A CA  1 
ATOM   976  C  C   . HIS A 1 125 ? 0.068   7.430   9.720   1.00 43.38  ? 164 HIS A C   1 
ATOM   977  O  O   . HIS A 1 125 ? 0.081   6.162   9.692   1.00 36.33  ? 164 HIS A O   1 
ATOM   978  C  CB  . HIS A 1 125 ? 2.350   8.594   9.939   1.00 46.45  ? 164 HIS A CB  1 
ATOM   979  C  CG  . HIS A 1 125 ? 3.073   9.597   10.767  1.00 51.69  ? 164 HIS A CG  1 
ATOM   980  N  ND1 . HIS A 1 125 ? 3.736   9.244   11.928  1.00 62.38  ? 164 HIS A ND1 1 
ATOM   981  C  CD2 . HIS A 1 125 ? 3.170   10.941  10.669  1.00 57.58  ? 164 HIS A CD2 1 
ATOM   982  C  CE1 . HIS A 1 125 ? 4.236   10.327  12.499  1.00 60.14  ? 164 HIS A CE1 1 
ATOM   983  N  NE2 . HIS A 1 125 ? 3.905   11.382  11.747  1.00 58.25  ? 164 HIS A NE2 1 
ATOM   984  N  N   . LYS A 1 126 ? -0.776  8.203   9.049   1.00 35.81  ? 165 LYS A N   1 
ATOM   985  C  CA  . LYS A 1 126 ? -1.799  7.671   8.129   1.00 37.96  ? 165 LYS A CA  1 
ATOM   986  C  C   . LYS A 1 126 ? -1.227  7.635   6.702   1.00 39.08  ? 165 LYS A C   1 
ATOM   987  O  O   . LYS A 1 126 ? -0.613  8.630   6.255   1.00 34.72  ? 165 LYS A O   1 
ATOM   988  C  CB  . LYS A 1 126 ? -3.057  8.514   8.258   1.00 39.57  ? 165 LYS A CB  1 
ATOM   989  C  CG  . LYS A 1 126 ? -4.186  8.087   7.343   1.00 45.20  ? 165 LYS A CG  1 
ATOM   990  C  CD  . LYS A 1 126 ? -5.432  8.851   7.603   1.00 45.81  ? 165 LYS A CD  1 
ATOM   991  C  CE  . LYS A 1 126 ? -6.255  8.236   8.708   1.00 46.20  ? 165 LYS A CE  1 
ATOM   992  N  NZ  . LYS A 1 126 ? -7.637  8.767   8.695   1.00 43.96  ? 165 LYS A NZ  1 
ATOM   993  N  N   . TYR A 1 127 ? -1.446  6.531   5.995   1.00 32.32  ? 166 TYR A N   1 
ATOM   994  C  CA  . TYR A 1 127 ? -0.750  6.245   4.716   1.00 31.80  ? 166 TYR A CA  1 
ATOM   995  C  C   . TYR A 1 127 ? -1.779  5.907   3.657   1.00 32.61  ? 166 TYR A C   1 
ATOM   996  O  O   . TYR A 1 127 ? -2.832  5.308   3.987   1.00 32.27  ? 166 TYR A O   1 
ATOM   997  C  CB  . TYR A 1 127 ? 0.308   5.160   4.883   1.00 31.85  ? 166 TYR A CB  1 
ATOM   998  C  CG  . TYR A 1 127 ? 1.549   5.660   5.579   1.00 34.19  ? 166 TYR A CG  1 
ATOM   999  C  CD1 . TYR A 1 127 ? 2.472   6.468   4.939   1.00 32.73  ? 166 TYR A CD1 1 
ATOM   1000 C  CD2 . TYR A 1 127 ? 1.761   5.372   6.907   1.00 34.68  ? 166 TYR A CD2 1 
ATOM   1001 C  CE1 . TYR A 1 127 ? 3.597   6.938   5.600   1.00 33.61  ? 166 TYR A CE1 1 
ATOM   1002 C  CE2 . TYR A 1 127 ? 2.869   5.841   7.582   1.00 34.12  ? 166 TYR A CE2 1 
ATOM   1003 C  CZ  . TYR A 1 127 ? 3.788   6.632   6.937   1.00 36.72  ? 166 TYR A CZ  1 
ATOM   1004 O  OH  . TYR A 1 127 ? 4.884   7.038   7.655   1.00 44.01  ? 166 TYR A OH  1 
ATOM   1005 N  N   . GLU A 1 128 ? -1.477  6.338   2.433   1.00 31.58  ? 167 GLU A N   1 
ATOM   1006 C  CA  . GLU A 1 128 ? -2.270  5.978   1.234   1.00 34.39  ? 167 GLU A CA  1 
ATOM   1007 C  C   . GLU A 1 128 ? -1.385  5.201   0.271   1.00 31.50  ? 167 GLU A C   1 
ATOM   1008 O  O   . GLU A 1 128 ? -0.462  5.767   -0.305  1.00 34.64  ? 167 GLU A O   1 
ATOM   1009 C  CB  . GLU A 1 128 ? -2.809  7.217   0.523   1.00 32.90  ? 167 GLU A CB  1 
ATOM   1010 C  CG  . GLU A 1 128 ? -3.779  6.831   -0.544  1.00 34.84  ? 167 GLU A CG  1 
ATOM   1011 C  CD  . GLU A 1 128 ? -4.636  7.997   -0.955  1.00 38.01  ? 167 GLU A CD  1 
ATOM   1012 O  OE1 . GLU A 1 128 ? -4.128  8.814   -1.753  1.00 31.25  ? 167 GLU A OE1 1 
ATOM   1013 O  OE2 . GLU A 1 128 ? -5.770  8.074   -0.449  1.00 32.69  ? 167 GLU A OE2 1 
ATOM   1014 N  N   . PRO A 1 129 ? -1.626  3.886   0.103   1.00 31.80  ? 168 PRO A N   1 
ATOM   1015 C  CA  . PRO A 1 129 ? -0.949  3.115   -0.934  1.00 31.94  ? 168 PRO A CA  1 
ATOM   1016 C  C   . PRO A 1 129 ? -1.124  3.692   -2.347  1.00 32.33  ? 168 PRO A C   1 
ATOM   1017 O  O   . PRO A 1 129 ? -2.224  4.150   -2.710  1.00 30.42  ? 168 PRO A O   1 
ATOM   1018 C  CB  . PRO A 1 129 ? -1.578  1.726   -0.816  1.00 31.82  ? 168 PRO A CB  1 
ATOM   1019 C  CG  . PRO A 1 129 ? -1.948  1.646   0.680   1.00 33.84  ? 168 PRO A CG  1 
ATOM   1020 C  CD  . PRO A 1 129 ? -2.447  3.042   0.996   1.00 32.53  ? 168 PRO A CD  1 
ATOM   1021 N  N   . ARG A 1 130 ? -0.017  3.648   -3.091  1.00 29.99  ? 169 ARG A N   1 
ATOM   1022 C  CA  . ARG A 1 130 ? 0.102   4.207   -4.452  1.00 33.31  ? 169 ARG A CA  1 
ATOM   1023 C  C   . ARG A 1 130 ? 0.977   3.276   -5.297  1.00 31.67  ? 169 ARG A C   1 
ATOM   1024 O  O   . ARG A 1 130 ? 1.993   2.813   -4.807  1.00 34.92  ? 169 ARG A O   1 
ATOM   1025 C  CB  . ARG A 1 130 ? 0.675   5.618   -4.352  1.00 33.21  ? 169 ARG A CB  1 
ATOM   1026 C  CG  . ARG A 1 130 ? 0.822   6.319   -5.695  1.00 33.57  ? 169 ARG A CG  1 
ATOM   1027 C  CD  . ARG A 1 130 ? 1.263   7.731   -5.427  1.00 31.36  ? 169 ARG A CD  1 
ATOM   1028 N  NE  . ARG A 1 130 ? 2.649   7.731   -5.006  1.00 30.65  ? 169 ARG A NE  1 
ATOM   1029 C  CZ  . ARG A 1 130 ? 3.376   8.808   -4.831  1.00 32.85  ? 169 ARG A CZ  1 
ATOM   1030 N  NH1 . ARG A 1 130 ? 2.855   10.010  -5.036  1.00 33.77  ? 169 ARG A NH1 1 
ATOM   1031 N  NH2 . ARG A 1 130 ? 4.629   8.684   -4.443  1.00 31.53  ? 169 ARG A NH2 1 
ATOM   1032 N  N   . ILE A 1 131 ? 0.569   2.975   -6.522  1.00 30.12  ? 170 ILE A N   1 
ATOM   1033 C  CA  . ILE A 1 131 ? 1.451   2.206   -7.437  1.00 34.53  ? 170 ILE A CA  1 
ATOM   1034 C  C   . ILE A 1 131 ? 1.938   3.134   -8.548  1.00 39.15  ? 170 ILE A C   1 
ATOM   1035 O  O   . ILE A 1 131 ? 1.264   4.164   -8.808  1.00 34.65  ? 170 ILE A O   1 
ATOM   1036 C  CB  . ILE A 1 131 ? 0.767   0.941   -7.966  1.00 35.43  ? 170 ILE A CB  1 
ATOM   1037 C  CG1 . ILE A 1 131 ? -0.461  1.271   -8.816  1.00 38.17  ? 170 ILE A CG1 1 
ATOM   1038 C  CG2 . ILE A 1 131 ? 0.431   0.002   -6.812  1.00 35.85  ? 170 ILE A CG2 1 
ATOM   1039 C  CD1 . ILE A 1 131 ? -0.985  0.116   -9.624  1.00 40.71  ? 170 ILE A CD1 1 
ATOM   1040 N  N   . HIS A 1 132 ? 3.094   2.780   -9.117  1.00 38.72  ? 171 HIS A N   1 
ATOM   1041 C  CA  . HIS A 1 132 ? 3.627   3.295   -10.393 1.00 38.85  ? 171 HIS A CA  1 
ATOM   1042 C  C   . HIS A 1 132 ? 3.805   2.122   -11.361 1.00 41.64  ? 171 HIS A C   1 
ATOM   1043 O  O   . HIS A 1 132 ? 4.491   1.129   -11.005 1.00 36.52  ? 171 HIS A O   1 
ATOM   1044 C  CB  . HIS A 1 132 ? 4.930   4.035   -10.141 1.00 39.56  ? 171 HIS A CB  1 
ATOM   1045 C  CG  . HIS A 1 132 ? 4.881   4.904   -8.930  1.00 44.85  ? 171 HIS A CG  1 
ATOM   1046 N  ND1 . HIS A 1 132 ? 4.296   6.161   -8.943  1.00 41.08  ? 171 HIS A ND1 1 
ATOM   1047 C  CD2 . HIS A 1 132 ? 5.379   4.728   -7.686  1.00 40.01  ? 171 HIS A CD2 1 
ATOM   1048 C  CE1 . HIS A 1 132 ? 4.426   6.705   -7.756  1.00 43.33  ? 171 HIS A CE1 1 
ATOM   1049 N  NE2 . HIS A 1 132 ? 5.071   5.840   -6.958  1.00 41.63  ? 171 HIS A NE2 1 
ATOM   1050 N  N   . ILE A 1 133 ? 3.207   2.238   -12.544 1.00 41.35  ? 172 ILE A N   1 
ATOM   1051 C  CA  . ILE A 1 133 ? 3.422   1.282   -13.673 1.00 43.01  ? 172 ILE A CA  1 
ATOM   1052 C  C   . ILE A 1 133 ? 4.423   1.945   -14.601 1.00 45.38  ? 172 ILE A C   1 
ATOM   1053 O  O   . ILE A 1 133 ? 4.101   3.049   -15.175 1.00 39.45  ? 172 ILE A O   1 
ATOM   1054 C  CB  . ILE A 1 133 ? 2.105   0.922   -14.375 1.00 42.26  ? 172 ILE A CB  1 
ATOM   1055 C  CG1 . ILE A 1 133 ? 1.108   0.393   -13.353 1.00 41.50  ? 172 ILE A CG1 1 
ATOM   1056 C  CG2 . ILE A 1 133 ? 2.331   -0.072  -15.505 1.00 43.39  ? 172 ILE A CG2 1 
ATOM   1057 C  CD1 . ILE A 1 133 ? -0.234  0.025   -13.930 1.00 43.75  ? 172 ILE A CD1 1 
ATOM   1058 N  N   . VAL A 1 134 ? 5.627   1.372   -14.629 1.00 43.05  ? 173 VAL A N   1 
ATOM   1059 C  CA  . VAL A 1 134 ? 6.798   1.949   -15.357 1.00 42.70  ? 173 VAL A CA  1 
ATOM   1060 C  C   . VAL A 1 134 ? 7.044   1.104   -16.615 1.00 44.29  ? 173 VAL A C   1 
ATOM   1061 O  O   . VAL A 1 134 ? 7.406   -0.095  -16.481 1.00 46.47  ? 173 VAL A O   1 
ATOM   1062 C  CB  . VAL A 1 134 ? 8.040   2.037   -14.460 1.00 40.89  ? 173 VAL A CB  1 
ATOM   1063 C  CG1 . VAL A 1 134 ? 9.182   2.764   -15.166 1.00 43.06  ? 173 VAL A CG1 1 
ATOM   1064 C  CG2 . VAL A 1 134 ? 7.720   2.719   -13.128 1.00 42.12  ? 173 VAL A CG2 1 
ATOM   1065 N  N   . ARG A 1 135 ? 6.792   1.695   -17.780 1.00 46.11  ? 174 ARG A N   1 
ATOM   1066 C  CA  . ARG A 1 135 ? 7.153   1.111   -19.099 1.00 54.65  ? 174 ARG A CA  1 
ATOM   1067 C  C   . ARG A 1 135 ? 8.667   1.209   -19.232 1.00 50.14  ? 174 ARG A C   1 
ATOM   1068 O  O   . ARG A 1 135 ? 9.182   2.342   -19.248 1.00 56.37  ? 174 ARG A O   1 
ATOM   1069 C  CB  . ARG A 1 135 ? 6.440   1.814   -20.261 1.00 58.36  ? 174 ARG A CB  1 
ATOM   1070 C  CG  . ARG A 1 135 ? 6.619   1.103   -21.592 1.00 59.80  ? 174 ARG A CG  1 
ATOM   1071 C  CD  . ARG A 1 135 ? 5.757   1.646   -22.713 1.00 66.47  ? 174 ARG A CD  1 
ATOM   1072 N  NE  . ARG A 1 135 ? 6.062   0.901   -23.931 1.00 73.66  ? 174 ARG A NE  1 
ATOM   1073 C  CZ  . ARG A 1 135 ? 5.360   0.948   -25.058 1.00 73.10  ? 174 ARG A CZ  1 
ATOM   1074 N  NH1 . ARG A 1 135 ? 4.292   1.719   -25.167 1.00 75.86  ? 174 ARG A NH1 1 
ATOM   1075 N  NH2 . ARG A 1 135 ? 5.728   0.202   -26.080 1.00 74.02  ? 174 ARG A NH2 1 
ATOM   1076 N  N   . VAL A 1 136 ? 9.330   0.057   -19.300 1.00 54.33  ? 175 VAL A N   1 
ATOM   1077 C  CA  . VAL A 1 136 ? 10.815  -0.070  -19.333 1.00 61.21  ? 175 VAL A CA  1 
ATOM   1078 C  C   . VAL A 1 136 ? 11.221  -0.758  -20.645 1.00 70.03  ? 175 VAL A C   1 
ATOM   1079 O  O   . VAL A 1 136 ? 10.364  -1.386  -21.313 1.00 63.54  ? 175 VAL A O   1 
ATOM   1080 C  CB  . VAL A 1 136 ? 11.299  -0.880  -18.115 1.00 62.97  ? 175 VAL A CB  1 
ATOM   1081 C  CG1 . VAL A 1 136 ? 10.930  -0.209  -16.802 1.00 68.50  ? 175 VAL A CG1 1 
ATOM   1082 C  CG2 . VAL A 1 136 ? 10.760  -2.304  -18.115 1.00 61.10  ? 175 VAL A CG2 1 
ATOM   1083 N  N   . GLY A 1 137 ? 12.505  -0.653  -20.998 0.74 75.87  ? 176 GLY A N   1 
ATOM   1084 C  CA  . GLY A 1 137 ? 13.116  -1.375  -22.132 0.74 84.72  ? 176 GLY A CA  1 
ATOM   1085 C  C   . GLY A 1 137 ? 13.065  -0.571  -23.419 0.74 91.00  ? 176 GLY A C   1 
ATOM   1086 O  O   . GLY A 1 137 ? 14.122  -0.452  -24.082 0.74 94.05  ? 176 GLY A O   1 
ATOM   1087 N  N   . GLY A 1 138 ? 11.883  -0.045  -23.765 0.74 93.79  ? 177 GLY A N   1 
ATOM   1088 C  CA  . GLY A 1 138 ? 11.659  0.798   -24.955 0.74 94.47  ? 177 GLY A CA  1 
ATOM   1089 C  C   . GLY A 1 138 ? 12.508  2.066   -24.917 0.74 95.64  ? 177 GLY A C   1 
ATOM   1090 O  O   . GLY A 1 138 ? 13.132  2.376   -23.903 0.74 88.69  ? 177 GLY A O   1 
ATOM   1091 N  N   . PRO A 1 139 ? 12.551  2.841   -26.024 0.74 100.04 ? 178 PRO A N   1 
ATOM   1092 C  CA  . PRO A 1 139 ? 13.333  4.074   -26.066 0.74 96.79  ? 178 PRO A CA  1 
ATOM   1093 C  C   . PRO A 1 139 ? 12.634  5.133   -25.205 0.74 93.58  ? 178 PRO A C   1 
ATOM   1094 O  O   . PRO A 1 139 ? 13.274  5.700   -24.338 0.74 86.35  ? 178 PRO A O   1 
ATOM   1095 C  CB  . PRO A 1 139 ? 13.366  4.463   -27.552 0.74 100.81 ? 178 PRO A CB  1 
ATOM   1096 C  CG  . PRO A 1 139 ? 12.178  3.743   -28.187 0.74 104.37 ? 178 PRO A CG  1 
ATOM   1097 C  CD  . PRO A 1 139 ? 11.806  2.594   -27.268 0.74 104.09 ? 178 PRO A CD  1 
ATOM   1098 N  N   . GLN A 1 140 ? 11.336  5.336   -25.465 0.74 92.41  ? 179 GLN A N   1 
ATOM   1099 C  CA  . GLN A 1 140 ? 10.429  6.229   -24.700 0.74 88.40  ? 179 GLN A CA  1 
ATOM   1100 C  C   . GLN A 1 140 ? 9.963   5.481   -23.445 0.74 83.83  ? 179 GLN A C   1 
ATOM   1101 O  O   . GLN A 1 140 ? 9.205   4.498   -23.578 0.74 83.92  ? 179 GLN A O   1 
ATOM   1102 C  CB  . GLN A 1 140 ? 9.263   6.674   -25.590 0.74 87.40  ? 179 GLN A CB  1 
ATOM   1103 C  CG  . GLN A 1 140 ? 8.406   7.779   -24.984 0.74 87.36  ? 179 GLN A CG  1 
ATOM   1104 C  CD  . GLN A 1 140 ? 7.171   7.288   -24.265 0.74 88.98  ? 179 GLN A CD  1 
ATOM   1105 O  OE1 . GLN A 1 140 ? 6.527   8.032   -23.527 0.74 86.31  ? 179 GLN A OE1 1 
ATOM   1106 N  NE2 . GLN A 1 140 ? 6.818   6.030   -24.478 0.74 90.79  ? 179 GLN A NE2 1 
ATOM   1107 N  N   . ARG A 1 141 ? 10.439  5.923   -22.278 0.74 76.15  ? 180 ARG A N   1 
ATOM   1108 C  CA  . ARG A 1 141 ? 9.979   5.453   -20.945 0.74 72.05  ? 180 ARG A CA  1 
ATOM   1109 C  C   . ARG A 1 141 ? 8.638   6.127   -20.627 0.74 65.22  ? 180 ARG A C   1 
ATOM   1110 O  O   . ARG A 1 141 ? 8.396   7.226   -21.164 0.74 57.09  ? 180 ARG A O   1 
ATOM   1111 C  CB  . ARG A 1 141 ? 11.032  5.786   -19.885 0.74 76.64  ? 180 ARG A CB  1 
ATOM   1112 C  CG  . ARG A 1 141 ? 11.097  4.779   -18.747 0.74 81.60  ? 180 ARG A CG  1 
ATOM   1113 C  CD  . ARG A 1 141 ? 12.139  5.182   -17.719 0.74 82.89  ? 180 ARG A CD  1 
ATOM   1114 N  NE  . ARG A 1 141 ? 12.528  4.110   -16.809 0.74 85.18  ? 180 ARG A NE  1 
ATOM   1115 C  CZ  . ARG A 1 141 ? 13.118  2.965   -17.160 0.74 86.27  ? 180 ARG A CZ  1 
ATOM   1116 N  NH1 . ARG A 1 141 ? 13.433  2.082   -16.226 0.74 84.55  ? 180 ARG A NH1 1 
ATOM   1117 N  NH2 . ARG A 1 141 ? 13.379  2.685   -18.428 0.74 89.29  ? 180 ARG A NH2 1 
ATOM   1118 N  N   . MET A 1 142 ? 7.799   5.489   -19.801 1.00 59.48  ? 181 MET A N   1 
ATOM   1119 C  CA  . MET A 1 142 ? 6.523   6.090   -19.327 1.00 52.84  ? 181 MET A CA  1 
ATOM   1120 C  C   . MET A 1 142 ? 6.182   5.587   -17.918 1.00 50.17  ? 181 MET A C   1 
ATOM   1121 O  O   . MET A 1 142 ? 6.523   4.424   -17.573 1.00 40.97  ? 181 MET A O   1 
ATOM   1122 C  CB  . MET A 1 142 ? 5.384   5.764   -20.297 1.00 49.34  ? 181 MET A CB  1 
ATOM   1123 C  CG  . MET A 1 142 ? 4.051   6.465   -19.992 1.00 51.51  ? 181 MET A CG  1 
ATOM   1124 S  SD  . MET A 1 142 ? 4.114   8.272   -19.747 1.00 48.99  ? 181 MET A SD  1 
ATOM   1125 C  CE  . MET A 1 142 ? 2.379   8.579   -19.422 1.00 57.06  ? 181 MET A CE  1 
ATOM   1126 N  N   . ILE A 1 143 ? 5.549   6.451   -17.122 1.00 44.22  ? 182 ILE A N   1 
ATOM   1127 C  CA  . ILE A 1 143 ? 5.026   6.101   -15.768 1.00 42.89  ? 182 ILE A CA  1 
ATOM   1128 C  C   . ILE A 1 143 ? 3.532   6.423   -15.733 1.00 41.75  ? 182 ILE A C   1 
ATOM   1129 O  O   . ILE A 1 143 ? 3.141   7.516   -16.200 1.00 43.32  ? 182 ILE A O   1 
ATOM   1130 C  CB  . ILE A 1 143 ? 5.793   6.844   -14.666 1.00 40.05  ? 182 ILE A CB  1 
ATOM   1131 C  CG1 . ILE A 1 143 ? 7.278   6.508   -14.675 1.00 40.30  ? 182 ILE A CG1 1 
ATOM   1132 C  CG2 . ILE A 1 143 ? 5.162   6.607   -13.288 1.00 43.83  ? 182 ILE A CG2 1 
ATOM   1133 C  CD1 . ILE A 1 143 ? 8.110   7.548   -13.977 1.00 45.36  ? 182 ILE A CD1 1 
ATOM   1134 N  N   . THR A 1 144 ? 2.723   5.528   -15.178 1.00 39.05  ? 183 THR A N   1 
ATOM   1135 C  CA  . THR A 1 144 ? 1.342   5.867   -14.745 1.00 44.44  ? 183 THR A CA  1 
ATOM   1136 C  C   . THR A 1 144 ? 1.193   5.490   -13.269 1.00 39.31  ? 183 THR A C   1 
ATOM   1137 O  O   . THR A 1 144 ? 1.591   4.358   -12.896 1.00 34.23  ? 183 THR A O   1 
ATOM   1138 C  CB  . THR A 1 144 ? 0.240   5.318   -15.661 1.00 43.24  ? 183 THR A CB  1 
ATOM   1139 O  OG1 . THR A 1 144 ? -0.359  4.167   -15.084 1.00 59.06  ? 183 THR A OG1 1 
ATOM   1140 C  CG2 . THR A 1 144 ? 0.692   4.998   -17.063 1.00 43.03  ? 183 THR A CG2 1 
ATOM   1141 N  N   . SER A 1 145 ? 0.664   6.436   -12.478 1.00 37.37  ? 184 SER A N   1 
ATOM   1142 C  CA  . SER A 1 145 ? 0.521   6.348   -11.005 1.00 34.57  ? 184 SER A CA  1 
ATOM   1143 C  C   . SER A 1 145 ? -0.948  6.275   -10.652 1.00 36.69  ? 184 SER A C   1 
ATOM   1144 O  O   . SER A 1 145 ? -1.776  6.845   -11.356 1.00 42.60  ? 184 SER A O   1 
ATOM   1145 C  CB  . SER A 1 145 ? 1.234   7.458   -10.333 1.00 34.03  ? 184 SER A CB  1 
ATOM   1146 O  OG  . SER A 1 145 ? 2.614   7.391   -10.707 1.00 36.70  ? 184 SER A OG  1 
ATOM   1147 N  N   . HIS A 1 146 ? -1.264  5.503   -9.629  1.00 36.11  ? 185 HIS A N   1 
ATOM   1148 C  CA  . HIS A 1 146 ? -2.641  5.358   -9.125  1.00 32.69  ? 185 HIS A CA  1 
ATOM   1149 C  C   . HIS A 1 146 ? -2.593  5.218   -7.607  1.00 34.04  ? 185 HIS A C   1 
ATOM   1150 O  O   . HIS A 1 146 ? -1.806  4.365   -7.087  1.00 38.02  ? 185 HIS A O   1 
ATOM   1151 C  CB  . HIS A 1 146 ? -3.330  4.178   -9.795  1.00 31.70  ? 185 HIS A CB  1 
ATOM   1152 C  CG  . HIS A 1 146 ? -4.810  4.272   -9.715  1.00 35.10  ? 185 HIS A CG  1 
ATOM   1153 N  ND1 . HIS A 1 146 ? -5.534  3.731   -8.670  1.00 44.33  ? 185 HIS A ND1 1 
ATOM   1154 C  CD2 . HIS A 1 146 ? -5.701  4.864   -10.526 1.00 37.31  ? 185 HIS A CD2 1 
ATOM   1155 C  CE1 . HIS A 1 146 ? -6.808  3.972   -8.853  1.00 40.82  ? 185 HIS A CE1 1 
ATOM   1156 N  NE2 . HIS A 1 146 ? -6.931  4.665   -9.978  1.00 39.13  ? 185 HIS A NE2 1 
ATOM   1157 N  N   A CYS A 1 147 ? -3.434  6.010   -6.932  0.25 33.57  ? 186 CYS A N   1 
ATOM   1158 N  N   B CYS A 1 147 ? -3.375  6.013   -6.874  0.25 33.31  ? 186 CYS A N   1 
ATOM   1159 C  CA  A CYS A 1 147 ? -3.686  5.996   -5.467  0.25 33.12  ? 186 CYS A CA  1 
ATOM   1160 C  CA  B CYS A 1 147 ? -3.505  5.862   -5.400  0.25 32.40  ? 186 CYS A CA  1 
ATOM   1161 C  C   A CYS A 1 147 ? -4.877  5.094   -5.149  0.25 33.64  ? 186 CYS A C   1 
ATOM   1162 C  C   B CYS A 1 147 ? -4.859  5.221   -5.079  0.25 33.37  ? 186 CYS A C   1 
ATOM   1163 O  O   A CYS A 1 147 ? -5.751  4.952   -6.025  0.25 31.17  ? 186 CYS A O   1 
ATOM   1164 O  O   B CYS A 1 147 ? -5.791  5.339   -5.896  0.25 31.85  ? 186 CYS A O   1 
ATOM   1165 C  CB  A CYS A 1 147 ? -4.023  7.394   -4.974  0.25 33.41  ? 186 CYS A CB  1 
ATOM   1166 C  CB  B CYS A 1 147 ? -3.272  7.184   -4.674  0.25 32.66  ? 186 CYS A CB  1 
ATOM   1167 S  SG  A CYS A 1 147 ? -2.618  8.525   -5.057  0.25 30.71  ? 186 CYS A SG  1 
ATOM   1168 S  SG  B CYS A 1 147 ? -4.400  8.515   -5.156  0.25 28.79  ? 186 CYS A SG  1 
ATOM   1169 N  N   . PHE A 1 148 ? -4.928  4.535   -3.933  1.00 36.74  ? 187 PHE A N   1 
ATOM   1170 C  CA  . PHE A 1 148 ? -6.056  3.672   -3.514  1.00 35.97  ? 187 PHE A CA  1 
ATOM   1171 C  C   . PHE A 1 148 ? -6.579  4.199   -2.185  1.00 40.26  ? 187 PHE A C   1 
ATOM   1172 O  O   . PHE A 1 148 ? -6.210  3.691   -1.115  1.00 35.15  ? 187 PHE A O   1 
ATOM   1173 C  CB  . PHE A 1 148 ? -5.583  2.217   -3.479  1.00 40.26  ? 187 PHE A CB  1 
ATOM   1174 C  CG  . PHE A 1 148 ? -5.126  1.683   -4.814  1.00 37.29  ? 187 PHE A CG  1 
ATOM   1175 C  CD1 . PHE A 1 148 ? -6.042  1.161   -5.724  1.00 41.64  ? 187 PHE A CD1 1 
ATOM   1176 C  CD2 . PHE A 1 148 ? -3.788  1.735   -5.175  1.00 37.66  ? 187 PHE A CD2 1 
ATOM   1177 C  CE1 . PHE A 1 148 ? -5.627  0.686   -6.963  1.00 43.41  ? 187 PHE A CE1 1 
ATOM   1178 C  CE2 . PHE A 1 148 ? -3.367  1.240   -6.408  1.00 42.31  ? 187 PHE A CE2 1 
ATOM   1179 C  CZ  . PHE A 1 148 ? -4.285  0.728   -7.305  1.00 42.34  ? 187 PHE A CZ  1 
ATOM   1180 N  N   . PRO A 1 149 ? -7.422  5.257   -2.220  1.00 39.13  ? 188 PRO A N   1 
ATOM   1181 C  CA  . PRO A 1 149 ? -8.040  5.785   -1.006  1.00 36.33  ? 188 PRO A CA  1 
ATOM   1182 C  C   . PRO A 1 149 ? -8.703  4.701   -0.135  1.00 38.99  ? 188 PRO A C   1 
ATOM   1183 O  O   . PRO A 1 149 ? -8.671  4.804   1.075   1.00 36.34  ? 188 PRO A O   1 
ATOM   1184 C  CB  . PRO A 1 149 ? -9.104  6.775   -1.508  1.00 35.51  ? 188 PRO A CB  1 
ATOM   1185 C  CG  . PRO A 1 149 ? -8.735  7.107   -2.945  1.00 40.27  ? 188 PRO A CG  1 
ATOM   1186 C  CD  . PRO A 1 149 ? -7.744  6.059   -3.409  1.00 40.49  ? 188 PRO A CD  1 
ATOM   1187 N  N   . GLU A 1 150 ? -9.311  3.698   -0.775  1.00 36.98  ? 189 GLU A N   1 
ATOM   1188 C  CA  . GLU A 1 150 ? -10.012 2.582   -0.097  1.00 40.92  ? 189 GLU A CA  1 
ATOM   1189 C  C   . GLU A 1 150 ? -9.030  1.852   0.846   1.00 38.10  ? 189 GLU A C   1 
ATOM   1190 O  O   . GLU A 1 150 ? -9.499  1.184   1.762   1.00 35.07  ? 189 GLU A O   1 
ATOM   1191 C  CB  . GLU A 1 150 ? -10.621 1.668   -1.158  1.00 42.58  ? 189 GLU A CB  1 
ATOM   1192 C  CG  . GLU A 1 150 ? -11.267 2.424   -2.308  1.00 50.12  ? 189 GLU A CG  1 
ATOM   1193 C  CD  . GLU A 1 150 ? -10.548 2.533   -3.663  1.00 49.75  ? 189 GLU A CD  1 
ATOM   1194 O  OE1 . GLU A 1 150 ? -11.273 2.363   -4.665  1.00 62.25  ? 189 GLU A OE1 1 
ATOM   1195 O  OE2 . GLU A 1 150 ? -9.297  2.815   -3.756  1.00 32.92  ? 189 GLU A OE2 1 
ATOM   1196 N  N   . THR A 1 151 ? -7.714  1.997   0.651   1.00 37.28  ? 190 THR A N   1 
ATOM   1197 C  CA  . THR A 1 151 ? -6.677  1.143   1.299   1.00 37.69  ? 190 THR A CA  1 
ATOM   1198 C  C   . THR A 1 151 ? -5.832  1.952   2.286   1.00 37.55  ? 190 THR A C   1 
ATOM   1199 O  O   . THR A 1 151 ? -4.782  1.430   2.733   1.00 36.35  ? 190 THR A O   1 
ATOM   1200 C  CB  . THR A 1 151 ? -5.771  0.447   0.273   1.00 36.04  ? 190 THR A CB  1 
ATOM   1201 O  OG1 . THR A 1 151 ? -4.950  1.417   -0.380  1.00 34.45  ? 190 THR A OG1 1 
ATOM   1202 C  CG2 . THR A 1 151 ? -6.559  -0.368  -0.728  1.00 36.35  ? 190 THR A CG2 1 
ATOM   1203 N  N   . GLN A 1 152 ? -6.268  3.171   2.596   1.00 33.85  ? 191 GLN A N   1 
ATOM   1204 C  CA  . GLN A 1 152 ? -5.666  4.012   3.651   1.00 34.76  ? 191 GLN A CA  1 
ATOM   1205 C  C   . GLN A 1 152 ? -5.631  3.242   4.976   1.00 36.46  ? 191 GLN A C   1 
ATOM   1206 O  O   . GLN A 1 152 ? -6.613  2.498   5.320   1.00 37.99  ? 191 GLN A O   1 
ATOM   1207 C  CB  . GLN A 1 152 ? -6.461  5.306   3.800   1.00 38.77  ? 191 GLN A CB  1 
ATOM   1208 C  CG  . GLN A 1 152 ? -6.131  6.313   2.707   1.00 46.45  ? 191 GLN A CG  1 
ATOM   1209 C  CD  . GLN A 1 152 ? -7.027  7.523   2.731   1.00 52.92  ? 191 GLN A CD  1 
ATOM   1210 O  OE1 . GLN A 1 152 ? -8.080  7.517   3.380   1.00 51.69  ? 191 GLN A OE1 1 
ATOM   1211 N  NE2 . GLN A 1 152 ? -6.641  8.535   1.955   1.00 55.96  ? 191 GLN A NE2 1 
ATOM   1212 N  N   . PHE A 1 153 ? -4.569  3.462   5.731   1.00 34.52  ? 192 PHE A N   1 
ATOM   1213 C  CA  . PHE A 1 153 ? -4.425  2.887   7.080   1.00 36.39  ? 192 PHE A CA  1 
ATOM   1214 C  C   . PHE A 1 153 ? -3.506  3.745   7.931   1.00 36.38  ? 192 PHE A C   1 
ATOM   1215 O  O   . PHE A 1 153 ? -2.702  4.518   7.406   1.00 32.86  ? 192 PHE A O   1 
ATOM   1216 C  CB  . PHE A 1 153 ? -3.843  1.469   7.003   1.00 36.63  ? 192 PHE A CB  1 
ATOM   1217 C  CG  . PHE A 1 153 ? -2.473  1.391   6.401   1.00 31.12  ? 192 PHE A CG  1 
ATOM   1218 C  CD1 . PHE A 1 153 ? -1.351  1.560   7.188   1.00 34.34  ? 192 PHE A CD1 1 
ATOM   1219 C  CD2 . PHE A 1 153 ? -2.315  1.201   5.038   1.00 33.78  ? 192 PHE A CD2 1 
ATOM   1220 C  CE1 . PHE A 1 153 ? -0.085  1.523   6.627   1.00 31.91  ? 192 PHE A CE1 1 
ATOM   1221 C  CE2 . PHE A 1 153 ? -1.054  1.155   4.480   1.00 31.99  ? 192 PHE A CE2 1 
ATOM   1222 C  CZ  . PHE A 1 153 ? 0.056   1.294   5.277   1.00 36.25  ? 192 PHE A CZ  1 
ATOM   1223 N  N   . ILE A 1 154 ? -3.573  3.510   9.238   1.00 38.06  ? 193 ILE A N   1 
ATOM   1224 C  CA  . ILE A 1 154 ? -2.603  4.063   10.216  1.00 38.87  ? 193 ILE A CA  1 
ATOM   1225 C  C   . ILE A 1 154 ? -1.636  2.943   10.537  1.00 36.23  ? 193 ILE A C   1 
ATOM   1226 O  O   . ILE A 1 154 ? -2.114  1.817   10.759  1.00 41.28  ? 193 ILE A O   1 
ATOM   1227 C  CB  . ILE A 1 154 ? -3.332  4.611   11.453  1.00 41.69  ? 193 ILE A CB  1 
ATOM   1228 C  CG1 . ILE A 1 154 ? -4.308  5.714   11.029  1.00 44.06  ? 193 ILE A CG1 1 
ATOM   1229 C  CG2 . ILE A 1 154 ? -2.323  5.069   12.498  1.00 41.34  ? 193 ILE A CG2 1 
ATOM   1230 C  CD1 . ILE A 1 154 ? -5.273  6.159   12.109  1.00 46.90  ? 193 ILE A CD1 1 
ATOM   1231 N  N   . ALA A 1 155 ? -0.340  3.224   10.431  1.00 34.40  ? 194 ALA A N   1 
ATOM   1232 C  CA  . ALA A 1 155 ? 0.727   2.289   10.817  1.00 39.11  ? 194 ALA A CA  1 
ATOM   1233 C  C   . ALA A 1 155 ? 0.737   2.243   12.353  1.00 43.06  ? 194 ALA A C   1 
ATOM   1234 O  O   . ALA A 1 155 ? 0.675   3.334   12.948  1.00 44.61  ? 194 ALA A O   1 
ATOM   1235 C  CB  . ALA A 1 155 ? 2.035   2.753   10.237  1.00 39.60  ? 194 ALA A CB  1 
ATOM   1236 N  N   . VAL A 1 156 ? 0.713   1.048   12.953  1.00 43.36  ? 195 VAL A N   1 
ATOM   1237 C  CA  . VAL A 1 156 ? 0.645   0.816   14.436  1.00 41.76  ? 195 VAL A CA  1 
ATOM   1238 C  C   . VAL A 1 156 ? 1.586   -0.331  14.815  1.00 41.12  ? 195 VAL A C   1 
ATOM   1239 O  O   . VAL A 1 156 ? 1.758   -1.254  14.007  1.00 44.14  ? 195 VAL A O   1 
ATOM   1240 C  CB  . VAL A 1 156 ? -0.789  0.519   14.924  1.00 41.06  ? 195 VAL A CB  1 
ATOM   1241 C  CG1 . VAL A 1 156 ? -1.754  1.656   14.604  1.00 39.71  ? 195 VAL A CG1 1 
ATOM   1242 C  CG2 . VAL A 1 156 ? -1.312  -0.804  14.401  1.00 39.85  ? 195 VAL A CG2 1 
ATOM   1243 N  N   . THR A 1 157 ? 2.220   -0.261  15.982  1.00 43.42  ? 196 THR A N   1 
ATOM   1244 C  CA  . THR A 1 157 ? 3.040   -1.386  16.517  1.00 46.48  ? 196 THR A CA  1 
ATOM   1245 C  C   . THR A 1 157 ? 2.121   -2.460  17.112  1.00 38.35  ? 196 THR A C   1 
ATOM   1246 O  O   . THR A 1 157 ? 2.579   -3.582  17.166  1.00 39.53  ? 196 THR A O   1 
ATOM   1247 C  CB  . THR A 1 157 ? 4.073   -0.937  17.554  1.00 47.11  ? 196 THR A CB  1 
ATOM   1248 O  OG1 . THR A 1 157 ? 3.320   -0.367  18.618  1.00 49.71  ? 196 THR A OG1 1 
ATOM   1249 C  CG2 . THR A 1 157 ? 5.062   0.058   16.995  1.00 45.07  ? 196 THR A CG2 1 
ATOM   1250 N  N   . ALA A 1 158 ? 0.872   -2.145  17.477  1.00 42.63  ? 197 ALA A N   1 
ATOM   1251 C  CA  . ALA A 1 158 ? -0.162  -3.152  17.835  1.00 43.84  ? 197 ALA A CA  1 
ATOM   1252 C  C   . ALA A 1 158 ? -1.550  -2.584  17.565  1.00 40.21  ? 197 ALA A C   1 
ATOM   1253 O  O   . ALA A 1 158 ? -1.672  -1.362  17.585  1.00 41.39  ? 197 ALA A O   1 
ATOM   1254 C  CB  . ALA A 1 158 ? -0.010  -3.572  19.288  1.00 46.27  ? 197 ALA A CB  1 
ATOM   1255 N  N   . TYR A 1 159 ? -2.568  -3.429  17.334  1.00 39.90  ? 198 TYR A N   1 
ATOM   1256 C  CA  . TYR A 1 159 ? -3.932  -2.953  17.003  1.00 40.36  ? 198 TYR A CA  1 
ATOM   1257 C  C   . TYR A 1 159 ? -4.564  -2.212  18.181  1.00 45.05  ? 198 TYR A C   1 
ATOM   1258 O  O   . TYR A 1 159 ? -4.450  -2.663  19.320  1.00 45.21  ? 198 TYR A O   1 
ATOM   1259 C  CB  . TYR A 1 159 ? -4.857  -4.081  16.556  1.00 40.72  ? 198 TYR A CB  1 
ATOM   1260 C  CG  . TYR A 1 159 ? -4.422  -4.713  15.262  1.00 42.94  ? 198 TYR A CG  1 
ATOM   1261 C  CD1 . TYR A 1 159 ? -4.168  -3.939  14.138  1.00 42.55  ? 198 TYR A CD1 1 
ATOM   1262 C  CD2 . TYR A 1 159 ? -4.197  -6.074  15.182  1.00 39.96  ? 198 TYR A CD2 1 
ATOM   1263 C  CE1 . TYR A 1 159 ? -3.702  -4.504  12.965  1.00 41.99  ? 198 TYR A CE1 1 
ATOM   1264 C  CE2 . TYR A 1 159 ? -3.764  -6.663  14.008  1.00 41.73  ? 198 TYR A CE2 1 
ATOM   1265 C  CZ  . TYR A 1 159 ? -3.520  -5.874  12.900  1.00 43.93  ? 198 TYR A CZ  1 
ATOM   1266 O  OH  . TYR A 1 159 ? -3.094  -6.452  11.756  1.00 43.43  ? 198 TYR A OH  1 
ATOM   1267 N  N   . GLN A 1 160 ? -5.278  -1.120  17.880  1.00 41.10  ? 199 GLN A N   1 
ATOM   1268 C  CA  . GLN A 1 160 ? -5.955  -0.268  18.885  1.00 37.53  ? 199 GLN A CA  1 
ATOM   1269 C  C   . GLN A 1 160 ? -7.449  -0.551  18.886  1.00 40.16  ? 199 GLN A C   1 
ATOM   1270 O  O   . GLN A 1 160 ? -8.048  -0.631  19.972  1.00 41.43  ? 199 GLN A O   1 
ATOM   1271 C  CB  . GLN A 1 160 ? -5.705  1.196   18.554  1.00 40.70  ? 199 GLN A CB  1 
ATOM   1272 C  CG  . GLN A 1 160 ? -4.234  1.553   18.496  1.00 43.97  ? 199 GLN A CG  1 
ATOM   1273 C  CD  . GLN A 1 160 ? -3.582  1.290   19.829  1.00 46.83  ? 199 GLN A CD  1 
ATOM   1274 O  OE1 . GLN A 1 160 ? -3.952  1.879   20.842  1.00 52.19  ? 199 GLN A OE1 1 
ATOM   1275 N  NE2 . GLN A 1 160 ? -2.605  0.402   19.826  1.00 44.22  ? 199 GLN A NE2 1 
ATOM   1276 N  N   . ASN A 1 161 ? -8.029  -0.664  17.695  1.00 38.02  ? 200 ASN A N   1 
ATOM   1277 C  CA  . ASN A 1 161 ? -9.473  -0.887  17.519  1.00 40.87  ? 200 ASN A CA  1 
ATOM   1278 C  C   . ASN A 1 161 ? -9.645  -2.394  17.363  1.00 41.57  ? 200 ASN A C   1 
ATOM   1279 O  O   . ASN A 1 161 ? -9.170  -2.941  16.352  1.00 39.65  ? 200 ASN A O   1 
ATOM   1280 C  CB  . ASN A 1 161 ? -9.996  -0.070  16.347  1.00 41.67  ? 200 ASN A CB  1 
ATOM   1281 C  CG  . ASN A 1 161 ? -11.481 -0.230  16.143  1.00 40.49  ? 200 ASN A CG  1 
ATOM   1282 O  OD1 . ASN A 1 161 ? -12.169 -0.873  16.927  1.00 43.56  ? 200 ASN A OD1 1 
ATOM   1283 N  ND2 . ASN A 1 161 ? -11.986 0.344   15.071  1.00 44.79  ? 200 ASN A ND2 1 
ATOM   1284 N  N   . GLU A 1 162 ? -10.247 -3.044  18.358  1.00 44.41  ? 201 GLU A N   1 
ATOM   1285 C  CA  . GLU A 1 162 ? -10.421 -4.519  18.372  1.00 40.39  ? 201 GLU A CA  1 
ATOM   1286 C  C   . GLU A 1 162 ? -11.353 -4.881  17.214  1.00 36.80  ? 201 GLU A C   1 
ATOM   1287 O  O   . GLU A 1 162 ? -11.265 -5.983  16.708  1.00 39.57  ? 201 GLU A O   1 
ATOM   1288 C  CB  . GLU A 1 162 ? -10.896 -4.991  19.750  1.00 42.86  ? 201 GLU A CB  1 
ATOM   1289 C  CG  . GLU A 1 162 ? -12.299 -4.556  20.127  1.00 49.90  ? 201 GLU A CG  1 
ATOM   1290 C  CD  . GLU A 1 162 ? -12.872 -5.293  21.337  1.00 59.62  ? 201 GLU A CD  1 
ATOM   1291 O  OE1 . GLU A 1 162 ? -14.116 -5.209  21.566  1.00 56.08  ? 201 GLU A OE1 1 
ATOM   1292 O  OE2 . GLU A 1 162 ? -12.079 -5.973  22.042  1.00 56.57  ? 201 GLU A OE2 1 
ATOM   1293 N  N   . GLU A 1 163 ? -12.181 -3.949  16.761  1.00 41.76  ? 202 GLU A N   1 
ATOM   1294 C  CA  . GLU A 1 163 ? -13.063 -4.183  15.589  1.00 44.17  ? 202 GLU A CA  1 
ATOM   1295 C  C   . GLU A 1 163 ? -12.183 -4.518  14.384  1.00 39.27  ? 202 GLU A C   1 
ATOM   1296 O  O   . GLU A 1 163 ? -12.608 -5.330  13.565  1.00 37.07  ? 202 GLU A O   1 
ATOM   1297 C  CB  . GLU A 1 163 ? -13.936 -2.967  15.286  1.00 45.96  ? 202 GLU A CB  1 
ATOM   1298 C  CG  . GLU A 1 163 ? -14.973 -2.633  16.340  1.00 52.85  ? 202 GLU A CG  1 
ATOM   1299 C  CD  . GLU A 1 163 ? -15.667 -1.310  16.041  1.00 59.22  ? 202 GLU A CD  1 
ATOM   1300 O  OE1 . GLU A 1 163 ? -16.912 -1.287  16.029  1.00 65.11  ? 202 GLU A OE1 1 
ATOM   1301 O  OE2 . GLU A 1 163 ? -14.954 -0.314  15.763  1.00 65.93  ? 202 GLU A OE2 1 
ATOM   1302 N  N   . ILE A 1 164 ? -10.998 -3.903  14.290  1.00 36.97  ? 203 ILE A N   1 
ATOM   1303 C  CA  . ILE A 1 164 ? -10.009 -4.192  13.213  1.00 37.08  ? 203 ILE A CA  1 
ATOM   1304 C  C   . ILE A 1 164 ? -9.410  -5.575  13.486  1.00 36.36  ? 203 ILE A C   1 
ATOM   1305 O  O   . ILE A 1 164 ? -9.303  -6.391  12.578  1.00 36.11  ? 203 ILE A O   1 
ATOM   1306 C  CB  . ILE A 1 164 ? -8.931  -3.094  13.145  1.00 37.34  ? 203 ILE A CB  1 
ATOM   1307 C  CG1 . ILE A 1 164 ? -9.498  -1.777  12.613  1.00 38.16  ? 203 ILE A CG1 1 
ATOM   1308 C  CG2 . ILE A 1 164 ? -7.724  -3.556  12.335  1.00 39.18  ? 203 ILE A CG2 1 
ATOM   1309 C  CD1 . ILE A 1 164 ? -10.045 -1.873  11.182  1.00 43.33  ? 203 ILE A CD1 1 
ATOM   1310 N  N   . THR A 1 165 ? -8.972  -5.810  14.709  1.00 40.03  ? 204 THR A N   1 
ATOM   1311 C  CA  . THR A 1 165 ? -8.409  -7.118  15.104  1.00 38.48  ? 204 THR A CA  1 
ATOM   1312 C  C   . THR A 1 165 ? -9.375  -8.194  14.628  1.00 32.73  ? 204 THR A C   1 
ATOM   1313 O  O   . THR A 1 165 ? -8.930  -9.100  13.907  1.00 35.45  ? 204 THR A O   1 
ATOM   1314 C  CB  . THR A 1 165 ? -8.109  -7.159  16.598  1.00 37.52  ? 204 THR A CB  1 
ATOM   1315 O  OG1 . THR A 1 165 ? -7.393  -5.951  16.873  1.00 36.54  ? 204 THR A OG1 1 
ATOM   1316 C  CG2 . THR A 1 165 ? -7.316  -8.390  16.980  1.00 39.78  ? 204 THR A CG2 1 
ATOM   1317 N  N   . ALA A 1 166 ? -10.660 -8.031  14.920  1.00 35.75  ? 205 ALA A N   1 
ATOM   1318 C  CA  . ALA A 1 166 ? -11.685 -9.052  14.610  1.00 38.83  ? 205 ALA A CA  1 
ATOM   1319 C  C   . ALA A 1 166 ? -11.812 -9.204  13.093  1.00 41.03  ? 205 ALA A C   1 
ATOM   1320 O  O   . ALA A 1 166 ? -11.836 -10.358 12.627  1.00 40.59  ? 205 ALA A O   1 
ATOM   1321 C  CB  . ALA A 1 166 ? -12.995 -8.693  15.260  1.00 43.31  ? 205 ALA A CB  1 
ATOM   1322 N  N   . LEU A 1 167 ? -11.882 -8.093  12.331  1.00 42.12  ? 206 LEU A N   1 
ATOM   1323 C  CA  . LEU A 1 167 ? -12.051 -8.179  10.853  1.00 38.90  ? 206 LEU A CA  1 
ATOM   1324 C  C   . LEU A 1 167 ? -10.859 -8.900  10.238  1.00 34.96  ? 206 LEU A C   1 
ATOM   1325 O  O   . LEU A 1 167 ? -11.091 -9.712  9.337   1.00 33.25  ? 206 LEU A O   1 
ATOM   1326 C  CB  . LEU A 1 167 ? -12.193 -6.793  10.213  1.00 44.76  ? 206 LEU A CB  1 
ATOM   1327 C  CG  . LEU A 1 167 ? -13.595 -6.355  9.794   1.00 52.21  ? 206 LEU A CG  1 
ATOM   1328 C  CD1 . LEU A 1 167 ? -13.498 -5.422  8.590   1.00 52.67  ? 206 LEU A CD1 1 
ATOM   1329 C  CD2 . LEU A 1 167 ? -14.526 -7.525  9.469   1.00 53.98  ? 206 LEU A CD2 1 
ATOM   1330 N  N   . LYS A 1 168 ? -9.636  -8.579  10.674  1.00 35.41  ? 207 LYS A N   1 
ATOM   1331 C  CA  . LYS A 1 168 ? -8.386  -9.196  10.147  1.00 35.92  ? 207 LYS A CA  1 
ATOM   1332 C  C   . LYS A 1 168 ? -8.466  -10.726 10.293  1.00 44.62  ? 207 LYS A C   1 
ATOM   1333 O  O   . LYS A 1 168 ? -8.187  -11.449 9.294   1.00 44.46  ? 207 LYS A O   1 
ATOM   1334 C  CB  . LYS A 1 168 ? -7.154  -8.698  10.908  1.00 37.67  ? 207 LYS A CB  1 
ATOM   1335 C  CG  . LYS A 1 168 ? -6.917  -7.198  10.860  1.00 44.23  ? 207 LYS A CG  1 
ATOM   1336 C  CD  . LYS A 1 168 ? -5.915  -6.782  9.808   1.00 44.60  ? 207 LYS A CD  1 
ATOM   1337 C  CE  . LYS A 1 168 ? -5.885  -5.283  9.588   1.00 43.47  ? 207 LYS A CE  1 
ATOM   1338 N  NZ  . LYS A 1 168 ? -4.598  -4.875  9.005   1.00 43.73  ? 207 LYS A NZ  1 
ATOM   1339 N  N   . ILE A 1 169 ? -8.818  -11.208 11.494  1.00 41.78  ? 208 ILE A N   1 
ATOM   1340 C  CA  . ILE A 1 169 ? -8.882  -12.670 11.789  1.00 39.79  ? 208 ILE A CA  1 
ATOM   1341 C  C   . ILE A 1 169 ? -10.035 -13.245 10.958  1.00 39.90  ? 208 ILE A C   1 
ATOM   1342 O  O   . ILE A 1 169 ? -9.850  -14.277 10.268  1.00 37.51  ? 208 ILE A O   1 
ATOM   1343 C  CB  . ILE A 1 169 ? -9.026  -12.910 13.314  1.00 35.79  ? 208 ILE A CB  1 
ATOM   1344 C  CG1 . ILE A 1 169 ? -7.742  -12.533 14.041  1.00 34.92  ? 208 ILE A CG1 1 
ATOM   1345 C  CG2 . ILE A 1 169 ? -9.434  -14.347 13.624  1.00 39.00  ? 208 ILE A CG2 1 
ATOM   1346 C  CD1 . ILE A 1 169 ? -7.970  -12.119 15.451  1.00 37.45  ? 208 ILE A CD1 1 
ATOM   1347 N  N   . LYS A 1 170 ? -11.189 -12.588 10.976  1.00 38.45  ? 209 LYS A N   1 
ATOM   1348 C  CA  . LYS A 1 170 ? -12.399 -13.153 10.316  1.00 44.13  ? 209 LYS A CA  1 
ATOM   1349 C  C   . LYS A 1 170 ? -12.102 -13.440 8.840   1.00 41.00  ? 209 LYS A C   1 
ATOM   1350 O  O   . LYS A 1 170 ? -12.586 -14.479 8.343   1.00 46.07  ? 209 LYS A O   1 
ATOM   1351 C  CB  . LYS A 1 170 ? -13.617 -12.245 10.477  1.00 41.59  ? 209 LYS A CB  1 
ATOM   1352 C  CG  . LYS A 1 170 ? -14.928 -12.825 9.957   1.00 46.49  ? 209 LYS A CG  1 
ATOM   1353 C  CD  . LYS A 1 170 ? -16.142 -12.058 10.477  1.00 51.95  ? 209 LYS A CD  1 
ATOM   1354 C  CE  . LYS A 1 170 ? -17.467 -12.784 10.314  1.00 54.35  ? 209 LYS A CE  1 
ATOM   1355 N  NZ  . LYS A 1 170 ? -17.986 -12.694 8.927   1.00 57.40  ? 209 LYS A NZ  1 
ATOM   1356 N  N   . TYR A 1 171 ? -11.299 -12.608 8.174   1.00 41.66  ? 210 TYR A N   1 
ATOM   1357 C  CA  . TYR A 1 171 ? -11.137 -12.675 6.698   1.00 43.60  ? 210 TYR A CA  1 
ATOM   1358 C  C   . TYR A 1 171 ? -9.768  -13.209 6.306   1.00 45.07  ? 210 TYR A C   1 
ATOM   1359 O  O   . TYR A 1 171 ? -9.607  -13.434 5.113   1.00 45.50  ? 210 TYR A O   1 
ATOM   1360 C  CB  . TYR A 1 171 ? -11.512 -11.333 6.053   1.00 45.26  ? 210 TYR A CB  1 
ATOM   1361 C  CG  . TYR A 1 171 ? -13.004 -11.141 6.090   1.00 45.23  ? 210 TYR A CG  1 
ATOM   1362 C  CD1 . TYR A 1 171 ? -13.826 -11.896 5.269   1.00 50.81  ? 210 TYR A CD1 1 
ATOM   1363 C  CD2 . TYR A 1 171 ? -13.606 -10.322 7.031   1.00 46.92  ? 210 TYR A CD2 1 
ATOM   1364 C  CE1 . TYR A 1 171 ? -15.207 -11.786 5.325   1.00 50.54  ? 210 TYR A CE1 1 
ATOM   1365 C  CE2 . TYR A 1 171 ? -14.985 -10.201 7.111   1.00 48.58  ? 210 TYR A CE2 1 
ATOM   1366 C  CZ  . TYR A 1 171 ? -15.785 -10.939 6.252   1.00 52.47  ? 210 TYR A CZ  1 
ATOM   1367 O  OH  . TYR A 1 171 ? -17.145 -10.865 6.327   1.00 54.07  ? 210 TYR A OH  1 
ATOM   1368 N  N   . ASN A 1 172 ? -8.843  -13.450 7.237   1.00 44.87  ? 211 ASN A N   1 
ATOM   1369 C  CA  . ASN A 1 172 ? -7.528  -14.020 6.856   1.00 51.41  ? 211 ASN A CA  1 
ATOM   1370 C  C   . ASN A 1 172 ? -7.676  -15.543 6.717   1.00 62.24  ? 211 ASN A C   1 
ATOM   1371 O  O   . ASN A 1 172 ? -8.670  -16.122 7.174   1.00 61.82  ? 211 ASN A O   1 
ATOM   1372 C  CB  . ASN A 1 172 ? -6.412  -13.539 7.784   1.00 54.53  ? 211 ASN A CB  1 
ATOM   1373 C  CG  . ASN A 1 172 ? -6.360  -14.235 9.131   1.00 60.43  ? 211 ASN A CG  1 
ATOM   1374 O  OD1 . ASN A 1 172 ? -5.613  -13.803 10.014  1.00 56.07  ? 211 ASN A OD1 1 
ATOM   1375 N  ND2 . ASN A 1 172 ? -7.134  -15.298 9.305   1.00 54.70  ? 211 ASN A ND2 1 
HETATM 1376 CD CD  . CD  B 2 .   ? -3.534  10.361  -3.764  0.50 32.45  ? 301 CD  A CD  1 
HETATM 1377 CD CD  . CD  C 2 .   ? -6.189  10.393  -1.278  1.00 34.92  ? 302 CD  A CD  1 
HETATM 1378 CD CD  . CD  D 2 .   ? 14.623  2.113   1.989   1.00 78.91  ? 303 CD  A CD  1 
HETATM 1379 CD CD  . CD  E 2 .   ? -2.532  19.905  9.160   1.00 43.14  ? 304 CD  A CD  1 
HETATM 1380 CD CD  . CD  F 2 .   ? 14.761  4.574   -0.855  1.00 75.52  ? 305 CD  A CD  1 
HETATM 1381 N  N1  . NUA G 3 .   ? 13.856  -6.144  -9.968  0.74 48.42  ? 306 NUA A N1  1 
HETATM 1382 N  N3  . NUA G 3 .   ? 14.984  -5.719  -9.340  0.74 50.93  ? 306 NUA A N3  1 
HETATM 1383 C  C4  . NUA G 3 .   ? 14.232  -4.107  -10.766 0.74 46.90  ? 306 NUA A C4  1 
HETATM 1384 C  C5  . NUA G 3 .   ? 13.159  -2.342  -12.140 0.74 46.58  ? 306 NUA A C5  1 
HETATM 1385 C  C6  . NUA G 3 .   ? 13.396  -0.883  -12.557 0.74 43.17  ? 306 NUA A C6  1 
HETATM 1386 C  C7  . NUA G 3 .   ? 12.514  -0.362  -13.721 0.74 43.94  ? 306 NUA A C7  1 
HETATM 1387 C  C8  . NUA G 3 .   ? 12.488  0.972   -12.988 0.74 41.08  ? 306 NUA A C8  1 
HETATM 1388 C  C10 . NUA G 3 .   ? 15.237  -4.473  -9.822  0.74 48.40  ? 306 NUA A C10 1 
HETATM 1389 C  C1  . NUA G 3 .   ? 12.095  -7.338  -8.715  0.74 46.71  ? 306 NUA A C1  1 
HETATM 1390 C  C2  . NUA G 3 .   ? 13.267  -7.465  -9.679  0.74 46.59  ? 306 NUA A C2  1 
HETATM 1391 C  C3  . NUA G 3 .   ? 13.357  -5.196  -10.870 0.74 46.80  ? 306 NUA A C3  1 
HETATM 1392 C  C9  . NUA G 3 .   ? 12.640  0.155   -11.693 0.74 41.64  ? 306 NUA A C9  1 
HETATM 1393 N  N2  . NUA G 3 .   ? 14.179  -2.830  -11.313 0.74 46.08  ? 306 NUA A N2  1 
HETATM 1394 O  O1  . NUA G 3 .   ? 12.191  -3.054  -12.519 0.74 39.87  ? 306 NUA A O1  1 
HETATM 1395 O  O   . HOH H 4 .   ? -6.443  -7.873  -16.990 1.00 52.66  ? 401 HOH A O   1 
HETATM 1396 O  O   . HOH H 4 .   ? 9.226   -5.464  1.660   1.00 46.26  ? 402 HOH A O   1 
HETATM 1397 O  O   . HOH H 4 .   ? 9.384   -9.165  -2.122  1.00 42.71  ? 403 HOH A O   1 
HETATM 1398 O  O   . HOH H 4 .   ? -14.949 -6.198  13.615  1.00 48.17  ? 404 HOH A O   1 
HETATM 1399 O  O   . HOH H 4 .   ? 1.601   1.141   -22.241 1.00 42.60  ? 405 HOH A O   1 
HETATM 1400 O  O   . HOH H 4 .   ? -5.611  12.414  6.404   1.00 33.00  ? 406 HOH A O   1 
HETATM 1401 O  O   . HOH H 4 .   ? -6.965  -8.118  -1.372  1.00 43.30  ? 407 HOH A O   1 
HETATM 1402 O  O   . HOH H 4 .   ? -6.919  -5.930  -3.073  1.00 38.53  ? 408 HOH A O   1 
HETATM 1403 O  O   . HOH H 4 .   ? 4.114   -15.003 -17.116 1.00 37.90  ? 409 HOH A O   1 
HETATM 1404 O  O   . HOH H 4 .   ? -0.254  10.967  9.301   1.00 40.19  ? 410 HOH A O   1 
HETATM 1405 O  O   . HOH H 4 .   ? 11.149  -10.814 -14.654 0.50 61.11  ? 411 HOH A O   1 
HETATM 1406 O  O   . HOH H 4 .   ? -9.285  1.648   13.901  1.00 35.10  ? 412 HOH A O   1 
HETATM 1407 O  O   . HOH H 4 .   ? 1.706   -4.845  7.941   1.00 42.58  ? 413 HOH A O   1 
HETATM 1408 O  O   . HOH H 4 .   ? 9.548   -5.031  16.156  1.00 60.45  ? 414 HOH A O   1 
HETATM 1409 O  O   . HOH H 4 .   ? 10.405  3.809   3.263   1.00 47.83  ? 415 HOH A O   1 
HETATM 1410 O  O   . HOH H 4 .   ? 11.538  -10.761 -11.879 1.00 48.15  ? 416 HOH A O   1 
HETATM 1411 O  O   . HOH H 4 .   ? 7.748   4.782   13.577  1.00 62.18  ? 417 HOH A O   1 
HETATM 1412 O  O   . HOH H 4 .   ? -4.219  -7.400  -13.817 1.00 49.46  ? 418 HOH A O   1 
HETATM 1413 O  O   . HOH H 4 .   ? -18.665 -12.548 4.902   1.00 50.04  ? 419 HOH A O   1 
HETATM 1414 O  O   . HOH H 4 .   ? 2.217   -7.824  2.179   1.00 31.10  ? 420 HOH A O   1 
HETATM 1415 O  O   . HOH H 4 .   ? -8.597  3.503   6.878   1.00 35.42  ? 421 HOH A O   1 
HETATM 1416 O  O   . HOH H 4 .   ? -3.687  8.825   -11.593 1.00 49.50  ? 422 HOH A O   1 
HETATM 1417 O  O   . HOH H 4 .   ? -14.736 -16.213 8.391   1.00 40.36  ? 423 HOH A O   1 
HETATM 1418 O  O   . HOH H 4 .   ? -13.185 -4.976  -6.385  1.00 57.73  ? 424 HOH A O   1 
HETATM 1419 O  O   . HOH H 4 .   ? 4.413   -13.643 -7.672  1.00 49.10  ? 425 HOH A O   1 
HETATM 1420 O  O   . HOH H 4 .   ? -11.680 6.254   15.385  1.00 54.88  ? 426 HOH A O   1 
HETATM 1421 O  O   . HOH H 4 .   ? -0.462  -10.619 -12.742 1.00 36.62  ? 427 HOH A O   1 
HETATM 1422 O  O   . HOH H 4 .   ? 8.162   7.132   -3.294  1.00 46.42  ? 428 HOH A O   1 
HETATM 1423 O  O   . HOH H 4 .   ? -8.348  0.556   4.217   1.00 34.68  ? 429 HOH A O   1 
HETATM 1424 O  O   . HOH H 4 .   ? -7.416  7.524   -6.517  1.00 62.83  ? 430 HOH A O   1 
HETATM 1425 O  O   . HOH H 4 .   ? 4.796   -10.843 7.959   1.00 46.67  ? 431 HOH A O   1 
HETATM 1426 O  O   . HOH H 4 .   ? 0.758   -11.007 -8.509  1.00 43.44  ? 432 HOH A O   1 
HETATM 1427 O  O   . HOH H 4 .   ? -10.636 -1.428  20.818  1.00 50.89  ? 433 HOH A O   1 
HETATM 1428 O  O   . HOH H 4 .   ? 2.031   9.581   -14.600 1.00 42.68  ? 434 HOH A O   1 
HETATM 1429 O  O   . HOH H 4 .   ? -2.059  -6.205  17.740  1.00 46.68  ? 435 HOH A O   1 
HETATM 1430 O  O   . HOH H 4 .   ? 4.630   -8.813  -3.328  1.00 31.98  ? 436 HOH A O   1 
HETATM 1431 O  O   . HOH H 4 .   ? -0.147  -5.455  -0.033  1.00 33.28  ? 437 HOH A O   1 
HETATM 1432 O  O   . HOH H 4 .   ? 1.736   -6.201  18.049  1.00 62.81  ? 438 HOH A O   1 
HETATM 1433 O  O   . HOH H 4 .   ? -0.309  8.815   -13.822 1.00 41.90  ? 439 HOH A O   1 
HETATM 1434 O  O   . HOH H 4 .   ? 0.187   10.936  -5.799  1.00 33.24  ? 440 HOH A O   1 
HETATM 1435 O  O   . HOH H 4 .   ? 2.884   3.525   -17.799 1.00 43.96  ? 441 HOH A O   1 
HETATM 1436 O  O   . HOH H 4 .   ? 13.419  -0.274  1.118   1.00 53.65  ? 442 HOH A O   1 
HETATM 1437 O  O   . HOH H 4 .   ? -12.374 -0.280  20.613  1.00 67.10  ? 443 HOH A O   1 
HETATM 1438 O  O   . HOH H 4 .   ? 1.444   -10.438 -10.883 1.00 40.94  ? 444 HOH A O   1 
HETATM 1439 O  O   . HOH H 4 .   ? -12.900 5.088   -0.029  1.00 52.02  ? 445 HOH A O   1 
HETATM 1440 O  O   . HOH H 4 .   ? -6.127  -10.087 1.000   1.00 40.43  ? 446 HOH A O   1 
HETATM 1441 O  O   . HOH H 4 .   ? 1.570   2.073   17.841  1.00 50.61  ? 447 HOH A O   1 
HETATM 1442 O  O   . HOH H 4 .   ? 13.224  3.506   -2.821  1.00 37.41  ? 448 HOH A O   1 
HETATM 1443 O  O   . HOH H 4 .   ? 0.220   15.891  14.924  1.00 42.65  ? 449 HOH A O   1 
HETATM 1444 O  O   . HOH H 4 .   ? -1.991  17.700  6.838   1.00 45.61  ? 450 HOH A O   1 
HETATM 1445 O  O   . HOH H 4 .   ? -7.305  4.031   -14.169 1.00 52.29  ? 451 HOH A O   1 
HETATM 1446 O  O   . HOH H 4 .   ? 4.195   -11.077 -4.983  1.00 44.06  ? 452 HOH A O   1 
HETATM 1447 O  O   . HOH H 4 .   ? -15.485 -5.923  -4.404  1.00 49.73  ? 453 HOH A O   1 
HETATM 1448 O  O   . HOH H 4 .   ? 12.894  1.708   3.773   1.00 42.57  ? 454 HOH A O   1 
HETATM 1449 O  O   . HOH H 4 .   ? -4.812  8.508   -8.605  1.00 23.60  ? 455 HOH A O   1 
HETATM 1450 O  O   . HOH H 4 .   ? 2.573   -12.146 -6.757  1.00 43.75  ? 456 HOH A O   1 
HETATM 1451 O  O   . HOH H 4 .   ? -2.125  11.297  -2.741  0.50 28.87  ? 457 HOH A O   1 
HETATM 1452 O  O   . HOH H 4 .   ? 8.092   -15.595 1.557   1.00 47.91  ? 458 HOH A O   1 
HETATM 1453 O  O   . HOH H 4 .   ? -5.588  -9.813  14.131  1.00 66.08  ? 459 HOH A O   1 
HETATM 1454 O  O   . HOH H 4 .   ? 17.083  -7.846  -11.110 1.00 50.87  ? 460 HOH A O   1 
HETATM 1455 O  O   . HOH H 4 .   ? -4.028  18.759  7.913   1.00 28.44  ? 461 HOH A O   1 
HETATM 1456 O  O   . HOH H 4 .   ? -0.740  20.571  8.051   1.00 33.73  ? 462 HOH A O   1 
HETATM 1457 O  O   . HOH H 4 .   ? -5.723  11.728  0.527   1.00 21.25  ? 463 HOH A O   1 
HETATM 1458 O  O   . HOH H 4 .   ? -3.428  21.839  10.525  1.00 26.94  ? 464 HOH A O   1 
HETATM 1459 O  O   . HOH H 4 .   ? 3.865   -13.055 -20.319 1.00 49.01  ? 465 HOH A O   1 
HETATM 1460 O  O   . HOH H 4 .   ? -15.505 -8.925  12.568  1.00 56.76  ? 466 HOH A O   1 
HETATM 1461 O  O   . HOH H 4 .   ? 9.502   0.566   -12.333 1.00 794.73 ? 467 HOH A O   1 
HETATM 1462 O  O   . HOH H 4 .   ? -13.088 -15.606 12.708  1.00 40.69  ? 468 HOH A O   1 
HETATM 1463 O  O   . HOH H 4 .   ? -18.625 -5.037  16.085  1.00 41.20  ? 469 HOH A O   1 
HETATM 1464 O  O   . HOH H 4 .   ? 9.297   -15.945 -0.014  1.00 41.74  ? 470 HOH A O   1 
HETATM 1465 O  O   . HOH H 4 .   ? 2.542   3.047   -20.492 1.00 43.34  ? 471 HOH A O   1 
HETATM 1466 O  O   . HOH H 4 .   ? 9.468   -11.934 -2.715  1.00 47.95  ? 472 HOH A O   1 
HETATM 1467 O  O   . HOH H 4 .   ? -4.426  -10.256 16.107  1.00 61.75  ? 473 HOH A O   1 
HETATM 1468 O  O   . HOH H 4 .   ? 16.379  2.277   -0.156  1.00 47.39  ? 474 HOH A O   1 
HETATM 1469 O  O   . HOH H 4 .   ? 16.461  5.557   1.008   1.00 62.42  ? 475 HOH A O   1 
# 
